data_2NNF
# 
_entry.id   2NNF 
# 
_audit_conform.dict_name       mmcif_pdbx.dic 
_audit_conform.dict_version    5.383 
_audit_conform.dict_location   http://mmcif.pdb.org/dictionaries/ascii/mmcif_pdbx.dic 
# 
loop_
_database_2.database_id 
_database_2.database_code 
_database_2.pdbx_database_accession 
_database_2.pdbx_DOI 
PDB   2NNF         pdb_00002nnf 10.2210/pdb2nnf/pdb 
RCSB  RCSB040074   ?            ?                   
WWPDB D_1000040074 ?            ?                   
# 
loop_
_pdbx_audit_revision_history.ordinal 
_pdbx_audit_revision_history.data_content_type 
_pdbx_audit_revision_history.major_revision 
_pdbx_audit_revision_history.minor_revision 
_pdbx_audit_revision_history.revision_date 
1 'Structure model' 1 0 2007-03-13 
2 'Structure model' 1 1 2008-05-01 
3 'Structure model' 1 2 2011-07-13 
4 'Structure model' 1 3 2017-10-18 
5 'Structure model' 1 4 2023-12-27 
# 
_pdbx_audit_revision_details.ordinal             1 
_pdbx_audit_revision_details.revision_ordinal    1 
_pdbx_audit_revision_details.data_content_type   'Structure model' 
_pdbx_audit_revision_details.provider            repository 
_pdbx_audit_revision_details.type                'Initial release' 
_pdbx_audit_revision_details.description         ? 
_pdbx_audit_revision_details.details             ? 
# 
loop_
_pdbx_audit_revision_group.ordinal 
_pdbx_audit_revision_group.revision_ordinal 
_pdbx_audit_revision_group.data_content_type 
_pdbx_audit_revision_group.group 
1 2 'Structure model' 'Version format compliance' 
2 3 'Structure model' Advisory                    
3 3 'Structure model' 'Version format compliance' 
4 4 'Structure model' 'Refinement description'    
5 5 'Structure model' 'Data collection'           
6 5 'Structure model' 'Database references'       
7 5 'Structure model' 'Derived calculations'      
# 
loop_
_pdbx_audit_revision_category.ordinal 
_pdbx_audit_revision_category.revision_ordinal 
_pdbx_audit_revision_category.data_content_type 
_pdbx_audit_revision_category.category 
1 4 'Structure model' software           
2 5 'Structure model' chem_comp_atom     
3 5 'Structure model' chem_comp_bond     
4 5 'Structure model' database_2         
5 5 'Structure model' struct_ref_seq_dif 
6 5 'Structure model' struct_site        
# 
loop_
_pdbx_audit_revision_item.ordinal 
_pdbx_audit_revision_item.revision_ordinal 
_pdbx_audit_revision_item.data_content_type 
_pdbx_audit_revision_item.item 
1 5 'Structure model' '_database_2.pdbx_DOI'                
2 5 'Structure model' '_database_2.pdbx_database_accession' 
3 5 'Structure model' '_struct_ref_seq_dif.details'         
4 5 'Structure model' '_struct_site.pdbx_auth_asym_id'      
5 5 'Structure model' '_struct_site.pdbx_auth_comp_id'      
6 5 'Structure model' '_struct_site.pdbx_auth_seq_id'       
# 
_pdbx_database_status.entry_id                        2NNF 
_pdbx_database_status.deposit_site                    RCSB 
_pdbx_database_status.process_site                    PDBJ 
_pdbx_database_status.recvd_initial_deposition_date   2006-10-24 
_pdbx_database_status.status_code                     REL 
_pdbx_database_status.status_code_sf                  REL 
_pdbx_database_status.status_code_mr                  ? 
_pdbx_database_status.SG_entry                        ? 
_pdbx_database_status.pdb_format_compatible           Y 
_pdbx_database_status.status_code_cs                  ? 
_pdbx_database_status.methods_development_category    ? 
_pdbx_database_status.status_code_nmr_data            ? 
# 
_pdbx_database_related.db_name        PDB 
_pdbx_database_related.db_id          2NNC 
_pdbx_database_related.details        . 
_pdbx_database_related.content_type   unspecified 
# 
loop_
_audit_author.name 
_audit_author.pdbx_ordinal 
'Stout, J.'         1 
'Van Driessche, G.' 2 
'Savvides, S.N.'    3 
'Van Beeumen, J.'   4 
# 
_citation.id                        primary 
_citation.title                     
;X-ray crystallographic analysis of the sulfur carrier protein SoxY from Chlorobium limicola f. thiosulfatophilum reveals a tetrameric structure.
;
_citation.journal_abbrev            'Protein Sci.' 
_citation.journal_volume            16 
_citation.page_first                589 
_citation.page_last                 601 
_citation.year                      2007 
_citation.journal_id_ASTM           PRCIEI 
_citation.country                   US 
_citation.journal_id_ISSN           0961-8368 
_citation.journal_id_CSD            0795 
_citation.book_publisher            ? 
_citation.pdbx_database_id_PubMed   17327392 
_citation.pdbx_database_id_DOI      10.1110/ps.062633607 
# 
loop_
_citation_author.citation_id 
_citation_author.name 
_citation_author.ordinal 
_citation_author.identifier_ORCID 
primary 'Stout, J.'         1 ? 
primary 'Van Driessche, G.' 2 ? 
primary 'Savvides, S.N.'    3 ? 
primary 'Van Beeumen, J.'   4 ? 
# 
loop_
_entity.id 
_entity.type 
_entity.src_method 
_entity.pdbx_description 
_entity.formula_weight 
_entity.pdbx_number_of_molecules 
_entity.pdbx_ec 
_entity.pdbx_mutation 
_entity.pdbx_fragment 
_entity.details 
1 polymer     man 'Sulfur covalently-binding protein' 13055.163 2  ? ? ? ? 
2 non-polymer syn 'PHOSPHATE ION'                     94.971    1  ? ? ? ? 
3 water       nat water                               18.015    39 ? ? ? ? 
# 
_entity_poly.entity_id                      1 
_entity_poly.type                           'polypeptide(L)' 
_entity_poly.nstd_linkage                   no 
_entity_poly.nstd_monomer                   no 
_entity_poly.pdbx_seq_one_letter_code       
;MGSWSEKAFSASKLDDAIAAKFGSLPIQESTAIQIKAPEIAENGAFVPVTVATSIPGATNISIFTPANFSPMVASFDVLP
RMKPEVSLRMRMAKTENLVVVVQAGGKLYRAVREVKVTIGGCGG
;
_entity_poly.pdbx_seq_one_letter_code_can   
;MGSWSEKAFSASKLDDAIAAKFGSLPIQESTAIQIKAPEIAENGAFVPVTVATSIPGATNISIFTPANFSPMVASFDVLP
RMKPEVSLRMRMAKTENLVVVVQAGGKLYRAVREVKVTIGGCGG
;
_entity_poly.pdbx_strand_id                 A,B 
_entity_poly.pdbx_target_identifier         ? 
# 
loop_
_pdbx_entity_nonpoly.entity_id 
_pdbx_entity_nonpoly.name 
_pdbx_entity_nonpoly.comp_id 
2 'PHOSPHATE ION' PO4 
3 water           HOH 
# 
loop_
_entity_poly_seq.entity_id 
_entity_poly_seq.num 
_entity_poly_seq.mon_id 
_entity_poly_seq.hetero 
1 1   MET n 
1 2   GLY n 
1 3   SER n 
1 4   TRP n 
1 5   SER n 
1 6   GLU n 
1 7   LYS n 
1 8   ALA n 
1 9   PHE n 
1 10  SER n 
1 11  ALA n 
1 12  SER n 
1 13  LYS n 
1 14  LEU n 
1 15  ASP n 
1 16  ASP n 
1 17  ALA n 
1 18  ILE n 
1 19  ALA n 
1 20  ALA n 
1 21  LYS n 
1 22  PHE n 
1 23  GLY n 
1 24  SER n 
1 25  LEU n 
1 26  PRO n 
1 27  ILE n 
1 28  GLN n 
1 29  GLU n 
1 30  SER n 
1 31  THR n 
1 32  ALA n 
1 33  ILE n 
1 34  GLN n 
1 35  ILE n 
1 36  LYS n 
1 37  ALA n 
1 38  PRO n 
1 39  GLU n 
1 40  ILE n 
1 41  ALA n 
1 42  GLU n 
1 43  ASN n 
1 44  GLY n 
1 45  ALA n 
1 46  PHE n 
1 47  VAL n 
1 48  PRO n 
1 49  VAL n 
1 50  THR n 
1 51  VAL n 
1 52  ALA n 
1 53  THR n 
1 54  SER n 
1 55  ILE n 
1 56  PRO n 
1 57  GLY n 
1 58  ALA n 
1 59  THR n 
1 60  ASN n 
1 61  ILE n 
1 62  SER n 
1 63  ILE n 
1 64  PHE n 
1 65  THR n 
1 66  PRO n 
1 67  ALA n 
1 68  ASN n 
1 69  PHE n 
1 70  SER n 
1 71  PRO n 
1 72  MET n 
1 73  VAL n 
1 74  ALA n 
1 75  SER n 
1 76  PHE n 
1 77  ASP n 
1 78  VAL n 
1 79  LEU n 
1 80  PRO n 
1 81  ARG n 
1 82  MET n 
1 83  LYS n 
1 84  PRO n 
1 85  GLU n 
1 86  VAL n 
1 87  SER n 
1 88  LEU n 
1 89  ARG n 
1 90  MET n 
1 91  ARG n 
1 92  MET n 
1 93  ALA n 
1 94  LYS n 
1 95  THR n 
1 96  GLU n 
1 97  ASN n 
1 98  LEU n 
1 99  VAL n 
1 100 VAL n 
1 101 VAL n 
1 102 VAL n 
1 103 GLN n 
1 104 ALA n 
1 105 GLY n 
1 106 GLY n 
1 107 LYS n 
1 108 LEU n 
1 109 TYR n 
1 110 ARG n 
1 111 ALA n 
1 112 VAL n 
1 113 ARG n 
1 114 GLU n 
1 115 VAL n 
1 116 LYS n 
1 117 VAL n 
1 118 THR n 
1 119 ILE n 
1 120 GLY n 
1 121 GLY n 
1 122 CYS n 
1 123 GLY n 
1 124 GLY n 
# 
_entity_src_gen.entity_id                          1 
_entity_src_gen.pdbx_src_id                        1 
_entity_src_gen.pdbx_alt_source_flag               sample 
_entity_src_gen.pdbx_seq_type                      ? 
_entity_src_gen.pdbx_beg_seq_num                   ? 
_entity_src_gen.pdbx_end_seq_num                   ? 
_entity_src_gen.gene_src_common_name               ? 
_entity_src_gen.gene_src_genus                     Chlorobium 
_entity_src_gen.pdbx_gene_src_gene                 ? 
_entity_src_gen.gene_src_species                   ? 
_entity_src_gen.gene_src_strain                    ? 
_entity_src_gen.gene_src_tissue                    ? 
_entity_src_gen.gene_src_tissue_fraction           ? 
_entity_src_gen.gene_src_details                   ? 
_entity_src_gen.pdbx_gene_src_fragment             ? 
_entity_src_gen.pdbx_gene_src_scientific_name      'Chlorobium limicola' 
_entity_src_gen.pdbx_gene_src_ncbi_taxonomy_id     1092 
_entity_src_gen.pdbx_gene_src_variant              ? 
_entity_src_gen.pdbx_gene_src_cell_line            ? 
_entity_src_gen.pdbx_gene_src_atcc                 ? 
_entity_src_gen.pdbx_gene_src_organ                ? 
_entity_src_gen.pdbx_gene_src_organelle            ? 
_entity_src_gen.pdbx_gene_src_cell                 ? 
_entity_src_gen.pdbx_gene_src_cellular_location    ? 
_entity_src_gen.host_org_common_name               ? 
_entity_src_gen.pdbx_host_org_scientific_name      'Escherichia coli' 
_entity_src_gen.pdbx_host_org_ncbi_taxonomy_id     562 
_entity_src_gen.host_org_genus                     Escherichia 
_entity_src_gen.pdbx_host_org_gene                 ? 
_entity_src_gen.pdbx_host_org_organ                ? 
_entity_src_gen.host_org_species                   ? 
_entity_src_gen.pdbx_host_org_tissue               ? 
_entity_src_gen.pdbx_host_org_tissue_fraction      ? 
_entity_src_gen.pdbx_host_org_strain               'C43(DE3)' 
_entity_src_gen.pdbx_host_org_variant              ? 
_entity_src_gen.pdbx_host_org_cell_line            ? 
_entity_src_gen.pdbx_host_org_atcc                 ? 
_entity_src_gen.pdbx_host_org_culture_collection   ? 
_entity_src_gen.pdbx_host_org_cell                 ? 
_entity_src_gen.pdbx_host_org_organelle            ? 
_entity_src_gen.pdbx_host_org_cellular_location    ? 
_entity_src_gen.pdbx_host_org_vector_type          pET20b 
_entity_src_gen.pdbx_host_org_vector               ? 
_entity_src_gen.host_org_details                   ? 
_entity_src_gen.expression_system_id               ? 
_entity_src_gen.plasmid_name                       ? 
_entity_src_gen.plasmid_details                    ? 
_entity_src_gen.pdbx_description                   ? 
# 
loop_
_chem_comp.id 
_chem_comp.type 
_chem_comp.mon_nstd_flag 
_chem_comp.name 
_chem_comp.pdbx_synonyms 
_chem_comp.formula 
_chem_comp.formula_weight 
ALA 'L-peptide linking' y ALANINE         ? 'C3 H7 N O2'     89.093  
ARG 'L-peptide linking' y ARGININE        ? 'C6 H15 N4 O2 1' 175.209 
ASN 'L-peptide linking' y ASPARAGINE      ? 'C4 H8 N2 O3'    132.118 
ASP 'L-peptide linking' y 'ASPARTIC ACID' ? 'C4 H7 N O4'     133.103 
CYS 'L-peptide linking' y CYSTEINE        ? 'C3 H7 N O2 S'   121.158 
GLN 'L-peptide linking' y GLUTAMINE       ? 'C5 H10 N2 O3'   146.144 
GLU 'L-peptide linking' y 'GLUTAMIC ACID' ? 'C5 H9 N O4'     147.129 
GLY 'peptide linking'   y GLYCINE         ? 'C2 H5 N O2'     75.067  
HOH non-polymer         . WATER           ? 'H2 O'           18.015  
ILE 'L-peptide linking' y ISOLEUCINE      ? 'C6 H13 N O2'    131.173 
LEU 'L-peptide linking' y LEUCINE         ? 'C6 H13 N O2'    131.173 
LYS 'L-peptide linking' y LYSINE          ? 'C6 H15 N2 O2 1' 147.195 
MET 'L-peptide linking' y METHIONINE      ? 'C5 H11 N O2 S'  149.211 
PHE 'L-peptide linking' y PHENYLALANINE   ? 'C9 H11 N O2'    165.189 
PO4 non-polymer         . 'PHOSPHATE ION' ? 'O4 P -3'        94.971  
PRO 'L-peptide linking' y PROLINE         ? 'C5 H9 N O2'     115.130 
SER 'L-peptide linking' y SERINE          ? 'C3 H7 N O3'     105.093 
THR 'L-peptide linking' y THREONINE       ? 'C4 H9 N O3'     119.119 
TRP 'L-peptide linking' y TRYPTOPHAN      ? 'C11 H12 N2 O2'  204.225 
TYR 'L-peptide linking' y TYROSINE        ? 'C9 H11 N O3'    181.189 
VAL 'L-peptide linking' y VALINE          ? 'C5 H11 N O2'    117.146 
# 
loop_
_pdbx_poly_seq_scheme.asym_id 
_pdbx_poly_seq_scheme.entity_id 
_pdbx_poly_seq_scheme.seq_id 
_pdbx_poly_seq_scheme.mon_id 
_pdbx_poly_seq_scheme.ndb_seq_num 
_pdbx_poly_seq_scheme.pdb_seq_num 
_pdbx_poly_seq_scheme.auth_seq_num 
_pdbx_poly_seq_scheme.pdb_mon_id 
_pdbx_poly_seq_scheme.auth_mon_id 
_pdbx_poly_seq_scheme.pdb_strand_id 
_pdbx_poly_seq_scheme.pdb_ins_code 
_pdbx_poly_seq_scheme.hetero 
A 1 1   MET 1   -1  ?   ?   ?   A . n 
A 1 2   GLY 2   0   ?   ?   ?   A . n 
A 1 3   SER 3   1   ?   ?   ?   A . n 
A 1 4   TRP 4   2   ?   ?   ?   A . n 
A 1 5   SER 5   3   ?   ?   ?   A . n 
A 1 6   GLU 6   4   ?   ?   ?   A . n 
A 1 7   LYS 7   5   ?   ?   ?   A . n 
A 1 8   ALA 8   6   ?   ?   ?   A . n 
A 1 9   PHE 9   7   ?   ?   ?   A . n 
A 1 10  SER 10  8   8   SER SER A . n 
A 1 11  ALA 11  9   9   ALA ALA A . n 
A 1 12  SER 12  10  10  SER SER A . n 
A 1 13  LYS 13  11  11  LYS LYS A . n 
A 1 14  LEU 14  12  12  LEU LEU A . n 
A 1 15  ASP 15  13  13  ASP ASP A . n 
A 1 16  ASP 16  14  14  ASP ASP A . n 
A 1 17  ALA 17  15  15  ALA ALA A . n 
A 1 18  ILE 18  16  16  ILE ILE A . n 
A 1 19  ALA 19  17  17  ALA ALA A . n 
A 1 20  ALA 20  18  18  ALA ALA A . n 
A 1 21  LYS 21  19  19  LYS LYS A . n 
A 1 22  PHE 22  20  20  PHE PHE A . n 
A 1 23  GLY 23  21  21  GLY GLY A . n 
A 1 24  SER 24  22  22  SER SER A . n 
A 1 25  LEU 25  23  23  LEU LEU A . n 
A 1 26  PRO 26  24  24  PRO PRO A . n 
A 1 27  ILE 27  25  25  ILE ILE A . n 
A 1 28  GLN 28  26  26  GLN GLN A . n 
A 1 29  GLU 29  27  27  GLU GLU A . n 
A 1 30  SER 30  28  28  SER SER A . n 
A 1 31  THR 31  29  29  THR THR A . n 
A 1 32  ALA 32  30  30  ALA ALA A . n 
A 1 33  ILE 33  31  31  ILE ILE A . n 
A 1 34  GLN 34  32  32  GLN GLN A . n 
A 1 35  ILE 35  33  33  ILE ILE A . n 
A 1 36  LYS 36  34  34  LYS LYS A . n 
A 1 37  ALA 37  35  35  ALA ALA A . n 
A 1 38  PRO 38  36  36  PRO PRO A . n 
A 1 39  GLU 39  37  37  GLU GLU A . n 
A 1 40  ILE 40  38  38  ILE ILE A . n 
A 1 41  ALA 41  39  39  ALA ALA A . n 
A 1 42  GLU 42  40  40  GLU GLU A . n 
A 1 43  ASN 43  41  41  ASN ASN A . n 
A 1 44  GLY 44  42  42  GLY GLY A . n 
A 1 45  ALA 45  43  43  ALA ALA A . n 
A 1 46  PHE 46  44  44  PHE PHE A . n 
A 1 47  VAL 47  45  45  VAL VAL A . n 
A 1 48  PRO 48  46  46  PRO PRO A . n 
A 1 49  VAL 49  47  47  VAL VAL A . n 
A 1 50  THR 50  48  48  THR THR A . n 
A 1 51  VAL 51  49  49  VAL VAL A . n 
A 1 52  ALA 52  50  50  ALA ALA A . n 
A 1 53  THR 53  51  51  THR THR A . n 
A 1 54  SER 54  52  52  SER SER A . n 
A 1 55  ILE 55  53  53  ILE ILE A . n 
A 1 56  PRO 56  54  54  PRO PRO A . n 
A 1 57  GLY 57  55  55  GLY GLY A . n 
A 1 58  ALA 58  56  56  ALA ALA A . n 
A 1 59  THR 59  57  57  THR THR A . n 
A 1 60  ASN 60  58  58  ASN ASN A . n 
A 1 61  ILE 61  59  59  ILE ILE A . n 
A 1 62  SER 62  60  60  SER SER A . n 
A 1 63  ILE 63  61  61  ILE ILE A . n 
A 1 64  PHE 64  62  62  PHE PHE A . n 
A 1 65  THR 65  63  63  THR THR A . n 
A 1 66  PRO 66  64  64  PRO PRO A . n 
A 1 67  ALA 67  65  65  ALA ALA A . n 
A 1 68  ASN 68  66  66  ASN ASN A . n 
A 1 69  PHE 69  67  67  PHE PHE A . n 
A 1 70  SER 70  68  68  SER SER A . n 
A 1 71  PRO 71  69  69  PRO PRO A . n 
A 1 72  MET 72  70  70  MET MET A . n 
A 1 73  VAL 73  71  71  VAL VAL A . n 
A 1 74  ALA 74  72  72  ALA ALA A . n 
A 1 75  SER 75  73  73  SER SER A . n 
A 1 76  PHE 76  74  74  PHE PHE A . n 
A 1 77  ASP 77  75  75  ASP ASP A . n 
A 1 78  VAL 78  76  76  VAL VAL A . n 
A 1 79  LEU 79  77  77  LEU LEU A . n 
A 1 80  PRO 80  78  78  PRO PRO A . n 
A 1 81  ARG 81  79  79  ARG ARG A . n 
A 1 82  MET 82  80  80  MET MET A . n 
A 1 83  LYS 83  81  81  LYS LYS A . n 
A 1 84  PRO 84  82  82  PRO PRO A . n 
A 1 85  GLU 85  83  83  GLU GLU A . n 
A 1 86  VAL 86  84  84  VAL VAL A . n 
A 1 87  SER 87  85  85  SER SER A . n 
A 1 88  LEU 88  86  86  LEU LEU A . n 
A 1 89  ARG 89  87  87  ARG ARG A . n 
A 1 90  MET 90  88  88  MET MET A . n 
A 1 91  ARG 91  89  89  ARG ARG A . n 
A 1 92  MET 92  90  90  MET MET A . n 
A 1 93  ALA 93  91  91  ALA ALA A . n 
A 1 94  LYS 94  92  92  LYS LYS A . n 
A 1 95  THR 95  93  93  THR THR A . n 
A 1 96  GLU 96  94  94  GLU GLU A . n 
A 1 97  ASN 97  95  95  ASN ASN A . n 
A 1 98  LEU 98  96  96  LEU LEU A . n 
A 1 99  VAL 99  97  97  VAL VAL A . n 
A 1 100 VAL 100 98  98  VAL VAL A . n 
A 1 101 VAL 101 99  99  VAL VAL A . n 
A 1 102 VAL 102 100 100 VAL VAL A . n 
A 1 103 GLN 103 101 101 GLN GLN A . n 
A 1 104 ALA 104 102 102 ALA ALA A . n 
A 1 105 GLY 105 103 103 GLY GLY A . n 
A 1 106 GLY 106 104 104 GLY GLY A . n 
A 1 107 LYS 107 105 105 LYS LYS A . n 
A 1 108 LEU 108 106 106 LEU LEU A . n 
A 1 109 TYR 109 107 107 TYR TYR A . n 
A 1 110 ARG 110 108 108 ARG ARG A . n 
A 1 111 ALA 111 109 109 ALA ALA A . n 
A 1 112 VAL 112 110 110 VAL VAL A . n 
A 1 113 ARG 113 111 111 ARG ARG A . n 
A 1 114 GLU 114 112 112 GLU GLU A . n 
A 1 115 VAL 115 113 113 VAL VAL A . n 
A 1 116 LYS 116 114 114 LYS LYS A . n 
A 1 117 VAL 117 115 115 VAL VAL A . n 
A 1 118 THR 118 116 116 THR THR A . n 
A 1 119 ILE 119 117 117 ILE ILE A . n 
A 1 120 GLY 120 118 ?   ?   ?   A . n 
A 1 121 GLY 121 119 ?   ?   ?   A . n 
A 1 122 CYS 122 120 ?   ?   ?   A . n 
A 1 123 GLY 123 121 ?   ?   ?   A . n 
A 1 124 GLY 124 122 ?   ?   ?   A . n 
B 1 1   MET 1   -1  ?   ?   ?   B . n 
B 1 2   GLY 2   0   ?   ?   ?   B . n 
B 1 3   SER 3   1   1   SER SER B . n 
B 1 4   TRP 4   2   2   TRP TRP B . n 
B 1 5   SER 5   3   3   SER SER B . n 
B 1 6   GLU 6   4   4   GLU ALA B . n 
B 1 7   LYS 7   5   5   LYS LYS B . n 
B 1 8   ALA 8   6   6   ALA ALA B . n 
B 1 9   PHE 9   7   7   PHE PHE B . n 
B 1 10  SER 10  8   8   SER SER B . n 
B 1 11  ALA 11  9   9   ALA ALA B . n 
B 1 12  SER 12  10  10  SER SER B . n 
B 1 13  LYS 13  11  11  LYS LYS B . n 
B 1 14  LEU 14  12  12  LEU LEU B . n 
B 1 15  ASP 15  13  13  ASP ASP B . n 
B 1 16  ASP 16  14  14  ASP ASP B . n 
B 1 17  ALA 17  15  15  ALA ALA B . n 
B 1 18  ILE 18  16  16  ILE ILE B . n 
B 1 19  ALA 19  17  17  ALA ALA B . n 
B 1 20  ALA 20  18  18  ALA ALA B . n 
B 1 21  LYS 21  19  19  LYS LYS B . n 
B 1 22  PHE 22  20  20  PHE PHE B . n 
B 1 23  GLY 23  21  21  GLY GLY B . n 
B 1 24  SER 24  22  22  SER SER B . n 
B 1 25  LEU 25  23  23  LEU LEU B . n 
B 1 26  PRO 26  24  24  PRO PRO B . n 
B 1 27  ILE 27  25  25  ILE ILE B . n 
B 1 28  GLN 28  26  26  GLN GLN B . n 
B 1 29  GLU 29  27  27  GLU GLU B . n 
B 1 30  SER 30  28  28  SER SER B . n 
B 1 31  THR 31  29  29  THR THR B . n 
B 1 32  ALA 32  30  30  ALA ALA B . n 
B 1 33  ILE 33  31  31  ILE ILE B . n 
B 1 34  GLN 34  32  32  GLN GLN B . n 
B 1 35  ILE 35  33  33  ILE ILE B . n 
B 1 36  LYS 36  34  34  LYS LYS B . n 
B 1 37  ALA 37  35  35  ALA ALA B . n 
B 1 38  PRO 38  36  36  PRO PRO B . n 
B 1 39  GLU 39  37  37  GLU ALA B . n 
B 1 40  ILE 40  38  38  ILE ILE B . n 
B 1 41  ALA 41  39  39  ALA ALA B . n 
B 1 42  GLU 42  40  40  GLU GLU B . n 
B 1 43  ASN 43  41  41  ASN ASN B . n 
B 1 44  GLY 44  42  42  GLY GLY B . n 
B 1 45  ALA 45  43  43  ALA ALA B . n 
B 1 46  PHE 46  44  44  PHE PHE B . n 
B 1 47  VAL 47  45  45  VAL VAL B . n 
B 1 48  PRO 48  46  46  PRO PRO B . n 
B 1 49  VAL 49  47  47  VAL VAL B . n 
B 1 50  THR 50  48  48  THR THR B . n 
B 1 51  VAL 51  49  49  VAL VAL B . n 
B 1 52  ALA 52  50  50  ALA ALA B . n 
B 1 53  THR 53  51  51  THR THR B . n 
B 1 54  SER 54  52  52  SER SER B . n 
B 1 55  ILE 55  53  53  ILE ILE B . n 
B 1 56  PRO 56  54  54  PRO PRO B . n 
B 1 57  GLY 57  55  55  GLY GLY B . n 
B 1 58  ALA 58  56  56  ALA ALA B . n 
B 1 59  THR 59  57  57  THR THR B . n 
B 1 60  ASN 60  58  58  ASN ASN B . n 
B 1 61  ILE 61  59  59  ILE ILE B . n 
B 1 62  SER 62  60  60  SER SER B . n 
B 1 63  ILE 63  61  61  ILE ILE B . n 
B 1 64  PHE 64  62  62  PHE PHE B . n 
B 1 65  THR 65  63  63  THR THR B . n 
B 1 66  PRO 66  64  64  PRO PRO B . n 
B 1 67  ALA 67  65  65  ALA ALA B . n 
B 1 68  ASN 68  66  66  ASN ASN B . n 
B 1 69  PHE 69  67  67  PHE PHE B . n 
B 1 70  SER 70  68  68  SER SER B . n 
B 1 71  PRO 71  69  69  PRO PRO B . n 
B 1 72  MET 72  70  70  MET MET B . n 
B 1 73  VAL 73  71  71  VAL VAL B . n 
B 1 74  ALA 74  72  72  ALA ALA B . n 
B 1 75  SER 75  73  73  SER SER B . n 
B 1 76  PHE 76  74  74  PHE PHE B . n 
B 1 77  ASP 77  75  75  ASP ASP B . n 
B 1 78  VAL 78  76  76  VAL VAL B . n 
B 1 79  LEU 79  77  77  LEU LEU B . n 
B 1 80  PRO 80  78  78  PRO PRO B . n 
B 1 81  ARG 81  79  79  ARG ARG B . n 
B 1 82  MET 82  80  80  MET MET B . n 
B 1 83  LYS 83  81  81  LYS LYS B . n 
B 1 84  PRO 84  82  82  PRO PRO B . n 
B 1 85  GLU 85  83  83  GLU GLU B . n 
B 1 86  VAL 86  84  84  VAL VAL B . n 
B 1 87  SER 87  85  85  SER SER B . n 
B 1 88  LEU 88  86  86  LEU LEU B . n 
B 1 89  ARG 89  87  87  ARG ARG B . n 
B 1 90  MET 90  88  88  MET MET B . n 
B 1 91  ARG 91  89  89  ARG ALA B . n 
B 1 92  MET 92  90  90  MET MET B . n 
B 1 93  ALA 93  91  91  ALA ALA B . n 
B 1 94  LYS 94  92  92  LYS ALA B . n 
B 1 95  THR 95  93  93  THR THR B . n 
B 1 96  GLU 96  94  94  GLU GLU B . n 
B 1 97  ASN 97  95  95  ASN ASN B . n 
B 1 98  LEU 98  96  96  LEU LEU B . n 
B 1 99  VAL 99  97  97  VAL VAL B . n 
B 1 100 VAL 100 98  98  VAL VAL B . n 
B 1 101 VAL 101 99  99  VAL VAL B . n 
B 1 102 VAL 102 100 100 VAL VAL B . n 
B 1 103 GLN 103 101 101 GLN GLN B . n 
B 1 104 ALA 104 102 102 ALA ALA B . n 
B 1 105 GLY 105 103 103 GLY GLY B . n 
B 1 106 GLY 106 104 104 GLY GLY B . n 
B 1 107 LYS 107 105 105 LYS LYS B . n 
B 1 108 LEU 108 106 106 LEU LEU B . n 
B 1 109 TYR 109 107 107 TYR TYR B . n 
B 1 110 ARG 110 108 108 ARG ARG B . n 
B 1 111 ALA 111 109 109 ALA ALA B . n 
B 1 112 VAL 112 110 110 VAL VAL B . n 
B 1 113 ARG 113 111 111 ARG ARG B . n 
B 1 114 GLU 114 112 112 GLU GLU B . n 
B 1 115 VAL 115 113 113 VAL VAL B . n 
B 1 116 LYS 116 114 114 LYS ALA B . n 
B 1 117 VAL 117 115 115 VAL VAL B . n 
B 1 118 THR 118 116 ?   ?   ?   B . n 
B 1 119 ILE 119 117 ?   ?   ?   B . n 
B 1 120 GLY 120 118 ?   ?   ?   B . n 
B 1 121 GLY 121 119 ?   ?   ?   B . n 
B 1 122 CYS 122 120 ?   ?   ?   B . n 
B 1 123 GLY 123 121 ?   ?   ?   B . n 
B 1 124 GLY 124 122 ?   ?   ?   B . n 
# 
loop_
_pdbx_nonpoly_scheme.asym_id 
_pdbx_nonpoly_scheme.entity_id 
_pdbx_nonpoly_scheme.mon_id 
_pdbx_nonpoly_scheme.ndb_seq_num 
_pdbx_nonpoly_scheme.pdb_seq_num 
_pdbx_nonpoly_scheme.auth_seq_num 
_pdbx_nonpoly_scheme.pdb_mon_id 
_pdbx_nonpoly_scheme.auth_mon_id 
_pdbx_nonpoly_scheme.pdb_strand_id 
_pdbx_nonpoly_scheme.pdb_ins_code 
C 2 PO4 1  1001 1  PO4 PO4 A . 
D 3 HOH 1  1002 4  HOH HOH A . 
D 3 HOH 2  1003 5  HOH HOH A . 
D 3 HOH 3  1004 6  HOH HOH A . 
D 3 HOH 4  1005 9  HOH HOH A . 
D 3 HOH 5  1006 10 HOH HOH A . 
D 3 HOH 6  1007 14 HOH HOH A . 
D 3 HOH 7  1008 15 HOH HOH A . 
D 3 HOH 8  1009 16 HOH HOH A . 
D 3 HOH 9  1010 17 HOH HOH A . 
D 3 HOH 10 1011 19 HOH HOH A . 
D 3 HOH 11 1012 20 HOH HOH A . 
D 3 HOH 12 1013 21 HOH HOH A . 
D 3 HOH 13 1014 22 HOH HOH A . 
D 3 HOH 14 1015 23 HOH HOH A . 
D 3 HOH 15 1016 24 HOH HOH A . 
D 3 HOH 16 1017 26 HOH HOH A . 
D 3 HOH 17 1018 28 HOH HOH A . 
D 3 HOH 18 1019 31 HOH HOH A . 
D 3 HOH 19 1020 32 HOH HOH A . 
D 3 HOH 20 1021 33 HOH HOH A . 
D 3 HOH 21 1022 35 HOH HOH A . 
D 3 HOH 22 1023 39 HOH HOH A . 
D 3 HOH 23 1024 43 HOH HOH A . 
D 3 HOH 24 1025 45 HOH HOH A . 
D 3 HOH 25 1026 47 HOH HOH A . 
D 3 HOH 26 1027 53 HOH HOH A . 
D 3 HOH 27 1028 56 HOH HOH A . 
D 3 HOH 28 1029 57 HOH HOH A . 
D 3 HOH 29 1030 58 HOH HOH A . 
E 3 HOH 1  123  1  HOH HOH B . 
E 3 HOH 2  124  11 HOH HOH B . 
E 3 HOH 3  125  29 HOH HOH B . 
E 3 HOH 4  126  30 HOH HOH B . 
E 3 HOH 5  127  34 HOH HOH B . 
E 3 HOH 6  128  37 HOH HOH B . 
E 3 HOH 7  129  38 HOH HOH B . 
E 3 HOH 8  130  40 HOH HOH B . 
E 3 HOH 9  131  42 HOH HOH B . 
E 3 HOH 10 132  55 HOH HOH B . 
# 
loop_
_pdbx_unobs_or_zero_occ_atoms.id 
_pdbx_unobs_or_zero_occ_atoms.PDB_model_num 
_pdbx_unobs_or_zero_occ_atoms.polymer_flag 
_pdbx_unobs_or_zero_occ_atoms.occupancy_flag 
_pdbx_unobs_or_zero_occ_atoms.auth_asym_id 
_pdbx_unobs_or_zero_occ_atoms.auth_comp_id 
_pdbx_unobs_or_zero_occ_atoms.auth_seq_id 
_pdbx_unobs_or_zero_occ_atoms.PDB_ins_code 
_pdbx_unobs_or_zero_occ_atoms.auth_atom_id 
_pdbx_unobs_or_zero_occ_atoms.label_alt_id 
_pdbx_unobs_or_zero_occ_atoms.label_asym_id 
_pdbx_unobs_or_zero_occ_atoms.label_comp_id 
_pdbx_unobs_or_zero_occ_atoms.label_seq_id 
_pdbx_unobs_or_zero_occ_atoms.label_atom_id 
1  1 Y 1 A LYS 11  ? CE  ? A LYS 13  CE  
2  1 Y 1 A LYS 11  ? NZ  ? A LYS 13  NZ  
3  1 Y 1 A GLN 32  ? CD  ? A GLN 34  CD  
4  1 Y 1 A GLN 32  ? OE1 ? A GLN 34  OE1 
5  1 Y 1 A GLN 32  ? NE2 ? A GLN 34  NE2 
6  1 Y 1 A LYS 34  ? CE  ? A LYS 36  CE  
7  1 Y 1 A LYS 34  ? NZ  ? A LYS 36  NZ  
8  1 Y 1 A ILE 38  ? CD1 ? A ILE 40  CD1 
9  1 Y 1 A ARG 79  ? CG  ? A ARG 81  CG  
10 1 Y 1 A ARG 79  ? CD  ? A ARG 81  CD  
11 1 Y 1 A ARG 79  ? NE  ? A ARG 81  NE  
12 1 Y 1 A ARG 79  ? CZ  ? A ARG 81  CZ  
13 1 Y 1 A ARG 79  ? NH1 ? A ARG 81  NH1 
14 1 Y 1 A ARG 79  ? NH2 ? A ARG 81  NH2 
15 1 Y 1 A LYS 92  ? CG  ? A LYS 94  CG  
16 1 Y 1 A LYS 92  ? CD  ? A LYS 94  CD  
17 1 Y 1 A LYS 92  ? CE  ? A LYS 94  CE  
18 1 Y 1 A LYS 92  ? NZ  ? A LYS 94  NZ  
19 1 Y 1 A LYS 105 ? CD  ? A LYS 107 CD  
20 1 Y 1 A LYS 105 ? CE  ? A LYS 107 CE  
21 1 Y 1 A LYS 105 ? NZ  ? A LYS 107 NZ  
22 1 Y 1 A LYS 114 ? CE  ? A LYS 116 CE  
23 1 Y 1 A LYS 114 ? NZ  ? A LYS 116 NZ  
24 1 Y 1 A ILE 117 ? CD1 ? A ILE 119 CD1 
25 1 Y 1 B GLU 4   ? CG  ? B GLU 6   CG  
26 1 Y 1 B GLU 4   ? CD  ? B GLU 6   CD  
27 1 Y 1 B GLU 4   ? OE1 ? B GLU 6   OE1 
28 1 Y 1 B GLU 4   ? OE2 ? B GLU 6   OE2 
29 1 Y 1 B LYS 5   ? CE  ? B LYS 7   CE  
30 1 Y 1 B LYS 5   ? NZ  ? B LYS 7   NZ  
31 1 Y 1 B LYS 11  ? CE  ? B LYS 13  CE  
32 1 Y 1 B LYS 11  ? NZ  ? B LYS 13  NZ  
33 1 Y 1 B LYS 34  ? CE  ? B LYS 36  CE  
34 1 Y 1 B LYS 34  ? NZ  ? B LYS 36  NZ  
35 1 Y 1 B GLU 37  ? CG  ? B GLU 39  CG  
36 1 Y 1 B GLU 37  ? CD  ? B GLU 39  CD  
37 1 Y 1 B GLU 37  ? OE1 ? B GLU 39  OE1 
38 1 Y 1 B GLU 37  ? OE2 ? B GLU 39  OE2 
39 1 Y 1 B ILE 38  ? CG1 ? B ILE 40  CG1 
40 1 Y 1 B ILE 38  ? CG2 ? B ILE 40  CG2 
41 1 Y 1 B ILE 38  ? CD1 ? B ILE 40  CD1 
42 1 Y 1 B GLU 40  ? CG  ? B GLU 42  CG  
43 1 Y 1 B GLU 40  ? CD  ? B GLU 42  CD  
44 1 Y 1 B GLU 40  ? OE1 ? B GLU 42  OE1 
45 1 Y 1 B GLU 40  ? OE2 ? B GLU 42  OE2 
46 1 Y 1 B ASN 41  ? CG  ? B ASN 43  CG  
47 1 Y 1 B ASN 41  ? OD1 ? B ASN 43  OD1 
48 1 Y 1 B ASN 41  ? ND2 ? B ASN 43  ND2 
49 1 Y 1 B LYS 81  ? CD  ? B LYS 83  CD  
50 1 Y 1 B LYS 81  ? CE  ? B LYS 83  CE  
51 1 Y 1 B LYS 81  ? NZ  ? B LYS 83  NZ  
52 1 Y 1 B ARG 87  ? CD  ? B ARG 89  CD  
53 1 Y 1 B ARG 87  ? NE  ? B ARG 89  NE  
54 1 Y 1 B ARG 87  ? CZ  ? B ARG 89  CZ  
55 1 Y 1 B ARG 87  ? NH1 ? B ARG 89  NH1 
56 1 Y 1 B ARG 87  ? NH2 ? B ARG 89  NH2 
57 1 Y 1 B ARG 89  ? CG  ? B ARG 91  CG  
58 1 Y 1 B ARG 89  ? CD  ? B ARG 91  CD  
59 1 Y 1 B ARG 89  ? NE  ? B ARG 91  NE  
60 1 Y 1 B ARG 89  ? CZ  ? B ARG 91  CZ  
61 1 Y 1 B ARG 89  ? NH1 ? B ARG 91  NH1 
62 1 Y 1 B ARG 89  ? NH2 ? B ARG 91  NH2 
63 1 Y 1 B LYS 92  ? CG  ? B LYS 94  CG  
64 1 Y 1 B LYS 92  ? CD  ? B LYS 94  CD  
65 1 Y 1 B LYS 92  ? CE  ? B LYS 94  CE  
66 1 Y 1 B LYS 92  ? NZ  ? B LYS 94  NZ  
67 1 Y 1 B LYS 114 ? CG  ? B LYS 116 CG  
68 1 Y 1 B LYS 114 ? CD  ? B LYS 116 CD  
69 1 Y 1 B LYS 114 ? CE  ? B LYS 116 CE  
70 1 Y 1 B LYS 114 ? NZ  ? B LYS 116 NZ  
# 
loop_
_software.name 
_software.version 
_software.date 
_software.type 
_software.contact_author 
_software.contact_author_email 
_software.classification 
_software.location 
_software.language 
_software.citation_id 
_software.pdbx_ordinal 
REFMAC      .           ?               program 'Murshudov, G.N.'    ccp4@dl.ac.uk            refinement        
http://www.ccp4.ac.uk/main.html                  Fortran ? 1 
DENZO       .           ?               package 'Zbyszek Otwinowski' zbyszek@mix.swmed.edu    'data reduction'  
http://www.lnls.br/infra/linhasluz/denzo-hkl.htm ?       ? 2 
SCALEPACK   .           ?               package 'Zbyszek Otwinowski' zbyszek@mix.swmed.edu    'data scaling'    
http://www.lnls.br/infra/linhasluz/denzo-hkl.htm ?       ? 3 
PDB_EXTRACT 1.401       'March 3, 2004' program H.Yang               sw-help@rcsb.rutgers.edu 'data extraction' 
http://pdb.rutgers.edu/software/                 C/C++   ? 4 
XPRESS      '(DIP2030)' ?               ?       ?                    ?                        'data collection' ? ?       ? 5 
# 
_cell.length_a           41.220 
_cell.length_b           122.646 
_cell.length_c           97.289 
_cell.angle_alpha        90.00 
_cell.angle_beta         90.00 
_cell.angle_gamma        90.00 
_cell.entry_id           2NNF 
_cell.pdbx_unique_axis   ? 
_cell.Z_PDB              16 
_cell.length_a_esd       ? 
_cell.length_b_esd       ? 
_cell.length_c_esd       ? 
_cell.angle_alpha_esd    ? 
_cell.angle_beta_esd     ? 
_cell.angle_gamma_esd    ? 
# 
_symmetry.space_group_name_H-M             'C 2 2 21' 
_symmetry.Int_Tables_number                20 
_symmetry.entry_id                         2NNF 
_symmetry.pdbx_full_space_group_name_H-M   ? 
_symmetry.cell_setting                     ? 
_symmetry.space_group_name_Hall            ? 
# 
_exptl.crystals_number   1 
_exptl.method            'X-RAY DIFFRACTION' 
_exptl.entry_id          2NNF 
# 
_exptl_crystal.id                    1 
_exptl_crystal.density_percent_sol   46.7 
_exptl_crystal.density_Matthews      2.40 
_exptl_crystal.density_meas          ? 
_exptl_crystal.description           ? 
_exptl_crystal.F_000                 ? 
_exptl_crystal.preparation           ? 
# 
_exptl_crystal_grow.crystal_id      1 
_exptl_crystal_grow.method          'VAPOR DIFFUSION, HANGING DROP' 
_exptl_crystal_grow.pH              4.0 
_exptl_crystal_grow.temp            294 
_exptl_crystal_grow.pdbx_details    
'Ammonium phosphate, sodium phsophate, DTT, pH 4.0, vapor diffusion, hanging drop, temperature 294K' 
_exptl_crystal_grow.temp_details    ? 
_exptl_crystal_grow.pdbx_pH_range   . 
# 
_diffrn.id                     1 
_diffrn.ambient_temp           294 
_diffrn.ambient_temp_details   ? 
_diffrn.crystal_id             1 
# 
_diffrn_detector.diffrn_id              1 
_diffrn_detector.detector               'IMAGE PLATE' 
_diffrn_detector.type                   'MAC Science DIP-2030' 
_diffrn_detector.pdbx_collection_date   2005-01-10 
_diffrn_detector.details                ? 
# 
_diffrn_radiation.diffrn_id                        1 
_diffrn_radiation.pdbx_diffrn_protocol             'SINGLE WAVELENGTH' 
_diffrn_radiation.wavelength_id                    1 
_diffrn_radiation.monochromator                    'Montel Optics (Bruker Nonius)' 
_diffrn_radiation.pdbx_monochromatic_or_laue_m_l   M 
_diffrn_radiation.pdbx_scattering_type             x-ray 
# 
_diffrn_radiation_wavelength.id           1 
_diffrn_radiation_wavelength.wavelength   1.5418 
_diffrn_radiation_wavelength.wt           1.0 
# 
_diffrn_source.diffrn_id                   1 
_diffrn_source.source                      'ROTATING ANODE' 
_diffrn_source.type                        'ENRAF-NONIUS FR591' 
_diffrn_source.pdbx_wavelength_list        ? 
_diffrn_source.pdbx_wavelength             1.5418 
_diffrn_source.pdbx_synchrotron_site       ? 
_diffrn_source.pdbx_synchrotron_beamline   ? 
# 
_reflns.d_resolution_low             20.00 
_reflns.d_resolution_high            2.39 
_reflns.number_obs                   10173 
_reflns.percent_possible_obs         100.0 
_reflns.pdbx_Rmerge_I_obs            0.084 
_reflns.pdbx_redundancy              4.80 
_reflns.pdbx_chi_squared             0.970 
_reflns.entry_id                     2NNF 
_reflns.observed_criterion_sigma_F   ? 
_reflns.observed_criterion_sigma_I   3.4 
_reflns.number_all                   ? 
_reflns.pdbx_Rsym_value              ? 
_reflns.pdbx_netI_over_sigmaI        17.5 
_reflns.B_iso_Wilson_estimate        ? 
_reflns.R_free_details               ? 
_reflns.limit_h_max                  ? 
_reflns.limit_h_min                  ? 
_reflns.limit_k_max                  ? 
_reflns.limit_k_min                  ? 
_reflns.limit_l_max                  ? 
_reflns.limit_l_min                  ? 
_reflns.observed_criterion_F_max     ? 
_reflns.observed_criterion_F_min     ? 
_reflns.pdbx_scaling_rejects         ? 
_reflns.pdbx_ordinal                 1 
_reflns.pdbx_diffrn_id               1 
# 
loop_
_reflns_shell.d_res_low 
_reflns_shell.d_res_high 
_reflns_shell.number_unique_all 
_reflns_shell.percent_possible_all 
_reflns_shell.Rmerge_I_obs 
_reflns_shell.pdbx_redundancy 
_reflns_shell.pdbx_chi_squared 
_reflns_shell.number_unique_obs 
_reflns_shell.meanI_over_sigI_obs 
_reflns_shell.pdbx_Rsym_value 
_reflns_shell.percent_possible_obs 
_reflns_shell.number_measured_all 
_reflns_shell.number_measured_obs 
_reflns_shell.pdbx_ordinal 
_reflns_shell.pdbx_diffrn_id 
2.43  2.39 498 100.0 0.532 4.7 1.164 ? 3.4 ? ? ? ? 1  1 
2.48  2.43 484 99.8  0.544 4.8 1.096 ? ?   ? ? ? ? 2  1 
2.52  2.48 504 100.0 0.461 4.8 1.057 ? ?   ? ? ? ? 3  1 
2.57  2.52 517 100.0 0.418 4.7 1.126 ? ?   ? ? ? ? 4  1 
2.63  2.57 480 100.0 0.352 4.9 0.894 ? ?   ? ? ? ? 5  1 
2.69  2.63 501 100.0 0.316 4.8 0.981 ? ?   ? ? ? ? 6  1 
2.76  2.69 501 100.0 0.263 4.8 0.947 ? ?   ? ? ? ? 7  1 
2.83  2.76 498 100.0 0.23  4.8 0.869 ? ?   ? ? ? ? 8  1 
2.92  2.83 512 100.0 0.189 4.8 0.957 ? ?   ? ? ? ? 9  1 
3.01  2.92 495 100.0 0.151 4.8 0.954 ? ?   ? ? ? ? 10 1 
3.12  3.01 509 100.0 0.137 4.8 0.922 ? ?   ? ? ? ? 11 1 
3.24  3.12 509 100.0 0.112 4.8 0.967 ? ?   ? ? ? ? 12 1 
3.39  3.24 494 100.0 0.096 4.9 0.995 ? ?   ? ? ? ? 13 1 
3.57  3.39 507 100.0 0.077 4.8 0.917 ? ?   ? ? ? ? 14 1 
3.79  3.57 522 100.0 0.074 4.8 0.966 ? ?   ? ? ? ? 15 1 
4.08  3.79 505 100.0 0.069 4.8 0.934 ? ?   ? ? ? ? 16 1 
4.48  4.08 517 100.0 0.059 4.8 0.954 ? ?   ? ? ? ? 17 1 
5.12  4.48 528 100.0 0.051 4.7 0.931 ? ?   ? ? ? ? 18 1 
6.42  5.12 524 100.0 0.05  4.7 0.904 ? ?   ? ? ? ? 19 1 
20.00 6.42 568 99.8  0.037 4.3 0.878 ? ?   ? ? ? ? 20 1 
# 
_refine.ls_d_res_high                            2.390 
_refine.ls_d_res_low                             20.000 
_refine.pdbx_ls_sigma_F                          ? 
_refine.ls_percent_reflns_obs                    99.970 
_refine.ls_number_reflns_obs                     10126 
_refine.pdbx_ls_cross_valid_method               THROUGHOUT 
_refine.pdbx_R_Free_selection_details            RANDOM 
_refine.ls_R_factor_all                          0.191 
_refine.ls_R_factor_R_work                       0.188 
_refine.ls_R_factor_R_free                       0.248 
_refine.ls_percent_reflns_R_free                 4.900 
_refine.ls_number_reflns_R_free                  493 
_refine.B_iso_mean                               43.144 
_refine.aniso_B[1][1]                            -0.470 
_refine.aniso_B[2][2]                            0.580 
_refine.aniso_B[3][3]                            -0.100 
_refine.aniso_B[1][2]                            0.000 
_refine.aniso_B[1][3]                            0.000 
_refine.aniso_B[2][3]                            0.000 
_refine.correlation_coeff_Fo_to_Fc               0.956 
_refine.correlation_coeff_Fo_to_Fc_free          0.930 
_refine.overall_SU_R_Cruickshank_DPI             0.343 
_refine.pdbx_overall_ESU_R_Free                  0.251 
_refine.overall_SU_ML                            0.192 
_refine.overall_SU_B                             17.314 
_refine.solvent_model_details                    'BABINET MODEL WITH MASK' 
_refine.pdbx_solvent_vdw_probe_radii             1.200 
_refine.pdbx_solvent_ion_probe_radii             0.800 
_refine.pdbx_solvent_shrinkage_radii             0.800 
_refine.entry_id                                 2NNF 
_refine.pdbx_ls_sigma_I                          ? 
_refine.ls_number_reflns_all                     ? 
_refine.ls_R_factor_obs                          ? 
_refine.ls_redundancy_reflns_obs                 ? 
_refine.pdbx_data_cutoff_high_absF               ? 
_refine.pdbx_data_cutoff_low_absF                ? 
_refine.ls_number_parameters                     ? 
_refine.ls_number_restraints                     ? 
_refine.ls_R_factor_R_free_error                 ? 
_refine.ls_R_factor_R_free_error_details         ? 
_refine.pdbx_method_to_determine_struct          'Rigid Body' 
_refine.pdbx_starting_model                      ? 
_refine.pdbx_stereochem_target_val_spec_case     ? 
_refine.pdbx_stereochemistry_target_values       ? 
_refine.solvent_model_param_bsol                 ? 
_refine.solvent_model_param_ksol                 ? 
_refine.occupancy_max                            ? 
_refine.occupancy_min                            ? 
_refine.pdbx_isotropic_thermal_model             ? 
_refine.details                                  ? 
_refine.B_iso_min                                ? 
_refine.B_iso_max                                ? 
_refine.overall_SU_R_free                        ? 
_refine.pdbx_data_cutoff_high_rms_absF           ? 
_refine.pdbx_overall_ESU_R                       ? 
_refine.ls_wR_factor_R_free                      ? 
_refine.ls_wR_factor_R_work                      ? 
_refine.overall_FOM_free_R_set                   ? 
_refine.overall_FOM_work_R_set                   ? 
_refine.pdbx_refine_id                           'X-RAY DIFFRACTION' 
_refine.pdbx_TLS_residual_ADP_flag               'LIKELY RESIDUAL' 
_refine.pdbx_diffrn_id                           1 
_refine.pdbx_overall_phase_error                 ? 
_refine.pdbx_overall_SU_R_free_Cruickshank_DPI   ? 
_refine.pdbx_overall_SU_R_Blow_DPI               ? 
_refine.pdbx_overall_SU_R_free_Blow_DPI          ? 
# 
_refine_hist.pdbx_refine_id                   'X-RAY DIFFRACTION' 
_refine_hist.cycle_id                         LAST 
_refine_hist.pdbx_number_atoms_protein        1613 
_refine_hist.pdbx_number_atoms_nucleic_acid   0 
_refine_hist.pdbx_number_atoms_ligand         5 
_refine_hist.number_atoms_solvent             39 
_refine_hist.number_atoms_total               1657 
_refine_hist.d_res_high                       2.390 
_refine_hist.d_res_low                        20.000 
# 
loop_
_refine_ls_restr.type 
_refine_ls_restr.number 
_refine_ls_restr.dev_ideal 
_refine_ls_restr.weight 
_refine_ls_restr.dev_ideal_target 
_refine_ls_restr.pdbx_refine_id 
_refine_ls_restr.pdbx_restraint_function 
r_bond_refined_d       1658 0.011  0.022  ? 'X-RAY DIFFRACTION' ? 
r_bond_other_d         1594 0.003  0.020  ? 'X-RAY DIFFRACTION' ? 
r_angle_refined_deg    2268 1.284  1.971  ? 'X-RAY DIFFRACTION' ? 
r_angle_other_deg      3672 0.724  3.000  ? 'X-RAY DIFFRACTION' ? 
r_dihedral_angle_1_deg 225  5.996  5.000  ? 'X-RAY DIFFRACTION' ? 
r_dihedral_angle_2_deg 50   39.884 24.000 ? 'X-RAY DIFFRACTION' ? 
r_dihedral_angle_3_deg 250  15.629 15.000 ? 'X-RAY DIFFRACTION' ? 
r_dihedral_angle_4_deg 8    18.320 15.000 ? 'X-RAY DIFFRACTION' ? 
r_chiral_restr         283  0.065  0.200  ? 'X-RAY DIFFRACTION' ? 
r_gen_planes_refined   1846 0.004  0.020  ? 'X-RAY DIFFRACTION' ? 
r_gen_planes_other     309  0.001  0.020  ? 'X-RAY DIFFRACTION' ? 
r_nbd_refined          226  0.186  0.200  ? 'X-RAY DIFFRACTION' ? 
r_nbd_other            1366 0.195  0.200  ? 'X-RAY DIFFRACTION' ? 
r_nbtor_refined        791  0.172  0.200  ? 'X-RAY DIFFRACTION' ? 
r_nbtor_other          1005 0.088  0.200  ? 'X-RAY DIFFRACTION' ? 
r_xyhbond_nbd_refined  39   0.091  0.200  ? 'X-RAY DIFFRACTION' ? 
r_symmetry_vdw_refined 5    0.200  0.200  ? 'X-RAY DIFFRACTION' ? 
r_symmetry_vdw_other   29   0.192  0.200  ? 'X-RAY DIFFRACTION' ? 
r_mcbond_it            1166 0.569  1.500  ? 'X-RAY DIFFRACTION' ? 
r_mcbond_other         450  0.114  1.500  ? 'X-RAY DIFFRACTION' ? 
r_mcangle_it           1837 0.780  2.000  ? 'X-RAY DIFFRACTION' ? 
r_scbond_it            550  1.392  3.000  ? 'X-RAY DIFFRACTION' ? 
r_scangle_it           431  2.224  4.500  ? 'X-RAY DIFFRACTION' ? 
# 
_refine_ls_shell.d_res_high                       2.390 
_refine_ls_shell.d_res_low                        2.451 
_refine_ls_shell.pdbx_total_number_of_bins_used   20 
_refine_ls_shell.percent_reflns_obs               99.860 
_refine_ls_shell.number_reflns_R_work             688 
_refine_ls_shell.R_factor_R_work                  0.236 
_refine_ls_shell.R_factor_R_free                  0.308 
_refine_ls_shell.percent_reflns_R_free            ? 
_refine_ls_shell.number_reflns_R_free             40 
_refine_ls_shell.R_factor_R_free_error            ? 
_refine_ls_shell.number_reflns_obs                ? 
_refine_ls_shell.redundancy_reflns_obs            ? 
_refine_ls_shell.number_reflns_all                ? 
_refine_ls_shell.R_factor_all                     ? 
_refine_ls_shell.pdbx_refine_id                   'X-RAY DIFFRACTION' 
# 
_struct.entry_id                  2NNF 
_struct.title                     'Structure of the sulfur carrier protein SoxY from Chlorobium limicola f thiosulfatophilum' 
_struct.pdbx_model_details        ? 
_struct.pdbx_CASP_flag            ? 
_struct.pdbx_model_type_details   ? 
# 
_struct_keywords.text            'sulfur binding protein, Sox, beta sandwich, green sulfur bacterium, LIGAND BINDING PROTEIN' 
_struct_keywords.entry_id        2NNF 
_struct_keywords.pdbx_keywords   'LIGAND BINDING PROTEIN' 
# 
loop_
_struct_asym.id 
_struct_asym.pdbx_blank_PDB_chainid_flag 
_struct_asym.pdbx_modified 
_struct_asym.entity_id 
_struct_asym.details 
A N N 1 ? 
B N N 1 ? 
C N N 2 ? 
D N N 3 ? 
E N N 3 ? 
# 
_struct_ref.id                         1 
_struct_ref.db_name                    UNP 
_struct_ref.db_code                    Q8RLX2_CHLLI 
_struct_ref.pdbx_db_accession          Q8RLX2 
_struct_ref.entity_id                  1 
_struct_ref.pdbx_seq_one_letter_code   
;SWSEKAFSASKLDEAIAAKFGSLPIQESTAIQIKAPEIAENGAFVPVTVATSIPGATNISIFTPANFSPMVASFDVLPRM
KPEVSLRMRMAKTENLVVVVQAGGKLYRAVREVKVTIGGCGG
;
_struct_ref.pdbx_align_begin           33 
_struct_ref.pdbx_db_isoform            ? 
# 
loop_
_struct_ref_seq.align_id 
_struct_ref_seq.ref_id 
_struct_ref_seq.pdbx_PDB_id_code 
_struct_ref_seq.pdbx_strand_id 
_struct_ref_seq.seq_align_beg 
_struct_ref_seq.pdbx_seq_align_beg_ins_code 
_struct_ref_seq.seq_align_end 
_struct_ref_seq.pdbx_seq_align_end_ins_code 
_struct_ref_seq.pdbx_db_accession 
_struct_ref_seq.db_align_beg 
_struct_ref_seq.pdbx_db_align_beg_ins_code 
_struct_ref_seq.db_align_end 
_struct_ref_seq.pdbx_db_align_end_ins_code 
_struct_ref_seq.pdbx_auth_seq_align_beg 
_struct_ref_seq.pdbx_auth_seq_align_end 
1 1 2NNF A 3 ? 124 ? Q8RLX2 33 ? 154 ? 1 122 
2 1 2NNF B 3 ? 124 ? Q8RLX2 33 ? 154 ? 1 122 
# 
loop_
_struct_ref_seq_dif.align_id 
_struct_ref_seq_dif.pdbx_pdb_id_code 
_struct_ref_seq_dif.mon_id 
_struct_ref_seq_dif.pdbx_pdb_strand_id 
_struct_ref_seq_dif.seq_num 
_struct_ref_seq_dif.pdbx_pdb_ins_code 
_struct_ref_seq_dif.pdbx_seq_db_name 
_struct_ref_seq_dif.pdbx_seq_db_accession_code 
_struct_ref_seq_dif.db_mon_id 
_struct_ref_seq_dif.pdbx_seq_db_seq_num 
_struct_ref_seq_dif.details 
_struct_ref_seq_dif.pdbx_auth_seq_num 
_struct_ref_seq_dif.pdbx_ordinal 
1 2NNF MET A 1  ? UNP Q8RLX2 ?   ?  'cloning artifact' -1 1 
1 2NNF GLY A 2  ? UNP Q8RLX2 ?   ?  'cloning artifact' 0  2 
1 2NNF ASP A 16 ? UNP Q8RLX2 GLU 46 'SEE REMARK 999'   14 3 
2 2NNF MET B 1  ? UNP Q8RLX2 ?   ?  'cloning artifact' -1 4 
2 2NNF GLY B 2  ? UNP Q8RLX2 ?   ?  'cloning artifact' 0  5 
2 2NNF ASP B 16 ? UNP Q8RLX2 GLU 46 'SEE REMARK 999'   14 6 
# 
_pdbx_struct_assembly.id                   1 
_pdbx_struct_assembly.details              author_defined_assembly 
_pdbx_struct_assembly.method_details       ? 
_pdbx_struct_assembly.oligomeric_details   tetrameric 
_pdbx_struct_assembly.oligomeric_count     4 
# 
_pdbx_struct_assembly_gen.assembly_id       1 
_pdbx_struct_assembly_gen.oper_expression   1,2 
_pdbx_struct_assembly_gen.asym_id_list      A,B,C,D,E 
# 
loop_
_pdbx_struct_oper_list.id 
_pdbx_struct_oper_list.type 
_pdbx_struct_oper_list.name 
_pdbx_struct_oper_list.symmetry_operation 
_pdbx_struct_oper_list.matrix[1][1] 
_pdbx_struct_oper_list.matrix[1][2] 
_pdbx_struct_oper_list.matrix[1][3] 
_pdbx_struct_oper_list.vector[1] 
_pdbx_struct_oper_list.matrix[2][1] 
_pdbx_struct_oper_list.matrix[2][2] 
_pdbx_struct_oper_list.matrix[2][3] 
_pdbx_struct_oper_list.vector[2] 
_pdbx_struct_oper_list.matrix[3][1] 
_pdbx_struct_oper_list.matrix[3][2] 
_pdbx_struct_oper_list.matrix[3][3] 
_pdbx_struct_oper_list.vector[3] 
1 'identity operation'         1_555 x,y,z       1.0000000000 0.0000000000 0.0000000000  0.0000000000  0.0000000000 1.0000000000  0.0000000000  0.0000000000  0.0000000000  0.0000000000  1.0000000000  0.0000000000   
2 'crystal symmetry operation' 4_566 x,-y+1,-z+1 0.7444906435 0.2593694046 -0.6151919975 -9.8714276364 0.2593694046 -0.9614371746 -0.0914662298 -6.0201614280 -0.6151919975 -0.0914662298 -0.7830534688 -30.5304017477 
# 
_struct_biol.id   1 
# 
loop_
_struct_conf.conf_type_id 
_struct_conf.id 
_struct_conf.pdbx_PDB_helix_id 
_struct_conf.beg_label_comp_id 
_struct_conf.beg_label_asym_id 
_struct_conf.beg_label_seq_id 
_struct_conf.pdbx_beg_PDB_ins_code 
_struct_conf.end_label_comp_id 
_struct_conf.end_label_asym_id 
_struct_conf.end_label_seq_id 
_struct_conf.pdbx_end_PDB_ins_code 
_struct_conf.beg_auth_comp_id 
_struct_conf.beg_auth_asym_id 
_struct_conf.beg_auth_seq_id 
_struct_conf.end_auth_comp_id 
_struct_conf.end_auth_asym_id 
_struct_conf.end_auth_seq_id 
_struct_conf.pdbx_PDB_helix_class 
_struct_conf.details 
_struct_conf.pdbx_PDB_helix_length 
HELX_P HELX_P1 1 SER A 10 ? GLY A 23 ? SER A 8 GLY A 21 1 ? 14 
HELX_P HELX_P2 2 SER B 3  ? GLY B 23 ? SER B 1 GLY B 21 1 ? 21 
# 
_struct_conf_type.id          HELX_P 
_struct_conf_type.criteria    ? 
_struct_conf_type.reference   ? 
# 
loop_
_struct_sheet.id 
_struct_sheet.type 
_struct_sheet.number_strands 
_struct_sheet.details 
A ? 3  ? 
B ? 10 ? 
C ? 6  ? 
# 
loop_
_struct_sheet_order.sheet_id 
_struct_sheet_order.range_id_1 
_struct_sheet_order.range_id_2 
_struct_sheet_order.offset 
_struct_sheet_order.sense 
A 1 2  ? parallel      
A 2 3  ? parallel      
B 1 2  ? parallel      
B 2 3  ? anti-parallel 
B 3 4  ? anti-parallel 
B 4 5  ? anti-parallel 
B 5 6  ? anti-parallel 
B 6 7  ? anti-parallel 
B 7 8  ? anti-parallel 
B 8 9  ? anti-parallel 
B 9 10 ? parallel      
C 1 2  ? anti-parallel 
C 2 3  ? anti-parallel 
C 3 4  ? anti-parallel 
C 4 5  ? anti-parallel 
C 5 6  ? anti-parallel 
# 
loop_
_struct_sheet_range.sheet_id 
_struct_sheet_range.id 
_struct_sheet_range.beg_label_comp_id 
_struct_sheet_range.beg_label_asym_id 
_struct_sheet_range.beg_label_seq_id 
_struct_sheet_range.pdbx_beg_PDB_ins_code 
_struct_sheet_range.end_label_comp_id 
_struct_sheet_range.end_label_asym_id 
_struct_sheet_range.end_label_seq_id 
_struct_sheet_range.pdbx_end_PDB_ins_code 
_struct_sheet_range.beg_auth_comp_id 
_struct_sheet_range.beg_auth_asym_id 
_struct_sheet_range.beg_auth_seq_id 
_struct_sheet_range.end_auth_comp_id 
_struct_sheet_range.end_auth_asym_id 
_struct_sheet_range.end_auth_seq_id 
A 1  ILE A 27  ? GLU A 29  ? ILE A 25  GLU A 27  
A 2  LYS A 107 ? THR A 118 ? LYS A 105 THR A 116 
A 3  ILE A 40  ? GLU A 42  ? ILE A 38  GLU A 40  
B 1  ILE A 27  ? GLU A 29  ? ILE A 25  GLU A 27  
B 2  LYS A 107 ? THR A 118 ? LYS A 105 THR A 116 
B 3  GLU A 96  ? ALA A 104 ? GLU A 94  ALA A 102 
B 4  ALA A 58  ? PHE A 64  ? ALA A 56  PHE A 62  
B 5  MET A 72  ? VAL A 78  ? MET A 70  VAL A 76  
B 6  MET B 72  ? VAL B 78  ? MET B 70  VAL B 76  
B 7  ALA B 58  ? PHE B 64  ? ALA B 56  PHE B 62  
B 8  GLU B 96  ? ALA B 104 ? GLU B 94  ALA B 102 
B 9  LYS B 107 ? VAL B 115 ? LYS B 105 VAL B 113 
B 10 ILE B 27  ? GLU B 29  ? ILE B 25  GLU B 27  
C 1  ILE A 33  ? LYS A 36  ? ILE A 31  LYS A 34  
C 2  PHE A 46  ? THR A 53  ? PHE A 44  THR A 51  
C 3  GLU A 85  ? ARG A 91  ? GLU A 83  ARG A 89  
C 4  GLU B 85  ? ARG B 91  ? GLU B 83  ARG B 89  
C 5  PHE B 46  ? THR B 53  ? PHE B 44  THR B 51  
C 6  ILE B 33  ? LYS B 36  ? ILE B 31  LYS B 34  
# 
loop_
_pdbx_struct_sheet_hbond.sheet_id 
_pdbx_struct_sheet_hbond.range_id_1 
_pdbx_struct_sheet_hbond.range_id_2 
_pdbx_struct_sheet_hbond.range_1_label_atom_id 
_pdbx_struct_sheet_hbond.range_1_label_comp_id 
_pdbx_struct_sheet_hbond.range_1_label_asym_id 
_pdbx_struct_sheet_hbond.range_1_label_seq_id 
_pdbx_struct_sheet_hbond.range_1_PDB_ins_code 
_pdbx_struct_sheet_hbond.range_1_auth_atom_id 
_pdbx_struct_sheet_hbond.range_1_auth_comp_id 
_pdbx_struct_sheet_hbond.range_1_auth_asym_id 
_pdbx_struct_sheet_hbond.range_1_auth_seq_id 
_pdbx_struct_sheet_hbond.range_2_label_atom_id 
_pdbx_struct_sheet_hbond.range_2_label_comp_id 
_pdbx_struct_sheet_hbond.range_2_label_asym_id 
_pdbx_struct_sheet_hbond.range_2_label_seq_id 
_pdbx_struct_sheet_hbond.range_2_PDB_ins_code 
_pdbx_struct_sheet_hbond.range_2_auth_atom_id 
_pdbx_struct_sheet_hbond.range_2_auth_comp_id 
_pdbx_struct_sheet_hbond.range_2_auth_asym_id 
_pdbx_struct_sheet_hbond.range_2_auth_seq_id 
A 1 2  N GLN A 28  ? N GLN A 26  O ARG A 110 ? O ARG A 108 
A 2 3  O LYS A 116 ? O LYS A 114 N ALA A 41  ? N ALA A 39  
B 1 2  N GLN A 28  ? N GLN A 26  O ARG A 110 ? O ARG A 108 
B 2 3  O ARG A 113 ? O ARG A 111 N LEU A 98  ? N LEU A 96  
B 3 4  O VAL A 99  ? O VAL A 97  N PHE A 64  ? N PHE A 62  
B 4 5  N ILE A 61  ? N ILE A 59  O PHE A 76  ? O PHE A 74  
B 5 6  N SER A 75  ? N SER A 73  O ASP B 77  ? O ASP B 75  
B 6 7  O ALA B 74  ? O ALA B 72  N ILE B 63  ? N ILE B 61  
B 7 8  N PHE B 64  ? N PHE B 62  O VAL B 99  ? O VAL B 97  
B 8 9  N LEU B 98  ? N LEU B 96  O ARG B 113 ? O ARG B 111 
B 9 10 O ARG B 110 ? O ARG B 108 N GLN B 28  ? N GLN B 26  
C 1 2  N LYS A 36  ? N LYS A 34  O THR A 50  ? O THR A 48  
C 2 3  N VAL A 47  ? N VAL A 45  O MET A 90  ? O MET A 88  
C 3 4  N GLU A 85  ? N GLU A 83  O SER B 87  ? O SER B 85  
C 4 5  O LEU B 88  ? O LEU B 86  N VAL B 49  ? N VAL B 47  
C 5 6  O THR B 50  ? O THR B 48  N LYS B 36  ? N LYS B 34  
# 
_struct_site.id                   AC1 
_struct_site.pdbx_evidence_code   Software 
_struct_site.pdbx_auth_asym_id    A 
_struct_site.pdbx_auth_comp_id    PO4 
_struct_site.pdbx_auth_seq_id     1001 
_struct_site.pdbx_auth_ins_code   ? 
_struct_site.pdbx_num_residues    3 
_struct_site.details              'BINDING SITE FOR RESIDUE PO4 A 1001' 
# 
loop_
_struct_site_gen.id 
_struct_site_gen.site_id 
_struct_site_gen.pdbx_num_res 
_struct_site_gen.label_comp_id 
_struct_site_gen.label_asym_id 
_struct_site_gen.label_seq_id 
_struct_site_gen.pdbx_auth_ins_code 
_struct_site_gen.auth_comp_id 
_struct_site_gen.auth_asym_id 
_struct_site_gen.auth_seq_id 
_struct_site_gen.label_atom_id 
_struct_site_gen.label_alt_id 
_struct_site_gen.symmetry 
_struct_site_gen.details 
1 AC1 3 LYS A 21 ? LYS A 19 . ? 1_555 ? 
2 AC1 3 ASP A 77 ? ASP A 75 . ? 1_555 ? 
3 AC1 3 TRP B 4  ? TRP B 2  . ? 8_556 ? 
# 
_pdbx_struct_special_symmetry.id              1 
_pdbx_struct_special_symmetry.PDB_model_num   1 
_pdbx_struct_special_symmetry.auth_asym_id    B 
_pdbx_struct_special_symmetry.auth_comp_id    HOH 
_pdbx_struct_special_symmetry.auth_seq_id     126 
_pdbx_struct_special_symmetry.PDB_ins_code    ? 
_pdbx_struct_special_symmetry.label_asym_id   E 
_pdbx_struct_special_symmetry.label_comp_id   HOH 
_pdbx_struct_special_symmetry.label_seq_id    . 
# 
loop_
_pdbx_refine_tls.id 
_pdbx_refine_tls.details 
_pdbx_refine_tls.method 
_pdbx_refine_tls.origin_x 
_pdbx_refine_tls.origin_y 
_pdbx_refine_tls.origin_z 
_pdbx_refine_tls.T[1][1] 
_pdbx_refine_tls.T[2][2] 
_pdbx_refine_tls.T[3][3] 
_pdbx_refine_tls.T[1][2] 
_pdbx_refine_tls.T[1][3] 
_pdbx_refine_tls.T[2][3] 
_pdbx_refine_tls.L[1][1] 
_pdbx_refine_tls.L[2][2] 
_pdbx_refine_tls.L[3][3] 
_pdbx_refine_tls.L[1][2] 
_pdbx_refine_tls.L[1][3] 
_pdbx_refine_tls.L[2][3] 
_pdbx_refine_tls.S[1][1] 
_pdbx_refine_tls.S[2][2] 
_pdbx_refine_tls.S[3][3] 
_pdbx_refine_tls.S[1][2] 
_pdbx_refine_tls.S[1][3] 
_pdbx_refine_tls.S[2][3] 
_pdbx_refine_tls.S[2][1] 
_pdbx_refine_tls.S[3][1] 
_pdbx_refine_tls.S[3][2] 
_pdbx_refine_tls.pdbx_refine_id 
1 ? refined -17.9669 -0.6618  -7.4227 -0.2077 -0.2718 0.0639  0.0148 0.0279  -0.1163 17.3889 11.0120 22.3959 1.0070   6.2304  7.5725   -0.8055 -0.2882 1.0937  0.6961  -0.0402 0.4141  -0.6906 -0.9885 -0.9415 'X-RAY DIFFRACTION' 
2 ? refined -7.9492  7.5621   -3.9707 -0.2806 -0.2907 -0.2214 0.0115 0.0085  -0.0098 3.5092  7.6021  3.5759  -0.0971  0.5566  0.3224   -0.1132 -0.1696 0.2827  0.0344  0.2797  0.4183  -0.0631 -0.2273 0.1381  'X-RAY DIFFRACTION' 
3 ? refined 10.4701  -17.1470 8.5289  -0.0863 -0.1279 0.2227  0.0931 -0.0911 0.1296  45.2790 6.1234  46.6699 -16.3541 44.6873 -16.8860 0.0082  0.4873  -0.4954 -1.2483 -0.6166 0.2773  0.0430  0.1786  -0.9971 'X-RAY DIFFRACTION' 
4 ? refined 8.6450   -3.8566  2.6309  -0.1838 -0.1711 -0.1549 0.0284 -0.0904 0.0610  10.5972 7.5448  7.7815  -1.3632  2.6030  -2.0352  -0.1979 0.0430  0.1548  -0.5987 -0.1938 -0.6933 0.9999  -0.1215 0.6833  'X-RAY DIFFRACTION' 
# 
loop_
_pdbx_refine_tls_group.id 
_pdbx_refine_tls_group.refine_tls_id 
_pdbx_refine_tls_group.beg_label_asym_id 
_pdbx_refine_tls_group.beg_label_seq_id 
_pdbx_refine_tls_group.end_label_asym_id 
_pdbx_refine_tls_group.end_label_seq_id 
_pdbx_refine_tls_group.selection 
_pdbx_refine_tls_group.beg_auth_asym_id 
_pdbx_refine_tls_group.beg_auth_seq_id 
_pdbx_refine_tls_group.end_auth_asym_id 
_pdbx_refine_tls_group.end_auth_seq_id 
_pdbx_refine_tls_group.pdbx_refine_id 
_pdbx_refine_tls_group.selection_details 
1 1 A 10 A 23  ALL A 8  A 21  'X-RAY DIFFRACTION' ? 
2 2 A 24 A 119 ALL A 22 A 117 'X-RAY DIFFRACTION' ? 
3 3 B 3  B 23  ALL B 1  B 21  'X-RAY DIFFRACTION' ? 
4 4 B 24 B 117 ALL B 22 B 115 'X-RAY DIFFRACTION' ? 
# 
loop_
_pdbx_unobs_or_zero_occ_residues.id 
_pdbx_unobs_or_zero_occ_residues.PDB_model_num 
_pdbx_unobs_or_zero_occ_residues.polymer_flag 
_pdbx_unobs_or_zero_occ_residues.occupancy_flag 
_pdbx_unobs_or_zero_occ_residues.auth_asym_id 
_pdbx_unobs_or_zero_occ_residues.auth_comp_id 
_pdbx_unobs_or_zero_occ_residues.auth_seq_id 
_pdbx_unobs_or_zero_occ_residues.PDB_ins_code 
_pdbx_unobs_or_zero_occ_residues.label_asym_id 
_pdbx_unobs_or_zero_occ_residues.label_comp_id 
_pdbx_unobs_or_zero_occ_residues.label_seq_id 
1  1 Y 1 A MET -1  ? A MET 1   
2  1 Y 1 A GLY 0   ? A GLY 2   
3  1 Y 1 A SER 1   ? A SER 3   
4  1 Y 1 A TRP 2   ? A TRP 4   
5  1 Y 1 A SER 3   ? A SER 5   
6  1 Y 1 A GLU 4   ? A GLU 6   
7  1 Y 1 A LYS 5   ? A LYS 7   
8  1 Y 1 A ALA 6   ? A ALA 8   
9  1 Y 1 A PHE 7   ? A PHE 9   
10 1 Y 1 A GLY 118 ? A GLY 120 
11 1 Y 1 A GLY 119 ? A GLY 121 
12 1 Y 1 A CYS 120 ? A CYS 122 
13 1 Y 1 A GLY 121 ? A GLY 123 
14 1 Y 1 A GLY 122 ? A GLY 124 
15 1 Y 1 B MET -1  ? B MET 1   
16 1 Y 1 B GLY 0   ? B GLY 2   
17 1 Y 1 B THR 116 ? B THR 118 
18 1 Y 1 B ILE 117 ? B ILE 119 
19 1 Y 1 B GLY 118 ? B GLY 120 
20 1 Y 1 B GLY 119 ? B GLY 121 
21 1 Y 1 B CYS 120 ? B CYS 122 
22 1 Y 1 B GLY 121 ? B GLY 123 
23 1 Y 1 B GLY 122 ? B GLY 124 
# 
loop_
_chem_comp_atom.comp_id 
_chem_comp_atom.atom_id 
_chem_comp_atom.type_symbol 
_chem_comp_atom.pdbx_aromatic_flag 
_chem_comp_atom.pdbx_stereo_config 
_chem_comp_atom.pdbx_ordinal 
ALA N    N N N 1   
ALA CA   C N S 2   
ALA C    C N N 3   
ALA O    O N N 4   
ALA CB   C N N 5   
ALA OXT  O N N 6   
ALA H    H N N 7   
ALA H2   H N N 8   
ALA HA   H N N 9   
ALA HB1  H N N 10  
ALA HB2  H N N 11  
ALA HB3  H N N 12  
ALA HXT  H N N 13  
ARG N    N N N 14  
ARG CA   C N S 15  
ARG C    C N N 16  
ARG O    O N N 17  
ARG CB   C N N 18  
ARG CG   C N N 19  
ARG CD   C N N 20  
ARG NE   N N N 21  
ARG CZ   C N N 22  
ARG NH1  N N N 23  
ARG NH2  N N N 24  
ARG OXT  O N N 25  
ARG H    H N N 26  
ARG H2   H N N 27  
ARG HA   H N N 28  
ARG HB2  H N N 29  
ARG HB3  H N N 30  
ARG HG2  H N N 31  
ARG HG3  H N N 32  
ARG HD2  H N N 33  
ARG HD3  H N N 34  
ARG HE   H N N 35  
ARG HH11 H N N 36  
ARG HH12 H N N 37  
ARG HH21 H N N 38  
ARG HH22 H N N 39  
ARG HXT  H N N 40  
ASN N    N N N 41  
ASN CA   C N S 42  
ASN C    C N N 43  
ASN O    O N N 44  
ASN CB   C N N 45  
ASN CG   C N N 46  
ASN OD1  O N N 47  
ASN ND2  N N N 48  
ASN OXT  O N N 49  
ASN H    H N N 50  
ASN H2   H N N 51  
ASN HA   H N N 52  
ASN HB2  H N N 53  
ASN HB3  H N N 54  
ASN HD21 H N N 55  
ASN HD22 H N N 56  
ASN HXT  H N N 57  
ASP N    N N N 58  
ASP CA   C N S 59  
ASP C    C N N 60  
ASP O    O N N 61  
ASP CB   C N N 62  
ASP CG   C N N 63  
ASP OD1  O N N 64  
ASP OD2  O N N 65  
ASP OXT  O N N 66  
ASP H    H N N 67  
ASP H2   H N N 68  
ASP HA   H N N 69  
ASP HB2  H N N 70  
ASP HB3  H N N 71  
ASP HD2  H N N 72  
ASP HXT  H N N 73  
CYS N    N N N 74  
CYS CA   C N R 75  
CYS C    C N N 76  
CYS O    O N N 77  
CYS CB   C N N 78  
CYS SG   S N N 79  
CYS OXT  O N N 80  
CYS H    H N N 81  
CYS H2   H N N 82  
CYS HA   H N N 83  
CYS HB2  H N N 84  
CYS HB3  H N N 85  
CYS HG   H N N 86  
CYS HXT  H N N 87  
GLN N    N N N 88  
GLN CA   C N S 89  
GLN C    C N N 90  
GLN O    O N N 91  
GLN CB   C N N 92  
GLN CG   C N N 93  
GLN CD   C N N 94  
GLN OE1  O N N 95  
GLN NE2  N N N 96  
GLN OXT  O N N 97  
GLN H    H N N 98  
GLN H2   H N N 99  
GLN HA   H N N 100 
GLN HB2  H N N 101 
GLN HB3  H N N 102 
GLN HG2  H N N 103 
GLN HG3  H N N 104 
GLN HE21 H N N 105 
GLN HE22 H N N 106 
GLN HXT  H N N 107 
GLU N    N N N 108 
GLU CA   C N S 109 
GLU C    C N N 110 
GLU O    O N N 111 
GLU CB   C N N 112 
GLU CG   C N N 113 
GLU CD   C N N 114 
GLU OE1  O N N 115 
GLU OE2  O N N 116 
GLU OXT  O N N 117 
GLU H    H N N 118 
GLU H2   H N N 119 
GLU HA   H N N 120 
GLU HB2  H N N 121 
GLU HB3  H N N 122 
GLU HG2  H N N 123 
GLU HG3  H N N 124 
GLU HE2  H N N 125 
GLU HXT  H N N 126 
GLY N    N N N 127 
GLY CA   C N N 128 
GLY C    C N N 129 
GLY O    O N N 130 
GLY OXT  O N N 131 
GLY H    H N N 132 
GLY H2   H N N 133 
GLY HA2  H N N 134 
GLY HA3  H N N 135 
GLY HXT  H N N 136 
HOH O    O N N 137 
HOH H1   H N N 138 
HOH H2   H N N 139 
ILE N    N N N 140 
ILE CA   C N S 141 
ILE C    C N N 142 
ILE O    O N N 143 
ILE CB   C N S 144 
ILE CG1  C N N 145 
ILE CG2  C N N 146 
ILE CD1  C N N 147 
ILE OXT  O N N 148 
ILE H    H N N 149 
ILE H2   H N N 150 
ILE HA   H N N 151 
ILE HB   H N N 152 
ILE HG12 H N N 153 
ILE HG13 H N N 154 
ILE HG21 H N N 155 
ILE HG22 H N N 156 
ILE HG23 H N N 157 
ILE HD11 H N N 158 
ILE HD12 H N N 159 
ILE HD13 H N N 160 
ILE HXT  H N N 161 
LEU N    N N N 162 
LEU CA   C N S 163 
LEU C    C N N 164 
LEU O    O N N 165 
LEU CB   C N N 166 
LEU CG   C N N 167 
LEU CD1  C N N 168 
LEU CD2  C N N 169 
LEU OXT  O N N 170 
LEU H    H N N 171 
LEU H2   H N N 172 
LEU HA   H N N 173 
LEU HB2  H N N 174 
LEU HB3  H N N 175 
LEU HG   H N N 176 
LEU HD11 H N N 177 
LEU HD12 H N N 178 
LEU HD13 H N N 179 
LEU HD21 H N N 180 
LEU HD22 H N N 181 
LEU HD23 H N N 182 
LEU HXT  H N N 183 
LYS N    N N N 184 
LYS CA   C N S 185 
LYS C    C N N 186 
LYS O    O N N 187 
LYS CB   C N N 188 
LYS CG   C N N 189 
LYS CD   C N N 190 
LYS CE   C N N 191 
LYS NZ   N N N 192 
LYS OXT  O N N 193 
LYS H    H N N 194 
LYS H2   H N N 195 
LYS HA   H N N 196 
LYS HB2  H N N 197 
LYS HB3  H N N 198 
LYS HG2  H N N 199 
LYS HG3  H N N 200 
LYS HD2  H N N 201 
LYS HD3  H N N 202 
LYS HE2  H N N 203 
LYS HE3  H N N 204 
LYS HZ1  H N N 205 
LYS HZ2  H N N 206 
LYS HZ3  H N N 207 
LYS HXT  H N N 208 
MET N    N N N 209 
MET CA   C N S 210 
MET C    C N N 211 
MET O    O N N 212 
MET CB   C N N 213 
MET CG   C N N 214 
MET SD   S N N 215 
MET CE   C N N 216 
MET OXT  O N N 217 
MET H    H N N 218 
MET H2   H N N 219 
MET HA   H N N 220 
MET HB2  H N N 221 
MET HB3  H N N 222 
MET HG2  H N N 223 
MET HG3  H N N 224 
MET HE1  H N N 225 
MET HE2  H N N 226 
MET HE3  H N N 227 
MET HXT  H N N 228 
PHE N    N N N 229 
PHE CA   C N S 230 
PHE C    C N N 231 
PHE O    O N N 232 
PHE CB   C N N 233 
PHE CG   C Y N 234 
PHE CD1  C Y N 235 
PHE CD2  C Y N 236 
PHE CE1  C Y N 237 
PHE CE2  C Y N 238 
PHE CZ   C Y N 239 
PHE OXT  O N N 240 
PHE H    H N N 241 
PHE H2   H N N 242 
PHE HA   H N N 243 
PHE HB2  H N N 244 
PHE HB3  H N N 245 
PHE HD1  H N N 246 
PHE HD2  H N N 247 
PHE HE1  H N N 248 
PHE HE2  H N N 249 
PHE HZ   H N N 250 
PHE HXT  H N N 251 
PO4 P    P N N 252 
PO4 O1   O N N 253 
PO4 O2   O N N 254 
PO4 O3   O N N 255 
PO4 O4   O N N 256 
PRO N    N N N 257 
PRO CA   C N S 258 
PRO C    C N N 259 
PRO O    O N N 260 
PRO CB   C N N 261 
PRO CG   C N N 262 
PRO CD   C N N 263 
PRO OXT  O N N 264 
PRO H    H N N 265 
PRO HA   H N N 266 
PRO HB2  H N N 267 
PRO HB3  H N N 268 
PRO HG2  H N N 269 
PRO HG3  H N N 270 
PRO HD2  H N N 271 
PRO HD3  H N N 272 
PRO HXT  H N N 273 
SER N    N N N 274 
SER CA   C N S 275 
SER C    C N N 276 
SER O    O N N 277 
SER CB   C N N 278 
SER OG   O N N 279 
SER OXT  O N N 280 
SER H    H N N 281 
SER H2   H N N 282 
SER HA   H N N 283 
SER HB2  H N N 284 
SER HB3  H N N 285 
SER HG   H N N 286 
SER HXT  H N N 287 
THR N    N N N 288 
THR CA   C N S 289 
THR C    C N N 290 
THR O    O N N 291 
THR CB   C N R 292 
THR OG1  O N N 293 
THR CG2  C N N 294 
THR OXT  O N N 295 
THR H    H N N 296 
THR H2   H N N 297 
THR HA   H N N 298 
THR HB   H N N 299 
THR HG1  H N N 300 
THR HG21 H N N 301 
THR HG22 H N N 302 
THR HG23 H N N 303 
THR HXT  H N N 304 
TRP N    N N N 305 
TRP CA   C N S 306 
TRP C    C N N 307 
TRP O    O N N 308 
TRP CB   C N N 309 
TRP CG   C Y N 310 
TRP CD1  C Y N 311 
TRP CD2  C Y N 312 
TRP NE1  N Y N 313 
TRP CE2  C Y N 314 
TRP CE3  C Y N 315 
TRP CZ2  C Y N 316 
TRP CZ3  C Y N 317 
TRP CH2  C Y N 318 
TRP OXT  O N N 319 
TRP H    H N N 320 
TRP H2   H N N 321 
TRP HA   H N N 322 
TRP HB2  H N N 323 
TRP HB3  H N N 324 
TRP HD1  H N N 325 
TRP HE1  H N N 326 
TRP HE3  H N N 327 
TRP HZ2  H N N 328 
TRP HZ3  H N N 329 
TRP HH2  H N N 330 
TRP HXT  H N N 331 
TYR N    N N N 332 
TYR CA   C N S 333 
TYR C    C N N 334 
TYR O    O N N 335 
TYR CB   C N N 336 
TYR CG   C Y N 337 
TYR CD1  C Y N 338 
TYR CD2  C Y N 339 
TYR CE1  C Y N 340 
TYR CE2  C Y N 341 
TYR CZ   C Y N 342 
TYR OH   O N N 343 
TYR OXT  O N N 344 
TYR H    H N N 345 
TYR H2   H N N 346 
TYR HA   H N N 347 
TYR HB2  H N N 348 
TYR HB3  H N N 349 
TYR HD1  H N N 350 
TYR HD2  H N N 351 
TYR HE1  H N N 352 
TYR HE2  H N N 353 
TYR HH   H N N 354 
TYR HXT  H N N 355 
VAL N    N N N 356 
VAL CA   C N S 357 
VAL C    C N N 358 
VAL O    O N N 359 
VAL CB   C N N 360 
VAL CG1  C N N 361 
VAL CG2  C N N 362 
VAL OXT  O N N 363 
VAL H    H N N 364 
VAL H2   H N N 365 
VAL HA   H N N 366 
VAL HB   H N N 367 
VAL HG11 H N N 368 
VAL HG12 H N N 369 
VAL HG13 H N N 370 
VAL HG21 H N N 371 
VAL HG22 H N N 372 
VAL HG23 H N N 373 
VAL HXT  H N N 374 
# 
loop_
_chem_comp_bond.comp_id 
_chem_comp_bond.atom_id_1 
_chem_comp_bond.atom_id_2 
_chem_comp_bond.value_order 
_chem_comp_bond.pdbx_aromatic_flag 
_chem_comp_bond.pdbx_stereo_config 
_chem_comp_bond.pdbx_ordinal 
ALA N   CA   sing N N 1   
ALA N   H    sing N N 2   
ALA N   H2   sing N N 3   
ALA CA  C    sing N N 4   
ALA CA  CB   sing N N 5   
ALA CA  HA   sing N N 6   
ALA C   O    doub N N 7   
ALA C   OXT  sing N N 8   
ALA CB  HB1  sing N N 9   
ALA CB  HB2  sing N N 10  
ALA CB  HB3  sing N N 11  
ALA OXT HXT  sing N N 12  
ARG N   CA   sing N N 13  
ARG N   H    sing N N 14  
ARG N   H2   sing N N 15  
ARG CA  C    sing N N 16  
ARG CA  CB   sing N N 17  
ARG CA  HA   sing N N 18  
ARG C   O    doub N N 19  
ARG C   OXT  sing N N 20  
ARG CB  CG   sing N N 21  
ARG CB  HB2  sing N N 22  
ARG CB  HB3  sing N N 23  
ARG CG  CD   sing N N 24  
ARG CG  HG2  sing N N 25  
ARG CG  HG3  sing N N 26  
ARG CD  NE   sing N N 27  
ARG CD  HD2  sing N N 28  
ARG CD  HD3  sing N N 29  
ARG NE  CZ   sing N N 30  
ARG NE  HE   sing N N 31  
ARG CZ  NH1  sing N N 32  
ARG CZ  NH2  doub N N 33  
ARG NH1 HH11 sing N N 34  
ARG NH1 HH12 sing N N 35  
ARG NH2 HH21 sing N N 36  
ARG NH2 HH22 sing N N 37  
ARG OXT HXT  sing N N 38  
ASN N   CA   sing N N 39  
ASN N   H    sing N N 40  
ASN N   H2   sing N N 41  
ASN CA  C    sing N N 42  
ASN CA  CB   sing N N 43  
ASN CA  HA   sing N N 44  
ASN C   O    doub N N 45  
ASN C   OXT  sing N N 46  
ASN CB  CG   sing N N 47  
ASN CB  HB2  sing N N 48  
ASN CB  HB3  sing N N 49  
ASN CG  OD1  doub N N 50  
ASN CG  ND2  sing N N 51  
ASN ND2 HD21 sing N N 52  
ASN ND2 HD22 sing N N 53  
ASN OXT HXT  sing N N 54  
ASP N   CA   sing N N 55  
ASP N   H    sing N N 56  
ASP N   H2   sing N N 57  
ASP CA  C    sing N N 58  
ASP CA  CB   sing N N 59  
ASP CA  HA   sing N N 60  
ASP C   O    doub N N 61  
ASP C   OXT  sing N N 62  
ASP CB  CG   sing N N 63  
ASP CB  HB2  sing N N 64  
ASP CB  HB3  sing N N 65  
ASP CG  OD1  doub N N 66  
ASP CG  OD2  sing N N 67  
ASP OD2 HD2  sing N N 68  
ASP OXT HXT  sing N N 69  
CYS N   CA   sing N N 70  
CYS N   H    sing N N 71  
CYS N   H2   sing N N 72  
CYS CA  C    sing N N 73  
CYS CA  CB   sing N N 74  
CYS CA  HA   sing N N 75  
CYS C   O    doub N N 76  
CYS C   OXT  sing N N 77  
CYS CB  SG   sing N N 78  
CYS CB  HB2  sing N N 79  
CYS CB  HB3  sing N N 80  
CYS SG  HG   sing N N 81  
CYS OXT HXT  sing N N 82  
GLN N   CA   sing N N 83  
GLN N   H    sing N N 84  
GLN N   H2   sing N N 85  
GLN CA  C    sing N N 86  
GLN CA  CB   sing N N 87  
GLN CA  HA   sing N N 88  
GLN C   O    doub N N 89  
GLN C   OXT  sing N N 90  
GLN CB  CG   sing N N 91  
GLN CB  HB2  sing N N 92  
GLN CB  HB3  sing N N 93  
GLN CG  CD   sing N N 94  
GLN CG  HG2  sing N N 95  
GLN CG  HG3  sing N N 96  
GLN CD  OE1  doub N N 97  
GLN CD  NE2  sing N N 98  
GLN NE2 HE21 sing N N 99  
GLN NE2 HE22 sing N N 100 
GLN OXT HXT  sing N N 101 
GLU N   CA   sing N N 102 
GLU N   H    sing N N 103 
GLU N   H2   sing N N 104 
GLU CA  C    sing N N 105 
GLU CA  CB   sing N N 106 
GLU CA  HA   sing N N 107 
GLU C   O    doub N N 108 
GLU C   OXT  sing N N 109 
GLU CB  CG   sing N N 110 
GLU CB  HB2  sing N N 111 
GLU CB  HB3  sing N N 112 
GLU CG  CD   sing N N 113 
GLU CG  HG2  sing N N 114 
GLU CG  HG3  sing N N 115 
GLU CD  OE1  doub N N 116 
GLU CD  OE2  sing N N 117 
GLU OE2 HE2  sing N N 118 
GLU OXT HXT  sing N N 119 
GLY N   CA   sing N N 120 
GLY N   H    sing N N 121 
GLY N   H2   sing N N 122 
GLY CA  C    sing N N 123 
GLY CA  HA2  sing N N 124 
GLY CA  HA3  sing N N 125 
GLY C   O    doub N N 126 
GLY C   OXT  sing N N 127 
GLY OXT HXT  sing N N 128 
HOH O   H1   sing N N 129 
HOH O   H2   sing N N 130 
ILE N   CA   sing N N 131 
ILE N   H    sing N N 132 
ILE N   H2   sing N N 133 
ILE CA  C    sing N N 134 
ILE CA  CB   sing N N 135 
ILE CA  HA   sing N N 136 
ILE C   O    doub N N 137 
ILE C   OXT  sing N N 138 
ILE CB  CG1  sing N N 139 
ILE CB  CG2  sing N N 140 
ILE CB  HB   sing N N 141 
ILE CG1 CD1  sing N N 142 
ILE CG1 HG12 sing N N 143 
ILE CG1 HG13 sing N N 144 
ILE CG2 HG21 sing N N 145 
ILE CG2 HG22 sing N N 146 
ILE CG2 HG23 sing N N 147 
ILE CD1 HD11 sing N N 148 
ILE CD1 HD12 sing N N 149 
ILE CD1 HD13 sing N N 150 
ILE OXT HXT  sing N N 151 
LEU N   CA   sing N N 152 
LEU N   H    sing N N 153 
LEU N   H2   sing N N 154 
LEU CA  C    sing N N 155 
LEU CA  CB   sing N N 156 
LEU CA  HA   sing N N 157 
LEU C   O    doub N N 158 
LEU C   OXT  sing N N 159 
LEU CB  CG   sing N N 160 
LEU CB  HB2  sing N N 161 
LEU CB  HB3  sing N N 162 
LEU CG  CD1  sing N N 163 
LEU CG  CD2  sing N N 164 
LEU CG  HG   sing N N 165 
LEU CD1 HD11 sing N N 166 
LEU CD1 HD12 sing N N 167 
LEU CD1 HD13 sing N N 168 
LEU CD2 HD21 sing N N 169 
LEU CD2 HD22 sing N N 170 
LEU CD2 HD23 sing N N 171 
LEU OXT HXT  sing N N 172 
LYS N   CA   sing N N 173 
LYS N   H    sing N N 174 
LYS N   H2   sing N N 175 
LYS CA  C    sing N N 176 
LYS CA  CB   sing N N 177 
LYS CA  HA   sing N N 178 
LYS C   O    doub N N 179 
LYS C   OXT  sing N N 180 
LYS CB  CG   sing N N 181 
LYS CB  HB2  sing N N 182 
LYS CB  HB3  sing N N 183 
LYS CG  CD   sing N N 184 
LYS CG  HG2  sing N N 185 
LYS CG  HG3  sing N N 186 
LYS CD  CE   sing N N 187 
LYS CD  HD2  sing N N 188 
LYS CD  HD3  sing N N 189 
LYS CE  NZ   sing N N 190 
LYS CE  HE2  sing N N 191 
LYS CE  HE3  sing N N 192 
LYS NZ  HZ1  sing N N 193 
LYS NZ  HZ2  sing N N 194 
LYS NZ  HZ3  sing N N 195 
LYS OXT HXT  sing N N 196 
MET N   CA   sing N N 197 
MET N   H    sing N N 198 
MET N   H2   sing N N 199 
MET CA  C    sing N N 200 
MET CA  CB   sing N N 201 
MET CA  HA   sing N N 202 
MET C   O    doub N N 203 
MET C   OXT  sing N N 204 
MET CB  CG   sing N N 205 
MET CB  HB2  sing N N 206 
MET CB  HB3  sing N N 207 
MET CG  SD   sing N N 208 
MET CG  HG2  sing N N 209 
MET CG  HG3  sing N N 210 
MET SD  CE   sing N N 211 
MET CE  HE1  sing N N 212 
MET CE  HE2  sing N N 213 
MET CE  HE3  sing N N 214 
MET OXT HXT  sing N N 215 
PHE N   CA   sing N N 216 
PHE N   H    sing N N 217 
PHE N   H2   sing N N 218 
PHE CA  C    sing N N 219 
PHE CA  CB   sing N N 220 
PHE CA  HA   sing N N 221 
PHE C   O    doub N N 222 
PHE C   OXT  sing N N 223 
PHE CB  CG   sing N N 224 
PHE CB  HB2  sing N N 225 
PHE CB  HB3  sing N N 226 
PHE CG  CD1  doub Y N 227 
PHE CG  CD2  sing Y N 228 
PHE CD1 CE1  sing Y N 229 
PHE CD1 HD1  sing N N 230 
PHE CD2 CE2  doub Y N 231 
PHE CD2 HD2  sing N N 232 
PHE CE1 CZ   doub Y N 233 
PHE CE1 HE1  sing N N 234 
PHE CE2 CZ   sing Y N 235 
PHE CE2 HE2  sing N N 236 
PHE CZ  HZ   sing N N 237 
PHE OXT HXT  sing N N 238 
PO4 P   O1   doub N N 239 
PO4 P   O2   sing N N 240 
PO4 P   O3   sing N N 241 
PO4 P   O4   sing N N 242 
PRO N   CA   sing N N 243 
PRO N   CD   sing N N 244 
PRO N   H    sing N N 245 
PRO CA  C    sing N N 246 
PRO CA  CB   sing N N 247 
PRO CA  HA   sing N N 248 
PRO C   O    doub N N 249 
PRO C   OXT  sing N N 250 
PRO CB  CG   sing N N 251 
PRO CB  HB2  sing N N 252 
PRO CB  HB3  sing N N 253 
PRO CG  CD   sing N N 254 
PRO CG  HG2  sing N N 255 
PRO CG  HG3  sing N N 256 
PRO CD  HD2  sing N N 257 
PRO CD  HD3  sing N N 258 
PRO OXT HXT  sing N N 259 
SER N   CA   sing N N 260 
SER N   H    sing N N 261 
SER N   H2   sing N N 262 
SER CA  C    sing N N 263 
SER CA  CB   sing N N 264 
SER CA  HA   sing N N 265 
SER C   O    doub N N 266 
SER C   OXT  sing N N 267 
SER CB  OG   sing N N 268 
SER CB  HB2  sing N N 269 
SER CB  HB3  sing N N 270 
SER OG  HG   sing N N 271 
SER OXT HXT  sing N N 272 
THR N   CA   sing N N 273 
THR N   H    sing N N 274 
THR N   H2   sing N N 275 
THR CA  C    sing N N 276 
THR CA  CB   sing N N 277 
THR CA  HA   sing N N 278 
THR C   O    doub N N 279 
THR C   OXT  sing N N 280 
THR CB  OG1  sing N N 281 
THR CB  CG2  sing N N 282 
THR CB  HB   sing N N 283 
THR OG1 HG1  sing N N 284 
THR CG2 HG21 sing N N 285 
THR CG2 HG22 sing N N 286 
THR CG2 HG23 sing N N 287 
THR OXT HXT  sing N N 288 
TRP N   CA   sing N N 289 
TRP N   H    sing N N 290 
TRP N   H2   sing N N 291 
TRP CA  C    sing N N 292 
TRP CA  CB   sing N N 293 
TRP CA  HA   sing N N 294 
TRP C   O    doub N N 295 
TRP C   OXT  sing N N 296 
TRP CB  CG   sing N N 297 
TRP CB  HB2  sing N N 298 
TRP CB  HB3  sing N N 299 
TRP CG  CD1  doub Y N 300 
TRP CG  CD2  sing Y N 301 
TRP CD1 NE1  sing Y N 302 
TRP CD1 HD1  sing N N 303 
TRP CD2 CE2  doub Y N 304 
TRP CD2 CE3  sing Y N 305 
TRP NE1 CE2  sing Y N 306 
TRP NE1 HE1  sing N N 307 
TRP CE2 CZ2  sing Y N 308 
TRP CE3 CZ3  doub Y N 309 
TRP CE3 HE3  sing N N 310 
TRP CZ2 CH2  doub Y N 311 
TRP CZ2 HZ2  sing N N 312 
TRP CZ3 CH2  sing Y N 313 
TRP CZ3 HZ3  sing N N 314 
TRP CH2 HH2  sing N N 315 
TRP OXT HXT  sing N N 316 
TYR N   CA   sing N N 317 
TYR N   H    sing N N 318 
TYR N   H2   sing N N 319 
TYR CA  C    sing N N 320 
TYR CA  CB   sing N N 321 
TYR CA  HA   sing N N 322 
TYR C   O    doub N N 323 
TYR C   OXT  sing N N 324 
TYR CB  CG   sing N N 325 
TYR CB  HB2  sing N N 326 
TYR CB  HB3  sing N N 327 
TYR CG  CD1  doub Y N 328 
TYR CG  CD2  sing Y N 329 
TYR CD1 CE1  sing Y N 330 
TYR CD1 HD1  sing N N 331 
TYR CD2 CE2  doub Y N 332 
TYR CD2 HD2  sing N N 333 
TYR CE1 CZ   doub Y N 334 
TYR CE1 HE1  sing N N 335 
TYR CE2 CZ   sing Y N 336 
TYR CE2 HE2  sing N N 337 
TYR CZ  OH   sing N N 338 
TYR OH  HH   sing N N 339 
TYR OXT HXT  sing N N 340 
VAL N   CA   sing N N 341 
VAL N   H    sing N N 342 
VAL N   H2   sing N N 343 
VAL CA  C    sing N N 344 
VAL CA  CB   sing N N 345 
VAL CA  HA   sing N N 346 
VAL C   O    doub N N 347 
VAL C   OXT  sing N N 348 
VAL CB  CG1  sing N N 349 
VAL CB  CG2  sing N N 350 
VAL CB  HB   sing N N 351 
VAL CG1 HG11 sing N N 352 
VAL CG1 HG12 sing N N 353 
VAL CG1 HG13 sing N N 354 
VAL CG2 HG21 sing N N 355 
VAL CG2 HG22 sing N N 356 
VAL CG2 HG23 sing N N 357 
VAL OXT HXT  sing N N 358 
# 
_atom_sites.entry_id                    2NNF 
_atom_sites.fract_transf_matrix[1][1]   -0.02269476 
_atom_sites.fract_transf_matrix[1][2]   -0.00337424 
_atom_sites.fract_transf_matrix[1][3]   0.00800327 
_atom_sites.fract_transf_matrix[2][1]   -0.00293077 
_atom_sites.fract_transf_matrix[2][2]   0.00290056 
_atom_sites.fract_transf_matrix[2][3]   -0.00708783 
_atom_sites.fract_transf_matrix[3][1]   0.00003629 
_atom_sites.fract_transf_matrix[3][2]   -0.00952734 
_atom_sites.fract_transf_matrix[3][3]   -0.00391388 
_atom_sites.fract_transf_vector[1]      0.125671 
_atom_sites.fract_transf_vector[2]      0.388917 
_atom_sites.fract_transf_vector[3]      0.412793 
# 
loop_
_atom_type.symbol 
C 
N 
O 
P 
S 
# 
loop_
_atom_site.group_PDB 
_atom_site.id 
_atom_site.type_symbol 
_atom_site.label_atom_id 
_atom_site.label_alt_id 
_atom_site.label_comp_id 
_atom_site.label_asym_id 
_atom_site.label_entity_id 
_atom_site.label_seq_id 
_atom_site.pdbx_PDB_ins_code 
_atom_site.Cartn_x 
_atom_site.Cartn_y 
_atom_site.Cartn_z 
_atom_site.occupancy 
_atom_site.B_iso_or_equiv 
_atom_site.pdbx_formal_charge 
_atom_site.auth_seq_id 
_atom_site.auth_comp_id 
_atom_site.auth_asym_id 
_atom_site.auth_atom_id 
_atom_site.pdbx_PDB_model_num 
ATOM   1    N N   . SER A 1 10  ? -21.915 4.643   -15.119 1.00 46.15 ? 8    SER A N   1 
ATOM   2    C CA  . SER A 1 10  ? -21.015 5.641   -14.464 1.00 46.21 ? 8    SER A CA  1 
ATOM   3    C C   . SER A 1 10  ? -20.965 5.402   -12.953 1.00 46.53 ? 8    SER A C   1 
ATOM   4    O O   . SER A 1 10  ? -19.932 4.983   -12.421 1.00 46.46 ? 8    SER A O   1 
ATOM   5    C CB  . SER A 1 10  ? -21.462 7.076   -14.778 1.00 46.19 ? 8    SER A CB  1 
ATOM   6    O OG  . SER A 1 10  ? -20.658 8.028   -14.102 1.00 45.72 ? 8    SER A OG  1 
ATOM   7    N N   . ALA A 1 11  ? -22.082 5.670   -12.273 1.00 46.70 ? 9    ALA A N   1 
ATOM   8    C CA  . ALA A 1 11  ? -22.232 5.322   -10.856 1.00 46.84 ? 9    ALA A CA  1 
ATOM   9    C C   . ALA A 1 11  ? -22.402 3.818   -10.727 1.00 46.91 ? 9    ALA A C   1 
ATOM   10   O O   . ALA A 1 11  ? -21.820 3.196   -9.836  1.00 47.18 ? 9    ALA A O   1 
ATOM   11   C CB  . ALA A 1 11  ? -23.429 6.036   -10.252 1.00 46.91 ? 9    ALA A CB  1 
ATOM   12   N N   . SER A 1 12  ? -23.200 3.245   -11.632 1.00 46.98 ? 10   SER A N   1 
ATOM   13   C CA  . SER A 1 12  ? -23.394 1.789   -11.731 1.00 46.85 ? 10   SER A CA  1 
ATOM   14   C C   . SER A 1 12  ? -22.071 1.055   -11.845 1.00 46.43 ? 10   SER A C   1 
ATOM   15   O O   . SER A 1 12  ? -21.831 0.113   -11.095 1.00 46.43 ? 10   SER A O   1 
ATOM   16   C CB  . SER A 1 12  ? -24.267 1.449   -12.941 1.00 46.95 ? 10   SER A CB  1 
ATOM   17   O OG  . SER A 1 12  ? -25.225 2.474   -13.164 1.00 47.51 ? 10   SER A OG  1 
ATOM   18   N N   . LYS A 1 13  ? -21.216 1.502   -12.768 1.00 46.38 ? 11   LYS A N   1 
ATOM   19   C CA  . LYS A 1 13  ? -19.883 0.897   -12.966 1.00 46.31 ? 11   LYS A CA  1 
ATOM   20   C C   . LYS A 1 13  ? -19.029 1.039   -11.727 1.00 46.10 ? 11   LYS A C   1 
ATOM   21   O O   . LYS A 1 13  ? -18.402 0.064   -11.297 1.00 46.17 ? 11   LYS A O   1 
ATOM   22   C CB  . LYS A 1 13  ? -19.142 1.502   -14.168 1.00 46.22 ? 11   LYS A CB  1 
ATOM   23   C CG  . LYS A 1 13  ? -19.871 1.284   -15.494 1.00 46.91 ? 11   LYS A CG  1 
ATOM   24   C CD  . LYS A 1 13  ? -18.956 1.437   -16.710 1.00 46.69 ? 11   LYS A CD  1 
ATOM   25   N N   . LEU A 1 14  ? -19.008 2.236   -11.135 1.00 45.78 ? 12   LEU A N   1 
ATOM   26   C CA  . LEU A 1 14  ? -18.218 2.432   -9.917  1.00 45.58 ? 12   LEU A CA  1 
ATOM   27   C C   . LEU A 1 14  ? -18.663 1.474   -8.809  1.00 45.46 ? 12   LEU A C   1 
ATOM   28   O O   . LEU A 1 14  ? -17.824 0.818   -8.169  1.00 44.77 ? 12   LEU A O   1 
ATOM   29   C CB  . LEU A 1 14  ? -18.295 3.873   -9.402  1.00 45.51 ? 12   LEU A CB  1 
ATOM   30   C CG  . LEU A 1 14  ? -17.488 4.104   -8.113  1.00 46.03 ? 12   LEU A CG  1 
ATOM   31   C CD1 . LEU A 1 14  ? -16.012 3.699   -8.306  1.00 46.93 ? 12   LEU A CD1 1 
ATOM   32   C CD2 . LEU A 1 14  ? -17.579 5.539   -7.602  1.00 45.62 ? 12   LEU A CD2 1 
ATOM   33   N N   . ASP A 1 15  ? -19.980 1.415   -8.584  1.00 44.87 ? 13   ASP A N   1 
ATOM   34   C CA  . ASP A 1 15  ? -20.536 0.573   -7.520  1.00 44.76 ? 13   ASP A CA  1 
ATOM   35   C C   . ASP A 1 15  ? -20.199 -0.889  -7.745  1.00 44.45 ? 13   ASP A C   1 
ATOM   36   O O   . ASP A 1 15  ? -19.934 -1.618  -6.792  1.00 44.43 ? 13   ASP A O   1 
ATOM   37   C CB  . ASP A 1 15  ? -22.056 0.720   -7.415  1.00 44.60 ? 13   ASP A CB  1 
ATOM   38   C CG  . ASP A 1 15  ? -22.487 2.076   -6.894  1.00 46.05 ? 13   ASP A CG  1 
ATOM   39   O OD1 . ASP A 1 15  ? -21.808 2.645   -6.011  1.00 47.23 ? 13   ASP A OD1 1 
ATOM   40   O OD2 . ASP A 1 15  ? -23.529 2.574   -7.368  1.00 48.44 ? 13   ASP A OD2 1 
ATOM   41   N N   . ASP A 1 16  ? -20.223 -1.317  -9.005  1.00 44.36 ? 14   ASP A N   1 
ATOM   42   C CA  . ASP A 1 16  ? -19.874 -2.689  -9.344  1.00 44.12 ? 14   ASP A CA  1 
ATOM   43   C C   . ASP A 1 16  ? -18.414 -2.979  -8.976  1.00 44.32 ? 14   ASP A C   1 
ATOM   44   O O   . ASP A 1 16  ? -18.132 -3.998  -8.346  1.00 44.30 ? 14   ASP A O   1 
ATOM   45   C CB  . ASP A 1 16  ? -20.128 -2.963  -10.830 1.00 44.08 ? 14   ASP A CB  1 
ATOM   46   C CG  . ASP A 1 16  ? -21.597 -2.952  -11.194 1.00 43.29 ? 14   ASP A CG  1 
ATOM   47   O OD1 . ASP A 1 16  ? -22.436 -3.032  -10.280 1.00 45.01 ? 14   ASP A OD1 1 
ATOM   48   O OD2 . ASP A 1 16  ? -21.921 -2.866  -12.398 1.00 41.52 ? 14   ASP A OD2 1 
ATOM   49   N N   . ALA A 1 17  ? -17.500 -2.086  -9.362  1.00 44.46 ? 15   ALA A N   1 
ATOM   50   C CA  . ALA A 1 17  ? -16.072 -2.190  -8.973  1.00 44.91 ? 15   ALA A CA  1 
ATOM   51   C C   . ALA A 1 17  ? -15.889 -2.221  -7.462  1.00 45.20 ? 15   ALA A C   1 
ATOM   52   O O   . ALA A 1 17  ? -15.158 -3.057  -6.933  1.00 46.03 ? 15   ALA A O   1 
ATOM   53   C CB  . ALA A 1 17  ? -15.235 -1.049  -9.575  1.00 44.37 ? 15   ALA A CB  1 
ATOM   54   N N   . ILE A 1 18  ? -16.562 -1.329  -6.762  1.00 45.29 ? 16   ILE A N   1 
ATOM   55   C CA  . ILE A 1 18  ? -16.505 -1.337  -5.306  1.00 45.85 ? 16   ILE A CA  1 
ATOM   56   C C   . ILE A 1 18  ? -17.028 -2.659  -4.729  1.00 46.42 ? 16   ILE A C   1 
ATOM   57   O O   . ILE A 1 18  ? -16.392 -3.238  -3.836  1.00 47.67 ? 16   ILE A O   1 
ATOM   58   C CB  . ILE A 1 18  ? -17.266 -0.138  -4.721  1.00 46.06 ? 16   ILE A CB  1 
ATOM   59   C CG1 . ILE A 1 18  ? -16.441 1.133   -4.939  1.00 45.64 ? 16   ILE A CG1 1 
ATOM   60   C CG2 . ILE A 1 18  ? -17.563 -0.332  -3.234  1.00 46.95 ? 16   ILE A CG2 1 
ATOM   61   C CD1 . ILE A 1 18  ? -17.188 2.399   -4.671  1.00 45.61 ? 16   ILE A CD1 1 
ATOM   62   N N   . ALA A 1 19  ? -18.157 -3.150  -5.246  1.00 45.80 ? 17   ALA A N   1 
ATOM   63   C CA  . ALA A 1 19  ? -18.750 -4.380  -4.748  1.00 45.49 ? 17   ALA A CA  1 
ATOM   64   C C   . ALA A 1 19  ? -17.826 -5.591  -4.942  1.00 45.58 ? 17   ALA A C   1 
ATOM   65   O O   . ALA A 1 19  ? -17.764 -6.471  -4.084  1.00 45.53 ? 17   ALA A O   1 
ATOM   66   C CB  . ALA A 1 19  ? -20.121 -4.621  -5.416  1.00 45.42 ? 17   ALA A CB  1 
ATOM   67   N N   . ALA A 1 20  ? -17.109 -5.631  -6.061  1.00 45.67 ? 18   ALA A N   1 
ATOM   68   C CA  . ALA A 1 20  ? -16.211 -6.749  -6.365  1.00 46.04 ? 18   ALA A CA  1 
ATOM   69   C C   . ALA A 1 20  ? -15.006 -6.793  -5.423  1.00 46.07 ? 18   ALA A C   1 
ATOM   70   O O   . ALA A 1 20  ? -14.471 -7.859  -5.156  1.00 46.48 ? 18   ALA A O   1 
ATOM   71   C CB  . ALA A 1 20  ? -15.730 -6.682  -7.817  1.00 46.12 ? 18   ALA A CB  1 
ATOM   72   N N   . LYS A 1 21  ? -14.572 -5.632  -4.946  1.00 45.99 ? 19   LYS A N   1 
ATOM   73   C CA  . LYS A 1 21  ? -13.496 -5.561  -3.975  1.00 45.38 ? 19   LYS A CA  1 
ATOM   74   C C   . LYS A 1 21  ? -13.987 -5.841  -2.555  1.00 45.56 ? 19   LYS A C   1 
ATOM   75   O O   . LYS A 1 21  ? -13.376 -6.620  -1.821  1.00 45.05 ? 19   LYS A O   1 
ATOM   76   C CB  . LYS A 1 21  ? -12.848 -4.186  -4.029  1.00 45.08 ? 19   LYS A CB  1 
ATOM   77   C CG  . LYS A 1 21  ? -11.789 -3.949  -2.955  1.00 45.57 ? 19   LYS A CG  1 
ATOM   78   C CD  . LYS A 1 21  ? -10.608 -4.917  -3.062  1.00 43.33 ? 19   LYS A CD  1 
ATOM   79   C CE  . LYS A 1 21  ? -9.690  -4.735  -1.889  1.00 43.21 ? 19   LYS A CE  1 
ATOM   80   N NZ  . LYS A 1 21  ? -8.500  -5.591  -1.955  1.00 43.18 ? 19   LYS A NZ  1 
ATOM   81   N N   . PHE A 1 22  ? -15.086 -5.199  -2.166  1.00 45.70 ? 20   PHE A N   1 
ATOM   82   C CA  . PHE A 1 22  ? -15.482 -5.147  -0.748  1.00 45.84 ? 20   PHE A CA  1 
ATOM   83   C C   . PHE A 1 22  ? -16.708 -5.946  -0.372  1.00 45.61 ? 20   PHE A C   1 
ATOM   84   O O   . PHE A 1 22  ? -16.912 -6.187  0.810   1.00 45.45 ? 20   PHE A O   1 
ATOM   85   C CB  . PHE A 1 22  ? -15.724 -3.695  -0.317  1.00 45.86 ? 20   PHE A CB  1 
ATOM   86   C CG  . PHE A 1 22  ? -14.492 -2.865  -0.285  1.00 45.62 ? 20   PHE A CG  1 
ATOM   87   C CD1 . PHE A 1 22  ? -14.307 -1.834  -1.197  1.00 47.00 ? 20   PHE A CD1 1 
ATOM   88   C CD2 . PHE A 1 22  ? -13.505 -3.108  0.650   1.00 46.81 ? 20   PHE A CD2 1 
ATOM   89   C CE1 . PHE A 1 22  ? -13.165 -1.047  -1.165  1.00 45.50 ? 20   PHE A CE1 1 
ATOM   90   C CE2 . PHE A 1 22  ? -12.354 -2.333  0.680   1.00 46.65 ? 20   PHE A CE2 1 
ATOM   91   C CZ  . PHE A 1 22  ? -12.198 -1.293  -0.231  1.00 46.38 ? 20   PHE A CZ  1 
ATOM   92   N N   . GLY A 1 23  ? -17.508 -6.343  -1.364  1.00 45.97 ? 21   GLY A N   1 
ATOM   93   C CA  . GLY A 1 23  ? -18.822 -6.936  -1.141  1.00 45.89 ? 21   GLY A CA  1 
ATOM   94   C C   . GLY A 1 23  ? -19.914 -5.905  -0.883  1.00 46.72 ? 21   GLY A C   1 
ATOM   95   O O   . GLY A 1 23  ? -19.816 -4.761  -1.334  1.00 47.22 ? 21   GLY A O   1 
ATOM   96   N N   . SER A 1 24  ? -20.946 -6.314  -0.140  1.00 47.21 ? 22   SER A N   1 
ATOM   97   C CA  . SER A 1 24  ? -22.114 -5.496  0.139   1.00 47.76 ? 22   SER A CA  1 
ATOM   98   C C   . SER A 1 24  ? -22.001 -4.827  1.505   1.00 48.05 ? 22   SER A C   1 
ATOM   99   O O   . SER A 1 24  ? -22.611 -5.282  2.498   1.00 48.70 ? 22   SER A O   1 
ATOM   100  C CB  . SER A 1 24  ? -23.396 -6.355  0.115   1.00 47.87 ? 22   SER A CB  1 
ATOM   101  O OG  . SER A 1 24  ? -23.626 -6.900  -1.173  1.00 48.99 ? 22   SER A OG  1 
ATOM   102  N N   . LEU A 1 25  ? -21.257 -3.732  1.560   1.00 47.75 ? 23   LEU A N   1 
ATOM   103  C CA  . LEU A 1 25  ? -21.108 -3.013  2.810   1.00 47.82 ? 23   LEU A CA  1 
ATOM   104  C C   . LEU A 1 25  ? -21.693 -1.604  2.717   1.00 47.92 ? 23   LEU A C   1 
ATOM   105  O O   . LEU A 1 25  ? -21.684 -0.988  1.641   1.00 48.65 ? 23   LEU A O   1 
ATOM   106  C CB  . LEU A 1 25  ? -19.636 -2.980  3.223   1.00 47.72 ? 23   LEU A CB  1 
ATOM   107  C CG  . LEU A 1 25  ? -18.978 -4.338  3.512   1.00 47.82 ? 23   LEU A CG  1 
ATOM   108  C CD1 . LEU A 1 25  ? -17.496 -4.147  3.817   1.00 48.04 ? 23   LEU A CD1 1 
ATOM   109  C CD2 . LEU A 1 25  ? -19.668 -5.100  4.656   1.00 48.20 ? 23   LEU A CD2 1 
ATOM   110  N N   . PRO A 1 26  ? -22.178 -1.073  3.850   1.00 47.48 ? 24   PRO A N   1 
ATOM   111  C CA  . PRO A 1 26  ? -22.633 0.312   3.813   1.00 47.70 ? 24   PRO A CA  1 
ATOM   112  C C   . PRO A 1 26  ? -21.473 1.229   3.410   1.00 47.62 ? 24   PRO A C   1 
ATOM   113  O O   . PRO A 1 26  ? -20.392 1.104   3.965   1.00 48.04 ? 24   PRO A O   1 
ATOM   114  C CB  . PRO A 1 26  ? -23.053 0.601   5.263   1.00 47.41 ? 24   PRO A CB  1 
ATOM   115  C CG  . PRO A 1 26  ? -23.111 -0.697  5.951   1.00 47.42 ? 24   PRO A CG  1 
ATOM   116  C CD  . PRO A 1 26  ? -22.252 -1.654  5.199   1.00 47.53 ? 24   PRO A CD  1 
ATOM   117  N N   . ILE A 1 27  ? -21.688 2.096   2.426   1.00 47.55 ? 25   ILE A N   1 
ATOM   118  C CA  . ILE A 1 27  ? -20.723 3.149   2.098   1.00 47.98 ? 25   ILE A CA  1 
ATOM   119  C C   . ILE A 1 27  ? -21.262 4.519   2.535   1.00 47.58 ? 25   ILE A C   1 
ATOM   120  O O   . ILE A 1 27  ? -22.461 4.804   2.423   1.00 46.98 ? 25   ILE A O   1 
ATOM   121  C CB  . ILE A 1 27  ? -20.368 3.137   0.588   1.00 48.53 ? 25   ILE A CB  1 
ATOM   122  C CG1 . ILE A 1 27  ? -19.246 4.119   0.288   1.00 48.69 ? 25   ILE A CG1 1 
ATOM   123  C CG2 . ILE A 1 27  ? -21.610 3.458   -0.275  1.00 49.95 ? 25   ILE A CG2 1 
ATOM   124  C CD1 . ILE A 1 27  ? -18.532 3.818   -1.011  1.00 50.65 ? 25   ILE A CD1 1 
ATOM   125  N N   . GLN A 1 28  ? -20.382 5.353   3.081   1.00 47.48 ? 26   GLN A N   1 
ATOM   126  C CA  . GLN A 1 28  ? -20.748 6.735   3.384   1.00 47.57 ? 26   GLN A CA  1 
ATOM   127  C C   . GLN A 1 28  ? -19.593 7.644   3.040   1.00 46.68 ? 26   GLN A C   1 
ATOM   128  O O   . GLN A 1 28  ? -18.449 7.207   3.082   1.00 47.17 ? 26   GLN A O   1 
ATOM   129  C CB  . GLN A 1 28  ? -21.188 6.892   4.847   1.00 47.40 ? 26   GLN A CB  1 
ATOM   130  C CG  . GLN A 1 28  ? -20.104 6.683   5.889   1.00 48.92 ? 26   GLN A CG  1 
ATOM   131  C CD  . GLN A 1 28  ? -20.680 6.545   7.296   1.00 49.70 ? 26   GLN A CD  1 
ATOM   132  O OE1 . GLN A 1 28  ? -21.266 5.516   7.633   1.00 53.76 ? 26   GLN A OE1 1 
ATOM   133  N NE2 . GLN A 1 28  ? -20.510 7.579   8.123   1.00 51.41 ? 26   GLN A NE2 1 
ATOM   134  N N   . GLU A 1 29  ? -19.893 8.892   2.672   1.00 46.19 ? 27   GLU A N   1 
ATOM   135  C CA  . GLU A 1 29  ? -18.860 9.898   2.420   1.00 46.16 ? 27   GLU A CA  1 
ATOM   136  C C   . GLU A 1 29  ? -18.143 10.221  3.720   1.00 45.28 ? 27   GLU A C   1 
ATOM   137  O O   . GLU A 1 29  ? -18.727 10.120  4.803   1.00 45.17 ? 27   GLU A O   1 
ATOM   138  C CB  . GLU A 1 29  ? -19.440 11.204  1.830   1.00 46.60 ? 27   GLU A CB  1 
ATOM   139  C CG  . GLU A 1 29  ? -19.971 11.106  0.384   1.00 48.96 ? 27   GLU A CG  1 
ATOM   140  C CD  . GLU A 1 29  ? -18.890 10.755  -0.671  1.00 51.87 ? 27   GLU A CD  1 
ATOM   141  O OE1 . GLU A 1 29  ? -17.884 11.512  -0.810  1.00 53.01 ? 27   GLU A OE1 1 
ATOM   142  O OE2 . GLU A 1 29  ? -19.079 9.728   -1.374  1.00 52.16 ? 27   GLU A OE2 1 
ATOM   143  N N   . SER A 1 30  ? -16.884 10.629  3.606   1.00 44.29 ? 28   SER A N   1 
ATOM   144  C CA  . SER A 1 30  ? -16.071 10.935  4.775   1.00 43.85 ? 28   SER A CA  1 
ATOM   145  C C   . SER A 1 30  ? -15.030 11.994  4.460   1.00 43.24 ? 28   SER A C   1 
ATOM   146  O O   . SER A 1 30  ? -14.354 11.920  3.453   1.00 42.71 ? 28   SER A O   1 
ATOM   147  C CB  . SER A 1 30  ? -15.378 9.665   5.270   1.00 44.03 ? 28   SER A CB  1 
ATOM   148  O OG  . SER A 1 30  ? -14.365 9.945   6.218   1.00 44.46 ? 28   SER A OG  1 
ATOM   149  N N   . THR A 1 31  ? -14.896 12.976  5.342   1.00 42.99 ? 29   THR A N   1 
ATOM   150  C CA  . THR A 1 31  ? -13.787 13.930  5.249   1.00 42.94 ? 29   THR A CA  1 
ATOM   151  C C   . THR A 1 31  ? -12.517 13.450  5.966   1.00 42.78 ? 29   THR A C   1 
ATOM   152  O O   . THR A 1 31  ? -11.527 14.158  5.962   1.00 42.95 ? 29   THR A O   1 
ATOM   153  C CB  . THR A 1 31  ? -14.187 15.302  5.800   1.00 42.51 ? 29   THR A CB  1 
ATOM   154  O OG1 . THR A 1 31  ? -14.753 15.134  7.096   1.00 42.64 ? 29   THR A OG1 1 
ATOM   155  C CG2 . THR A 1 31  ? -15.189 15.965  4.893   1.00 41.98 ? 29   THR A CG2 1 
ATOM   156  N N   . ALA A 1 32  ? -12.539 12.258  6.563   1.00 42.73 ? 30   ALA A N   1 
ATOM   157  C CA  . ALA A 1 32  ? -11.345 11.665  7.197   1.00 43.36 ? 30   ALA A CA  1 
ATOM   158  C C   . ALA A 1 32  ? -10.450 10.879  6.216   1.00 43.71 ? 30   ALA A C   1 
ATOM   159  O O   . ALA A 1 32  ? -9.669  10.029  6.626   1.00 43.93 ? 30   ALA A O   1 
ATOM   160  C CB  . ALA A 1 32  ? -11.752 10.772  8.389   1.00 43.01 ? 30   ALA A CB  1 
ATOM   161  N N   . ILE A 1 33  ? -10.607 11.169  4.927   1.00 44.23 ? 31   ILE A N   1 
ATOM   162  C CA  . ILE A 1 33  ? -9.799  10.644  3.852   1.00 44.39 ? 31   ILE A CA  1 
ATOM   163  C C   . ILE A 1 33  ? -9.235  11.851  3.127   1.00 44.64 ? 31   ILE A C   1 
ATOM   164  O O   . ILE A 1 33  ? -9.997  12.699  2.700   1.00 44.59 ? 31   ILE A O   1 
ATOM   165  C CB  . ILE A 1 33  ? -10.667 9.838   2.861   1.00 44.50 ? 31   ILE A CB  1 
ATOM   166  C CG1 . ILE A 1 33  ? -11.221 8.584   3.540   1.00 44.27 ? 31   ILE A CG1 1 
ATOM   167  C CG2 . ILE A 1 33  ? -9.857  9.443   1.599   1.00 45.36 ? 31   ILE A CG2 1 
ATOM   168  C CD1 . ILE A 1 33  ? -12.272 7.834   2.715   1.00 44.38 ? 31   ILE A CD1 1 
ATOM   169  N N   . GLN A 1 34  ? -7.910  11.931  2.997   1.00 45.13 ? 32   GLN A N   1 
ATOM   170  C CA  . GLN A 1 34  ? -7.266  13.044  2.288   1.00 45.46 ? 32   GLN A CA  1 
ATOM   171  C C   . GLN A 1 34  ? -6.774  12.630  0.896   1.00 45.22 ? 32   GLN A C   1 
ATOM   172  O O   . GLN A 1 34  ? -6.161  11.576  0.734   1.00 45.19 ? 32   GLN A O   1 
ATOM   173  C CB  . GLN A 1 34  ? -6.108  13.601  3.105   1.00 45.98 ? 32   GLN A CB  1 
ATOM   174  C CG  . GLN A 1 34  ? -6.524  14.186  4.473   1.00 47.08 ? 32   GLN A CG  1 
ATOM   175  N N   . ILE A 1 35  ? -7.081  13.449  -0.106  1.00 44.65 ? 33   ILE A N   1 
ATOM   176  C CA  . ILE A 1 35  ? -6.566  13.266  -1.450  1.00 44.98 ? 33   ILE A CA  1 
ATOM   177  C C   . ILE A 1 35  ? -5.797  14.499  -1.910  1.00 44.95 ? 33   ILE A C   1 
ATOM   178  O O   . ILE A 1 35  ? -6.384  15.555  -2.105  1.00 45.34 ? 33   ILE A O   1 
ATOM   179  C CB  . ILE A 1 35  ? -7.660  12.994  -2.478  1.00 45.07 ? 33   ILE A CB  1 
ATOM   180  C CG1 . ILE A 1 35  ? -8.552  11.831  -2.045  1.00 45.41 ? 33   ILE A CG1 1 
ATOM   181  C CG2 . ILE A 1 35  ? -7.008  12.683  -3.841  1.00 45.40 ? 33   ILE A CG2 1 
ATOM   182  C CD1 . ILE A 1 35  ? -9.784  11.714  -2.881  1.00 46.02 ? 33   ILE A CD1 1 
ATOM   183  N N   . LYS A 1 36  ? -4.485  14.350  -2.095  1.00 44.50 ? 34   LYS A N   1 
ATOM   184  C CA  . LYS A 1 36  ? -3.668  15.420  -2.598  1.00 44.32 ? 34   LYS A CA  1 
ATOM   185  C C   . LYS A 1 36  ? -3.339  15.176  -4.068  1.00 43.49 ? 34   LYS A C   1 
ATOM   186  O O   . LYS A 1 36  ? -2.771  14.158  -4.421  1.00 43.70 ? 34   LYS A O   1 
ATOM   187  C CB  . LYS A 1 36  ? -2.421  15.580  -1.754  1.00 44.05 ? 34   LYS A CB  1 
ATOM   188  C CG  . LYS A 1 36  ? -2.745  15.960  -0.307  1.00 46.36 ? 34   LYS A CG  1 
ATOM   189  C CD  . LYS A 1 36  ? -1.483  16.375  0.515   1.00 46.52 ? 34   LYS A CD  1 
ATOM   190  N N   . ALA A 1 37  ? -3.762  16.111  -4.910  1.00 42.47 ? 35   ALA A N   1 
ATOM   191  C CA  . ALA A 1 37  ? -3.537  16.077  -6.344  1.00 42.26 ? 35   ALA A CA  1 
ATOM   192  C C   . ALA A 1 37  ? -3.653  17.502  -6.848  1.00 42.02 ? 35   ALA A C   1 
ATOM   193  O O   . ALA A 1 37  ? -4.334  18.322  -6.232  1.00 41.37 ? 35   ALA A O   1 
ATOM   194  C CB  . ALA A 1 37  ? -4.576  15.183  -7.051  1.00 42.15 ? 35   ALA A CB  1 
ATOM   195  N N   . PRO A 1 38  ? -2.981  17.821  -7.962  1.00 42.46 ? 36   PRO A N   1 
ATOM   196  C CA  . PRO A 1 38  ? -3.206  19.141  -8.571  1.00 42.55 ? 36   PRO A CA  1 
ATOM   197  C C   . PRO A 1 38  ? -4.653  19.311  -9.022  1.00 42.71 ? 36   PRO A C   1 
ATOM   198  O O   . PRO A 1 38  ? -5.291  18.348  -9.480  1.00 43.07 ? 36   PRO A O   1 
ATOM   199  C CB  . PRO A 1 38  ? -2.280  19.128  -9.785  1.00 42.66 ? 36   PRO A CB  1 
ATOM   200  C CG  . PRO A 1 38  ? -2.040  17.696  -10.060 1.00 42.61 ? 36   PRO A CG  1 
ATOM   201  C CD  . PRO A 1 38  ? -2.008  17.034  -8.729  1.00 42.42 ? 36   PRO A CD  1 
ATOM   202  N N   . GLU A 1 39  ? -5.155  20.521  -8.847  1.00 42.74 ? 37   GLU A N   1 
ATOM   203  C CA  . GLU A 1 39  ? -6.461  20.934  -9.348  1.00 43.88 ? 37   GLU A CA  1 
ATOM   204  C C   . GLU A 1 39  ? -6.590  20.718  -10.868 1.00 42.77 ? 37   GLU A C   1 
ATOM   205  O O   . GLU A 1 39  ? -7.610  20.247  -11.361 1.00 42.25 ? 37   GLU A O   1 
ATOM   206  C CB  . GLU A 1 39  ? -6.665  22.416  -9.008  1.00 43.63 ? 37   GLU A CB  1 
ATOM   207  C CG  . GLU A 1 39  ? -8.056  22.950  -9.276  1.00 45.97 ? 37   GLU A CG  1 
ATOM   208  C CD  . GLU A 1 39  ? -8.213  24.418  -8.856  1.00 47.29 ? 37   GLU A CD  1 
ATOM   209  O OE1 . GLU A 1 39  ? -7.427  24.882  -7.984  1.00 51.82 ? 37   GLU A OE1 1 
ATOM   210  O OE2 . GLU A 1 39  ? -9.116  25.108  -9.402  1.00 52.09 ? 37   GLU A OE2 1 
ATOM   211  N N   . ILE A 1 40  ? -5.539  21.072  -11.595 1.00 42.30 ? 38   ILE A N   1 
ATOM   212  C CA  . ILE A 1 40  ? -5.503  20.921  -13.042 1.00 42.06 ? 38   ILE A CA  1 
ATOM   213  C C   . ILE A 1 40  ? -4.155  20.340  -13.461 1.00 41.60 ? 38   ILE A C   1 
ATOM   214  O O   . ILE A 1 40  ? -3.138  20.540  -12.791 1.00 41.14 ? 38   ILE A O   1 
ATOM   215  C CB  . ILE A 1 40  ? -5.822  22.273  -13.766 1.00 41.89 ? 38   ILE A CB  1 
ATOM   216  C CG1 . ILE A 1 40  ? -5.921  22.098  -15.284 1.00 42.68 ? 38   ILE A CG1 1 
ATOM   217  C CG2 . ILE A 1 40  ? -4.795  23.345  -13.454 1.00 42.53 ? 38   ILE A CG2 1 
ATOM   218  N N   . ALA A 1 41  ? -4.170  19.587  -14.554 1.00 41.48 ? 39   ALA A N   1 
ATOM   219  C CA  . ALA A 1 41  ? -2.971  18.977  -15.116 1.00 41.58 ? 39   ALA A CA  1 
ATOM   220  C C   . ALA A 1 41  ? -2.919  19.102  -16.635 1.00 41.83 ? 39   ALA A C   1 
ATOM   221  O O   . ALA A 1 41  ? -3.923  19.307  -17.300 1.00 41.20 ? 39   ALA A O   1 
ATOM   222  C CB  . ALA A 1 41  ? -2.876  17.523  -14.717 1.00 41.27 ? 39   ALA A CB  1 
ATOM   223  N N   . GLU A 1 42  ? -1.709  18.969  -17.155 1.00 42.75 ? 40   GLU A N   1 
ATOM   224  C CA  . GLU A 1 42  ? -1.461  18.974  -18.584 1.00 44.09 ? 40   GLU A CA  1 
ATOM   225  C C   . GLU A 1 42  ? -1.733  17.597  -19.169 1.00 44.09 ? 40   GLU A C   1 
ATOM   226  O O   . GLU A 1 42  ? -1.459  16.572  -18.534 1.00 43.68 ? 40   GLU A O   1 
ATOM   227  C CB  . GLU A 1 42  ? -0.012  19.357  -18.868 1.00 44.07 ? 40   GLU A CB  1 
ATOM   228  C CG  . GLU A 1 42  ? 0.267   20.837  -18.730 1.00 45.36 ? 40   GLU A CG  1 
ATOM   229  C CD  . GLU A 1 42  ? 1.662   21.211  -19.199 1.00 45.73 ? 40   GLU A CD  1 
ATOM   230  O OE1 . GLU A 1 42  ? 2.508   20.307  -19.377 1.00 48.84 ? 40   GLU A OE1 1 
ATOM   231  O OE2 . GLU A 1 42  ? 1.920   22.412  -19.387 1.00 47.87 ? 40   GLU A OE2 1 
ATOM   232  N N   . ASN A 1 43  ? -2.262  17.584  -20.387 1.00 44.35 ? 41   ASN A N   1 
ATOM   233  C CA  . ASN A 1 43  ? -2.503  16.337  -21.089 1.00 45.00 ? 41   ASN A CA  1 
ATOM   234  C C   . ASN A 1 43  ? -1.195  15.558  -21.225 1.00 44.74 ? 41   ASN A C   1 
ATOM   235  O O   . ASN A 1 43  ? -0.183  16.104  -21.665 1.00 44.03 ? 41   ASN A O   1 
ATOM   236  C CB  . ASN A 1 43  ? -3.119  16.585  -22.480 1.00 45.35 ? 41   ASN A CB  1 
ATOM   237  C CG  . ASN A 1 43  ? -4.233  15.606  -22.798 1.00 46.99 ? 41   ASN A CG  1 
ATOM   238  O OD1 . ASN A 1 43  ? -5.347  15.723  -22.287 1.00 50.17 ? 41   ASN A OD1 1 
ATOM   239  N ND2 . ASN A 1 43  ? -3.929  14.618  -23.622 1.00 47.70 ? 41   ASN A ND2 1 
ATOM   240  N N   . GLY A 1 44  ? -1.215  14.297  -20.808 1.00 44.87 ? 42   GLY A N   1 
ATOM   241  C CA  . GLY A 1 44  ? -0.045  13.435  -20.946 1.00 45.12 ? 42   GLY A CA  1 
ATOM   242  C C   . GLY A 1 44  ? 0.940   13.526  -19.795 1.00 45.12 ? 42   GLY A C   1 
ATOM   243  O O   . GLY A 1 44  ? 1.878   12.731  -19.709 1.00 45.48 ? 42   GLY A O   1 
ATOM   244  N N   . ALA A 1 45  ? 0.740   14.482  -18.895 1.00 45.11 ? 43   ALA A N   1 
ATOM   245  C CA  . ALA A 1 45  ? 1.650   14.652  -17.768 1.00 44.95 ? 43   ALA A CA  1 
ATOM   246  C C   . ALA A 1 45  ? 1.408   13.575  -16.716 1.00 44.68 ? 43   ALA A C   1 
ATOM   247  O O   . ALA A 1 45  ? 0.293   13.076  -16.571 1.00 44.31 ? 43   ALA A O   1 
ATOM   248  C CB  . ALA A 1 45  ? 1.494   16.031  -17.168 1.00 44.95 ? 43   ALA A CB  1 
ATOM   249  N N   . PHE A 1 46  ? 2.479   13.213  -16.013 1.00 44.93 ? 44   PHE A N   1 
ATOM   250  C CA  . PHE A 1 46  ? 2.404   12.359  -14.829 1.00 45.49 ? 44   PHE A CA  1 
ATOM   251  C C   . PHE A 1 46  ? 2.008   13.215  -13.637 1.00 45.38 ? 44   PHE A C   1 
ATOM   252  O O   . PHE A 1 46  ? 2.678   14.191  -13.303 1.00 46.14 ? 44   PHE A O   1 
ATOM   253  C CB  . PHE A 1 46  ? 3.751   11.689  -14.534 1.00 45.91 ? 44   PHE A CB  1 
ATOM   254  C CG  . PHE A 1 46  ? 3.998   10.430  -15.320 1.00 46.31 ? 44   PHE A CG  1 
ATOM   255  C CD1 . PHE A 1 46  ? 4.773   10.451  -16.477 1.00 47.14 ? 44   PHE A CD1 1 
ATOM   256  C CD2 . PHE A 1 46  ? 3.464   9.224   -14.894 1.00 47.87 ? 44   PHE A CD2 1 
ATOM   257  C CE1 . PHE A 1 46  ? 5.014   9.290   -17.197 1.00 47.23 ? 44   PHE A CE1 1 
ATOM   258  C CE2 . PHE A 1 46  ? 3.704   8.050   -15.604 1.00 48.69 ? 44   PHE A CE2 1 
ATOM   259  C CZ  . PHE A 1 46  ? 4.477   8.083   -16.755 1.00 47.46 ? 44   PHE A CZ  1 
ATOM   260  N N   . VAL A 1 47  ? 0.933   12.832  -12.979 1.00 45.13 ? 45   VAL A N   1 
ATOM   261  C CA  . VAL A 1 47  ? 0.353   13.627  -11.906 1.00 44.69 ? 45   VAL A CA  1 
ATOM   262  C C   . VAL A 1 47  ? 0.713   12.959  -10.583 1.00 43.78 ? 45   VAL A C   1 
ATOM   263  O O   . VAL A 1 47  ? 0.409   11.782  -10.410 1.00 43.43 ? 45   VAL A O   1 
ATOM   264  C CB  . VAL A 1 47  ? -1.206  13.724  -12.112 1.00 44.88 ? 45   VAL A CB  1 
ATOM   265  C CG1 . VAL A 1 47  ? -1.910  14.290  -10.916 1.00 45.70 ? 45   VAL A CG1 1 
ATOM   266  C CG2 . VAL A 1 47  ? -1.502  14.611  -13.308 1.00 46.40 ? 45   VAL A CG2 1 
ATOM   267  N N   . PRO A 1 48  ? 1.359   13.696  -9.656  1.00 42.70 ? 46   PRO A N   1 
ATOM   268  C CA  . PRO A 1 48  ? 1.524   13.156  -8.313  1.00 43.01 ? 46   PRO A CA  1 
ATOM   269  C C   . PRO A 1 48  ? 0.183   13.088  -7.595  1.00 42.70 ? 46   PRO A C   1 
ATOM   270  O O   . PRO A 1 48  ? -0.595  14.033  -7.663  1.00 43.08 ? 46   PRO A O   1 
ATOM   271  C CB  . PRO A 1 48  ? 2.484   14.129  -7.615  1.00 43.07 ? 46   PRO A CB  1 
ATOM   272  C CG  . PRO A 1 48  ? 2.719   15.253  -8.550  1.00 43.01 ? 46   PRO A CG  1 
ATOM   273  C CD  . PRO A 1 48  ? 1.948   15.033  -9.810  1.00 43.21 ? 46   PRO A CD  1 
ATOM   274  N N   . VAL A 1 49  ? -0.099  11.947  -6.987  1.00 42.43 ? 47   VAL A N   1 
ATOM   275  C CA  . VAL A 1 49  ? -1.314  11.739  -6.199  1.00 42.95 ? 47   VAL A CA  1 
ATOM   276  C C   . VAL A 1 49  ? -0.921  11.091  -4.872  1.00 43.02 ? 47   VAL A C   1 
ATOM   277  O O   . VAL A 1 49  ? -0.168  10.123  -4.841  1.00 42.21 ? 47   VAL A O   1 
ATOM   278  C CB  . VAL A 1 49  ? -2.336  10.834  -6.936  1.00 42.75 ? 47   VAL A CB  1 
ATOM   279  C CG1 . VAL A 1 49  ? -3.518  10.500  -6.072  1.00 43.58 ? 47   VAL A CG1 1 
ATOM   280  C CG2 . VAL A 1 49  ? -2.830  11.524  -8.178  1.00 45.56 ? 47   VAL A CG2 1 
ATOM   281  N N   . THR A 1 50  ? -1.426  11.656  -3.786  1.00 43.53 ? 48   THR A N   1 
ATOM   282  C CA  . THR A 1 50  ? -1.237  11.115  -2.447  1.00 44.19 ? 48   THR A CA  1 
ATOM   283  C C   . THR A 1 50  ? -2.605  10.969  -1.796  1.00 44.21 ? 48   THR A C   1 
ATOM   284  O O   . THR A 1 50  ? -3.442  11.884  -1.872  1.00 43.93 ? 48   THR A O   1 
ATOM   285  C CB  . THR A 1 50  ? -0.349  12.028  -1.598  1.00 44.25 ? 48   THR A CB  1 
ATOM   286  O OG1 . THR A 1 50  ? 0.931   12.141  -2.211  1.00 45.30 ? 48   THR A OG1 1 
ATOM   287  C CG2 . THR A 1 50  ? -0.132  11.464  -0.212  1.00 45.72 ? 48   THR A CG2 1 
ATOM   288  N N   . VAL A 1 51  ? -2.836  9.798   -1.206  1.00 44.15 ? 49   VAL A N   1 
ATOM   289  C CA  . VAL A 1 51  ? -4.046  9.540   -0.452  1.00 45.14 ? 49   VAL A CA  1 
ATOM   290  C C   . VAL A 1 51  ? -3.669  9.048   0.946   1.00 44.66 ? 49   VAL A C   1 
ATOM   291  O O   . VAL A 1 51  ? -2.737  8.291   1.103   1.00 44.54 ? 49   VAL A O   1 
ATOM   292  C CB  . VAL A 1 51  ? -5.017  8.528   -1.158  1.00 45.32 ? 49   VAL A CB  1 
ATOM   293  C CG1 . VAL A 1 51  ? -5.225  8.897   -2.603  1.00 47.27 ? 49   VAL A CG1 1 
ATOM   294  C CG2 . VAL A 1 51  ? -4.490  7.130   -1.099  1.00 46.57 ? 49   VAL A CG2 1 
ATOM   295  N N   . ALA A 1 52  ? -4.403  9.508   1.948   1.00 44.93 ? 50   ALA A N   1 
ATOM   296  C CA  . ALA A 1 52  ? -4.170  9.150   3.344   1.00 45.04 ? 50   ALA A CA  1 
ATOM   297  C C   . ALA A 1 52  ? -5.508  9.039   4.051   1.00 45.22 ? 50   ALA A C   1 
ATOM   298  O O   . ALA A 1 52  ? -6.539  9.450   3.517   1.00 46.10 ? 50   ALA A O   1 
ATOM   299  C CB  . ALA A 1 52  ? -3.299  10.175  4.020   1.00 44.24 ? 50   ALA A CB  1 
ATOM   300  N N   . THR A 1 53  ? -5.503  8.434   5.230   1.00 45.51 ? 51   THR A N   1 
ATOM   301  C CA  . THR A 1 53  ? -6.684  8.449   6.082   1.00 45.45 ? 51   THR A CA  1 
ATOM   302  C C   . THR A 1 53  ? -6.310  8.400   7.546   1.00 45.52 ? 51   THR A C   1 
ATOM   303  O O   . THR A 1 53  ? -5.292  7.817   7.924   1.00 45.59 ? 51   THR A O   1 
ATOM   304  C CB  . THR A 1 53  ? -7.644  7.304   5.783   1.00 45.49 ? 51   THR A CB  1 
ATOM   305  O OG1 . THR A 1 53  ? -8.800  7.444   6.607   1.00 44.77 ? 51   THR A OG1 1 
ATOM   306  C CG2 . THR A 1 53  ? -7.006  5.970   6.050   1.00 46.11 ? 51   THR A CG2 1 
ATOM   307  N N   . SER A 1 54  ? -7.147  9.034   8.354   1.00 45.38 ? 52   SER A N   1 
ATOM   308  C CA  . SER A 1 54  ? -6.963  9.056   9.786   1.00 46.09 ? 52   SER A CA  1 
ATOM   309  C C   . SER A 1 54  ? -7.964  8.135   10.484  1.00 45.92 ? 52   SER A C   1 
ATOM   310  O O   . SER A 1 54  ? -7.978  8.063   11.707  1.00 46.58 ? 52   SER A O   1 
ATOM   311  C CB  . SER A 1 54  ? -7.102  10.482  10.312  1.00 45.74 ? 52   SER A CB  1 
ATOM   312  O OG  . SER A 1 54  ? -8.291  11.059  9.816   1.00 47.04 ? 52   SER A OG  1 
ATOM   313  N N   . ILE A 1 55  ? -8.785  7.425   9.715   1.00 45.71 ? 53   ILE A N   1 
ATOM   314  C CA  . ILE A 1 55  ? -9.772  6.517   10.292  1.00 45.45 ? 53   ILE A CA  1 
ATOM   315  C C   . ILE A 1 55  ? -9.029  5.414   11.057  1.00 45.71 ? 53   ILE A C   1 
ATOM   316  O O   . ILE A 1 55  ? -8.177  4.719   10.496  1.00 45.62 ? 53   ILE A O   1 
ATOM   317  C CB  . ILE A 1 55  ? -10.713 5.928   9.216   1.00 45.18 ? 53   ILE A CB  1 
ATOM   318  C CG1 . ILE A 1 55  ? -11.601 7.020   8.638   1.00 44.06 ? 53   ILE A CG1 1 
ATOM   319  C CG2 . ILE A 1 55  ? -11.606 4.836   9.809   1.00 45.49 ? 53   ILE A CG2 1 
ATOM   320  C CD1 . ILE A 1 55  ? -12.205 6.683   7.311   1.00 43.23 ? 53   ILE A CD1 1 
ATOM   321  N N   . PRO A 1 56  ? -9.328  5.268   12.351  1.00 46.24 ? 54   PRO A N   1 
ATOM   322  C CA  . PRO A 1 56  ? -8.507  4.383   13.198  1.00 46.46 ? 54   PRO A CA  1 
ATOM   323  C C   . PRO A 1 56  ? -8.406  2.900   12.784  1.00 46.19 ? 54   PRO A C   1 
ATOM   324  O O   . PRO A 1 56  ? -7.291  2.397   12.583  1.00 46.56 ? 54   PRO A O   1 
ATOM   325  C CB  . PRO A 1 56  ? -9.102  4.550   14.614  1.00 46.48 ? 54   PRO A CB  1 
ATOM   326  C CG  . PRO A 1 56  ? -10.166 5.598   14.528  1.00 46.52 ? 54   PRO A CG  1 
ATOM   327  C CD  . PRO A 1 56  ? -10.389 5.976   13.100  1.00 46.68 ? 54   PRO A CD  1 
ATOM   328  N N   . GLY A 1 57  ? -9.527  2.212   12.623  1.00 45.68 ? 55   GLY A N   1 
ATOM   329  C CA  . GLY A 1 57  ? -9.470  0.789   12.302  1.00 45.30 ? 55   GLY A CA  1 
ATOM   330  C C   . GLY A 1 57  ? -9.539  0.477   10.829  1.00 45.37 ? 55   GLY A C   1 
ATOM   331  O O   . GLY A 1 57  ? -10.128 -0.540  10.441  1.00 45.29 ? 55   GLY A O   1 
ATOM   332  N N   . ALA A 1 58  ? -8.950  1.347   10.003  1.00 45.17 ? 56   ALA A N   1 
ATOM   333  C CA  . ALA A 1 58  ? -8.865  1.106   8.564   1.00 45.17 ? 56   ALA A CA  1 
ATOM   334  C C   . ALA A 1 58  ? -7.976  -0.105  8.328   1.00 44.65 ? 56   ALA A C   1 
ATOM   335  O O   . ALA A 1 58  ? -6.874  -0.169  8.866   1.00 44.97 ? 56   ALA A O   1 
ATOM   336  C CB  . ALA A 1 58  ? -8.289  2.347   7.831   1.00 45.50 ? 56   ALA A CB  1 
ATOM   337  N N   . THR A 1 59  ? -8.480  -1.065  7.557   1.00 44.10 ? 57   THR A N   1 
ATOM   338  C CA  . THR A 1 59  ? -7.718  -2.250  7.140   1.00 43.74 ? 57   THR A CA  1 
ATOM   339  C C   . THR A 1 59  ? -7.467  -2.297  5.606   1.00 43.59 ? 57   THR A C   1 
ATOM   340  O O   . THR A 1 59  ? -6.760  -3.174  5.094   1.00 42.29 ? 57   THR A O   1 
ATOM   341  C CB  . THR A 1 59  ? -8.432  -3.552  7.585   1.00 43.38 ? 57   THR A CB  1 
ATOM   342  O OG1 . THR A 1 59  ? -9.742  -3.599  7.020   1.00 42.96 ? 57   THR A OG1 1 
ATOM   343  C CG2 . THR A 1 59  ? -8.544  -3.627  9.091   1.00 43.44 ? 57   THR A CG2 1 
ATOM   344  N N   . ASN A 1 60  ? -8.067  -1.354  4.886   1.00 44.01 ? 58   ASN A N   1 
ATOM   345  C CA  . ASN A 1 60  ? -7.824  -1.192  3.469   1.00 44.58 ? 58   ASN A CA  1 
ATOM   346  C C   . ASN A 1 60  ? -8.087  0.228   3.030   1.00 45.13 ? 58   ASN A C   1 
ATOM   347  O O   . ASN A 1 60  ? -8.975  0.912   3.547   1.00 45.42 ? 58   ASN A O   1 
ATOM   348  C CB  . ASN A 1 60  ? -8.694  -2.158  2.657   1.00 44.73 ? 58   ASN A CB  1 
ATOM   349  C CG  . ASN A 1 60  ? -8.451  -2.050  1.169   1.00 44.82 ? 58   ASN A CG  1 
ATOM   350  O OD1 . ASN A 1 60  ? -9.027  -1.183  0.497   1.00 45.31 ? 58   ASN A OD1 1 
ATOM   351  N ND2 . ASN A 1 60  ? -7.587  -2.911  0.641   1.00 44.00 ? 58   ASN A ND2 1 
ATOM   352  N N   . ILE A 1 61  ? -7.281  0.664   2.085   1.00 45.43 ? 59   ILE A N   1 
ATOM   353  C CA  . ILE A 1 61  ? -7.513  1.871   1.345   1.00 46.35 ? 59   ILE A CA  1 
ATOM   354  C C   . ILE A 1 61  ? -7.261  1.546   -0.124  1.00 45.22 ? 59   ILE A C   1 
ATOM   355  O O   . ILE A 1 61  ? -6.181  1.079   -0.486  1.00 44.00 ? 59   ILE A O   1 
ATOM   356  C CB  . ILE A 1 61  ? -6.638  3.045   1.843   1.00 46.55 ? 59   ILE A CB  1 
ATOM   357  C CG1 . ILE A 1 61  ? -6.629  4.172   0.820   1.00 49.07 ? 59   ILE A CG1 1 
ATOM   358  C CG2 . ILE A 1 61  ? -5.210  2.641   2.063   1.00 48.47 ? 59   ILE A CG2 1 
ATOM   359  C CD1 . ILE A 1 61  ? -6.020  5.479   1.420   1.00 50.11 ? 59   ILE A CD1 1 
ATOM   360  N N   . SER A 1 62  ? -8.299  1.786   -0.936  1.00 44.74 ? 60   SER A N   1 
ATOM   361  C CA  . SER A 1 62  ? -8.342  1.459   -2.350  1.00 43.99 ? 60   SER A CA  1 
ATOM   362  C C   . SER A 1 62  ? -8.644  2.705   -3.216  1.00 43.60 ? 60   SER A C   1 
ATOM   363  O O   . SER A 1 62  ? -9.417  3.569   -2.834  1.00 43.10 ? 60   SER A O   1 
ATOM   364  C CB  . SER A 1 62  ? -9.397  0.384   -2.576  1.00 43.86 ? 60   SER A CB  1 
ATOM   365  O OG  . SER A 1 62  ? -8.907  -0.874  -2.143  1.00 44.68 ? 60   SER A OG  1 
ATOM   366  N N   . ILE A 1 63  ? -8.042  2.760   -4.398  1.00 43.40 ? 61   ILE A N   1 
ATOM   367  C CA  . ILE A 1 63  ? -8.133  3.921   -5.283  1.00 43.43 ? 61   ILE A CA  1 
ATOM   368  C C   . ILE A 1 63  ? -8.765  3.502   -6.601  1.00 43.11 ? 61   ILE A C   1 
ATOM   369  O O   . ILE A 1 63  ? -8.289  2.597   -7.260  1.00 43.25 ? 61   ILE A O   1 
ATOM   370  C CB  . ILE A 1 63  ? -6.768  4.550   -5.510  1.00 42.83 ? 61   ILE A CB  1 
ATOM   371  C CG1 . ILE A 1 63  ? -6.084  4.809   -4.154  1.00 44.52 ? 61   ILE A CG1 1 
ATOM   372  C CG2 . ILE A 1 63  ? -6.905  5.837   -6.290  1.00 44.01 ? 61   ILE A CG2 1 
ATOM   373  C CD1 . ILE A 1 63  ? -4.669  5.398   -4.257  1.00 44.94 ? 61   ILE A CD1 1 
ATOM   374  N N   . PHE A 1 64  ? -9.864  4.165   -6.958  1.00 43.40 ? 62   PHE A N   1 
ATOM   375  C CA  . PHE A 1 64  ? -10.601 3.867   -8.183  1.00 43.35 ? 62   PHE A CA  1 
ATOM   376  C C   . PHE A 1 64  ? -10.590 5.046   -9.137  1.00 43.50 ? 62   PHE A C   1 
ATOM   377  O O   . PHE A 1 64  ? -10.593 6.201   -8.713  1.00 43.19 ? 62   PHE A O   1 
ATOM   378  C CB  . PHE A 1 64  ? -12.051 3.521   -7.886  1.00 43.22 ? 62   PHE A CB  1 
ATOM   379  C CG  . PHE A 1 64  ? -12.223 2.321   -7.011  1.00 43.97 ? 62   PHE A CG  1 
ATOM   380  C CD1 . PHE A 1 64  ? -12.192 2.446   -5.625  1.00 44.89 ? 62   PHE A CD1 1 
ATOM   381  C CD2 . PHE A 1 64  ? -12.428 1.068   -7.565  1.00 43.62 ? 62   PHE A CD2 1 
ATOM   382  C CE1 . PHE A 1 64  ? -12.356 1.338   -4.825  1.00 44.87 ? 62   PHE A CE1 1 
ATOM   383  C CE2 . PHE A 1 64  ? -12.599 -0.029  -6.774  1.00 42.78 ? 62   PHE A CE2 1 
ATOM   384  C CZ  . PHE A 1 64  ? -12.567 0.103   -5.401  1.00 44.08 ? 62   PHE A CZ  1 
ATOM   385  N N   . THR A 1 65  ? -10.575 4.722   -10.422 1.00 43.69 ? 63   THR A N   1 
ATOM   386  C CA  . THR A 1 65  ? -10.661 5.689   -11.502 1.00 44.57 ? 63   THR A CA  1 
ATOM   387  C C   . THR A 1 65  ? -11.721 5.131   -12.433 1.00 44.76 ? 63   THR A C   1 
ATOM   388  O O   . THR A 1 65  ? -11.399 4.469   -13.403 1.00 44.39 ? 63   THR A O   1 
ATOM   389  C CB  . THR A 1 65  ? -9.322  5.849   -12.237 1.00 44.69 ? 63   THR A CB  1 
ATOM   390  O OG1 . THR A 1 65  ? -8.795  4.554   -12.562 1.00 47.02 ? 63   THR A OG1 1 
ATOM   391  C CG2 . THR A 1 65  ? -8.324  6.530   -11.354 1.00 44.88 ? 63   THR A CG2 1 
ATOM   392  N N   . PRO A 1 66  ? -13.005 5.363   -12.105 1.00 45.39 ? 64   PRO A N   1 
ATOM   393  C CA  . PRO A 1 66  ? -14.116 4.837   -12.880 1.00 45.65 ? 64   PRO A CA  1 
ATOM   394  C C   . PRO A 1 66  ? -14.096 5.176   -14.376 1.00 45.50 ? 64   PRO A C   1 
ATOM   395  O O   . PRO A 1 66  ? -14.673 4.432   -15.160 1.00 45.40 ? 64   PRO A O   1 
ATOM   396  C CB  . PRO A 1 66  ? -15.346 5.466   -12.209 1.00 46.02 ? 64   PRO A CB  1 
ATOM   397  C CG  . PRO A 1 66  ? -14.821 6.621   -11.433 1.00 46.63 ? 64   PRO A CG  1 
ATOM   398  C CD  . PRO A 1 66  ? -13.483 6.159   -10.962 1.00 45.66 ? 64   PRO A CD  1 
ATOM   399  N N   . ALA A 1 67  ? -13.436 6.259   -14.776 1.00 44.99 ? 65   ALA A N   1 
ATOM   400  C CA  . ALA A 1 67  ? -13.403 6.612   -16.202 1.00 45.21 ? 65   ALA A CA  1 
ATOM   401  C C   . ALA A 1 67  ? -12.489 5.722   -17.049 1.00 44.84 ? 65   ALA A C   1 
ATOM   402  O O   . ALA A 1 67  ? -12.500 5.837   -18.262 1.00 45.07 ? 65   ALA A O   1 
ATOM   403  C CB  . ALA A 1 67  ? -12.992 8.071   -16.384 1.00 45.15 ? 65   ALA A CB  1 
ATOM   404  N N   . ASN A 1 68  ? -11.682 4.870   -16.420 1.00 44.36 ? 66   ASN A N   1 
ATOM   405  C CA  . ASN A 1 68  ? -10.620 4.142   -17.130 1.00 44.05 ? 66   ASN A CA  1 
ATOM   406  C C   . ASN A 1 68  ? -10.920 2.670   -17.300 1.00 42.68 ? 66   ASN A C   1 
ATOM   407  O O   . ASN A 1 68  ? -11.805 2.133   -16.638 1.00 42.49 ? 66   ASN A O   1 
ATOM   408  C CB  . ASN A 1 68  ? -9.287  4.329   -16.399 1.00 44.92 ? 66   ASN A CB  1 
ATOM   409  C CG  . ASN A 1 68  ? -8.839  5.797   -16.381 1.00 46.28 ? 66   ASN A CG  1 
ATOM   410  O OD1 . ASN A 1 68  ? -9.395  6.627   -17.104 1.00 49.68 ? 66   ASN A OD1 1 
ATOM   411  N ND2 . ASN A 1 68  ? -7.845  6.117   -15.558 1.00 46.07 ? 66   ASN A ND2 1 
ATOM   412  N N   . PHE A 1 69  ? -10.166 2.035   -18.197 1.00 41.09 ? 67   PHE A N   1 
ATOM   413  C CA  . PHE A 1 69  ? -10.338 0.631   -18.536 1.00 39.91 ? 67   PHE A CA  1 
ATOM   414  C C   . PHE A 1 69  ? -10.214 -0.272  -17.320 1.00 39.76 ? 67   PHE A C   1 
ATOM   415  O O   . PHE A 1 69  ? -10.992 -1.186  -17.153 1.00 38.54 ? 67   PHE A O   1 
ATOM   416  C CB  . PHE A 1 69  ? -9.331  0.215   -19.624 1.00 38.72 ? 67   PHE A CB  1 
ATOM   417  C CG  . PHE A 1 69  ? -9.527  -1.195  -20.125 1.00 37.41 ? 67   PHE A CG  1 
ATOM   418  C CD1 . PHE A 1 69  ? -10.655 -1.535  -20.846 1.00 35.15 ? 67   PHE A CD1 1 
ATOM   419  C CD2 . PHE A 1 69  ? -8.592  -2.180  -19.861 1.00 35.09 ? 67   PHE A CD2 1 
ATOM   420  C CE1 . PHE A 1 69  ? -10.834 -2.821  -21.302 1.00 35.80 ? 67   PHE A CE1 1 
ATOM   421  C CE2 . PHE A 1 69  ? -8.761  -3.470  -20.343 1.00 34.44 ? 67   PHE A CE2 1 
ATOM   422  C CZ  . PHE A 1 69  ? -9.878  -3.795  -21.041 1.00 35.10 ? 67   PHE A CZ  1 
ATOM   423  N N   . SER A 1 70  ? -9.209  -0.011  -16.497 1.00 40.71 ? 68   SER A N   1 
ATOM   424  C CA  . SER A 1 70  ? -9.055  -0.653  -15.201 1.00 41.87 ? 68   SER A CA  1 
ATOM   425  C C   . SER A 1 70  ? -9.563  0.289   -14.119 1.00 42.71 ? 68   SER A C   1 
ATOM   426  O O   . SER A 1 70  ? -8.875  1.204   -13.745 1.00 43.32 ? 68   SER A O   1 
ATOM   427  C CB  . SER A 1 70  ? -7.590  -0.978  -14.934 1.00 42.05 ? 68   SER A CB  1 
ATOM   428  O OG  . SER A 1 70  ? -7.038  -1.699  -16.014 1.00 43.03 ? 68   SER A OG  1 
ATOM   429  N N   . PRO A 1 71  ? -10.782 0.073   -13.611 1.00 44.11 ? 69   PRO A N   1 
ATOM   430  C CA  . PRO A 1 71  ? -11.315 1.030   -12.640 1.00 44.86 ? 69   PRO A CA  1 
ATOM   431  C C   . PRO A 1 71  ? -10.636 1.044   -11.272 1.00 44.91 ? 69   PRO A C   1 
ATOM   432  O O   . PRO A 1 71  ? -10.774 2.025   -10.540 1.00 45.24 ? 69   PRO A O   1 
ATOM   433  C CB  . PRO A 1 71  ? -12.795 0.635   -12.516 1.00 45.19 ? 69   PRO A CB  1 
ATOM   434  C CG  . PRO A 1 71  ? -12.833 -0.790  -12.891 1.00 45.22 ? 69   PRO A CG  1 
ATOM   435  C CD  . PRO A 1 71  ? -11.743 -1.006  -13.911 1.00 44.55 ? 69   PRO A CD  1 
ATOM   436  N N   . MET A 1 72  ? -9.894  0.003   -10.939 1.00 44.73 ? 70   MET A N   1 
ATOM   437  C CA  . MET A 1 72  ? -9.146  -0.012  -9.701  1.00 45.64 ? 70   MET A CA  1 
ATOM   438  C C   . MET A 1 72  ? -7.645  0.075   -9.957  1.00 44.85 ? 70   MET A C   1 
ATOM   439  O O   . MET A 1 72  ? -7.038  -0.775  -10.577 1.00 44.57 ? 70   MET A O   1 
ATOM   440  C CB  . MET A 1 72  ? -9.485  -1.241  -8.875  1.00 45.36 ? 70   MET A CB  1 
ATOM   441  C CG  . MET A 1 72  ? -8.819  -1.247  -7.511  1.00 47.39 ? 70   MET A CG  1 
ATOM   442  S SD  . MET A 1 72  ? -9.333  -2.689  -6.562  1.00 50.47 ? 70   MET A SD  1 
ATOM   443  C CE  . MET A 1 72  ? -10.094 -1.861  -5.271  1.00 50.15 ? 70   MET A CE  1 
ATOM   444  N N   . VAL A 1 73  ? -7.061  1.116   -9.408  1.00 44.91 ? 71   VAL A N   1 
ATOM   445  C CA  . VAL A 1 73  ? -5.666  1.459   -9.609  1.00 45.54 ? 71   VAL A CA  1 
ATOM   446  C C   . VAL A 1 73  ? -4.729  0.826   -8.528  1.00 44.26 ? 71   VAL A C   1 
ATOM   447  O O   . VAL A 1 73  ? -3.611  0.415   -8.814  1.00 43.10 ? 71   VAL A O   1 
ATOM   448  C CB  . VAL A 1 73  ? -5.586  3.015   -9.633  1.00 46.16 ? 71   VAL A CB  1 
ATOM   449  C CG1 . VAL A 1 73  ? -4.184  3.519   -9.675  1.00 48.67 ? 71   VAL A CG1 1 
ATOM   450  C CG2 . VAL A 1 73  ? -6.330  3.537   -10.870 1.00 48.25 ? 71   VAL A CG2 1 
ATOM   451  N N   . ALA A 1 74  ? -5.204  0.748   -7.296  1.00 43.73 ? 72   ALA A N   1 
ATOM   452  C CA  . ALA A 1 74  ? -4.356  0.344   -6.170  1.00 43.38 ? 72   ALA A CA  1 
ATOM   453  C C   . ALA A 1 74  ? -5.182  -0.058  -4.979  1.00 42.59 ? 72   ALA A C   1 
ATOM   454  O O   . ALA A 1 74  ? -6.257  0.461   -4.762  1.00 41.45 ? 72   ALA A O   1 
ATOM   455  C CB  . ALA A 1 74  ? -3.411  1.464   -5.763  1.00 43.48 ? 72   ALA A CB  1 
ATOM   456  N N   . SER A 1 75  ? -4.625  -0.969  -4.195  1.00 42.58 ? 73   SER A N   1 
ATOM   457  C CA  . SER A 1 75  ? -5.282  -1.503  -3.028  1.00 42.49 ? 73   SER A CA  1 
ATOM   458  C C   . SER A 1 75  ? -4.271  -1.814  -1.948  1.00 42.18 ? 73   SER A C   1 
ATOM   459  O O   . SER A 1 75  ? -3.356  -2.610  -2.169  1.00 41.69 ? 73   SER A O   1 
ATOM   460  C CB  . SER A 1 75  ? -6.040  -2.769  -3.382  1.00 42.24 ? 73   SER A CB  1 
ATOM   461  O OG  . SER A 1 75  ? -6.926  -3.076  -2.342  1.00 44.39 ? 73   SER A OG  1 
ATOM   462  N N   . PHE A 1 76  ? -4.463  -1.189  -0.781  1.00 41.93 ? 74   PHE A N   1 
ATOM   463  C CA  . PHE A 1 76  ? -3.512  -1.279  0.307   1.00 41.94 ? 74   PHE A CA  1 
ATOM   464  C C   . PHE A 1 76  ? -4.150  -1.916  1.545   1.00 41.92 ? 74   PHE A C   1 
ATOM   465  O O   . PHE A 1 76  ? -4.889  -1.268  2.270   1.00 41.30 ? 74   PHE A O   1 
ATOM   466  C CB  . PHE A 1 76  ? -2.951  0.108   0.636   1.00 41.90 ? 74   PHE A CB  1 
ATOM   467  C CG  . PHE A 1 76  ? -1.693  0.099   1.473   1.00 41.83 ? 74   PHE A CG  1 
ATOM   468  C CD1 . PHE A 1 76  ? -0.853  -1.007  1.524   1.00 41.16 ? 74   PHE A CD1 1 
ATOM   469  C CD2 . PHE A 1 76  ? -1.327  1.236   2.178   1.00 42.04 ? 74   PHE A CD2 1 
ATOM   470  C CE1 . PHE A 1 76  ? 0.308   -0.982  2.268   1.00 41.43 ? 74   PHE A CE1 1 
ATOM   471  C CE2 . PHE A 1 76  ? -0.164  1.256   2.930   1.00 41.92 ? 74   PHE A CE2 1 
ATOM   472  C CZ  . PHE A 1 76  ? 0.660   0.145   2.959   1.00 41.10 ? 74   PHE A CZ  1 
ATOM   473  N N   . ASP A 1 77  ? -3.841  -3.196  1.741   1.00 41.98 ? 75   ASP A N   1 
ATOM   474  C CA  . ASP A 1 77  ? -4.239  -3.951  2.910   1.00 42.44 ? 75   ASP A CA  1 
ATOM   475  C C   . ASP A 1 77  ? -3.275  -3.672  4.038   1.00 42.45 ? 75   ASP A C   1 
ATOM   476  O O   . ASP A 1 77  ? -2.077  -3.855  3.878   1.00 41.81 ? 75   ASP A O   1 
ATOM   477  C CB  . ASP A 1 77  ? -4.213  -5.455  2.618   1.00 42.81 ? 75   ASP A CB  1 
ATOM   478  C CG  . ASP A 1 77  ? -5.338  -5.894  1.729   1.00 42.43 ? 75   ASP A CG  1 
ATOM   479  O OD1 . ASP A 1 77  ? -6.332  -5.165  1.631   1.00 41.01 ? 75   ASP A OD1 1 
ATOM   480  O OD2 . ASP A 1 77  ? -5.229  -6.985  1.129   1.00 45.28 ? 75   ASP A OD2 1 
ATOM   481  N N   . VAL A 1 78  ? -3.823  -3.238  5.170   1.00 42.58 ? 76   VAL A N   1 
ATOM   482  C CA  . VAL A 1 78  ? -3.051  -2.799  6.337   1.00 42.85 ? 76   VAL A CA  1 
ATOM   483  C C   . VAL A 1 78  ? -3.722  -3.258  7.632   1.00 42.47 ? 76   VAL A C   1 
ATOM   484  O O   . VAL A 1 78  ? -4.913  -3.522  7.667   1.00 41.56 ? 76   VAL A O   1 
ATOM   485  C CB  . VAL A 1 78  ? -2.960  -1.238  6.402   1.00 43.02 ? 76   VAL A CB  1 
ATOM   486  C CG1 . VAL A 1 78  ? -2.007  -0.724  5.395   1.00 44.18 ? 76   VAL A CG1 1 
ATOM   487  C CG2 . VAL A 1 78  ? -4.313  -0.588  6.208   1.00 43.40 ? 76   VAL A CG2 1 
ATOM   488  N N   . LEU A 1 79  ? -2.944  -3.331  8.701   1.00 42.94 ? 77   LEU A N   1 
ATOM   489  C CA  . LEU A 1 79  ? -3.491  -3.575  10.021  1.00 43.03 ? 77   LEU A CA  1 
ATOM   490  C C   . LEU A 1 79  ? -3.997  -2.258  10.587  1.00 42.95 ? 77   LEU A C   1 
ATOM   491  O O   . LEU A 1 79  ? -3.507  -1.199  10.216  1.00 42.34 ? 77   LEU A O   1 
ATOM   492  C CB  . LEU A 1 79  ? -2.430  -4.167  10.941  1.00 42.99 ? 77   LEU A CB  1 
ATOM   493  C CG  . LEU A 1 79  ? -1.812  -5.485  10.485  1.00 44.14 ? 77   LEU A CG  1 
ATOM   494  C CD1 . LEU A 1 79  ? -0.777  -5.934  11.501  1.00 44.38 ? 77   LEU A CD1 1 
ATOM   495  C CD2 . LEU A 1 79  ? -2.868  -6.578  10.272  1.00 44.63 ? 77   LEU A CD2 1 
ATOM   496  N N   . PRO A 1 80  ? -4.989  -2.321  11.485  1.00 43.50 ? 78   PRO A N   1 
ATOM   497  C CA  . PRO A 1 80  ? -5.477  -1.144  12.176  1.00 43.95 ? 78   PRO A CA  1 
ATOM   498  C C   . PRO A 1 80  ? -4.382  -0.297  12.815  1.00 44.48 ? 78   PRO A C   1 
ATOM   499  O O   . PRO A 1 80  ? -3.323  -0.812  13.195  1.00 44.59 ? 78   PRO A O   1 
ATOM   500  C CB  . PRO A 1 80  ? -6.374  -1.735  13.269  1.00 44.08 ? 78   PRO A CB  1 
ATOM   501  C CG  . PRO A 1 80  ? -6.859  -3.003  12.697  1.00 44.08 ? 78   PRO A CG  1 
ATOM   502  C CD  . PRO A 1 80  ? -5.719  -3.537  11.896  1.00 43.90 ? 78   PRO A CD  1 
ATOM   503  N N   . ARG A 1 81  ? -4.660  0.998   12.927  1.00 45.27 ? 79   ARG A N   1 
ATOM   504  C CA  . ARG A 1 81  ? -3.805  1.954   13.633  1.00 46.12 ? 79   ARG A CA  1 
ATOM   505  C C   . ARG A 1 81  ? -2.488  2.302   12.906  1.00 46.91 ? 79   ARG A C   1 
ATOM   506  O O   . ARG A 1 81  ? -1.610  2.938   13.499  1.00 47.51 ? 79   ARG A O   1 
ATOM   507  C CB  . ARG A 1 81  ? -3.534  1.475   15.071  1.00 45.99 ? 79   ARG A CB  1 
ATOM   508  N N   . MET A 1 82  ? -2.351  1.919   11.636  1.00 47.81 ? 80   MET A N   1 
ATOM   509  C CA  . MET A 1 82  ? -1.110  2.191   10.893  1.00 48.93 ? 80   MET A CA  1 
ATOM   510  C C   . MET A 1 82  ? -1.155  3.488   10.077  1.00 48.55 ? 80   MET A C   1 
ATOM   511  O O   . MET A 1 82  ? -0.136  3.910   9.532   1.00 48.65 ? 80   MET A O   1 
ATOM   512  C CB  . MET A 1 82  ? -0.735  1.013   9.989   1.00 48.58 ? 80   MET A CB  1 
ATOM   513  C CG  . MET A 1 82  ? -0.337  -0.214  10.748  1.00 49.95 ? 80   MET A CG  1 
ATOM   514  S SD  . MET A 1 82  ? 0.328   -1.597  9.777   1.00 52.30 ? 80   MET A SD  1 
ATOM   515  C CE  . MET A 1 82  ? -0.253  -1.234  8.141   1.00 51.33 ? 80   MET A CE  1 
ATOM   516  N N   . LYS A 1 83  ? -2.326  4.115   9.990   1.00 48.65 ? 81   LYS A N   1 
ATOM   517  C CA  . LYS A 1 83  ? -2.461  5.415   9.322   1.00 48.91 ? 81   LYS A CA  1 
ATOM   518  C C   . LYS A 1 83  ? -1.763  5.371   7.960   1.00 48.34 ? 81   LYS A C   1 
ATOM   519  O O   . LYS A 1 83  ? -0.788  6.102   7.700   1.00 48.06 ? 81   LYS A O   1 
ATOM   520  C CB  . LYS A 1 83  ? -1.963  6.570   10.225  1.00 49.26 ? 81   LYS A CB  1 
ATOM   521  C CG  . LYS A 1 83  ? -3.102  7.149   11.132  1.00 50.42 ? 81   LYS A CG  1 
ATOM   522  C CD  . LYS A 1 83  ? -2.619  8.112   12.226  1.00 50.08 ? 81   LYS A CD  1 
ATOM   523  C CE  . LYS A 1 83  ? -2.913  9.581   11.877  1.00 52.43 ? 81   LYS A CE  1 
ATOM   524  N NZ  . LYS A 1 83  ? -2.839  10.500  13.084  1.00 51.67 ? 81   LYS A NZ  1 
ATOM   525  N N   . PRO A 1 84  ? -2.263  4.484   7.087   1.00 47.32 ? 82   PRO A N   1 
ATOM   526  C CA  . PRO A 1 84  ? -1.635  4.290   5.804   1.00 47.00 ? 82   PRO A CA  1 
ATOM   527  C C   . PRO A 1 84  ? -1.689  5.546   4.929   1.00 47.02 ? 82   PRO A C   1 
ATOM   528  O O   . PRO A 1 84  ? -2.661  6.312   4.956   1.00 46.59 ? 82   PRO A O   1 
ATOM   529  C CB  . PRO A 1 84  ? -2.471  3.175   5.180   1.00 46.85 ? 82   PRO A CB  1 
ATOM   530  C CG  . PRO A 1 84  ? -3.806  3.304   5.857   1.00 47.13 ? 82   PRO A CG  1 
ATOM   531  C CD  . PRO A 1 84  ? -3.459  3.637   7.244   1.00 47.02 ? 82   PRO A CD  1 
ATOM   532  N N   . GLU A 1 85  ? -0.632  5.725   4.150   1.00 47.21 ? 83   GLU A N   1 
ATOM   533  C CA  . GLU A 1 85  ? -0.588  6.731   3.118   1.00 47.53 ? 83   GLU A CA  1 
ATOM   534  C C   . GLU A 1 85  ? -0.014  6.104   1.845   1.00 46.64 ? 83   GLU A C   1 
ATOM   535  O O   . GLU A 1 85  ? 0.924   5.328   1.896   1.00 46.23 ? 83   GLU A O   1 
ATOM   536  C CB  . GLU A 1 85  ? 0.271   7.892   3.602   1.00 47.86 ? 83   GLU A CB  1 
ATOM   537  C CG  . GLU A 1 85  ? 0.191   9.106   2.749   1.00 51.83 ? 83   GLU A CG  1 
ATOM   538  C CD  . GLU A 1 85  ? 1.083   10.216  3.275   1.00 55.93 ? 83   GLU A CD  1 
ATOM   539  O OE1 . GLU A 1 85  ? 1.465   10.173  4.462   1.00 59.03 ? 83   GLU A OE1 1 
ATOM   540  O OE2 . GLU A 1 85  ? 1.411   11.132  2.501   1.00 62.15 ? 83   GLU A OE2 1 
ATOM   541  N N   . VAL A 1 86  ? -0.605  6.431   0.704   1.00 46.18 ? 84   VAL A N   1 
ATOM   542  C CA  . VAL A 1 86  ? -0.140  5.934   -0.581  1.00 45.42 ? 84   VAL A CA  1 
ATOM   543  C C   . VAL A 1 86  ? 0.147   7.090   -1.506  1.00 44.74 ? 84   VAL A C   1 
ATOM   544  O O   . VAL A 1 86  ? -0.615  8.052   -1.600  1.00 43.86 ? 84   VAL A O   1 
ATOM   545  C CB  . VAL A 1 86  ? -1.203  5.104   -1.264  1.00 45.69 ? 84   VAL A CB  1 
ATOM   546  C CG1 . VAL A 1 86  ? -0.725  4.617   -2.612  1.00 45.96 ? 84   VAL A CG1 1 
ATOM   547  C CG2 . VAL A 1 86  ? -1.608  3.948   -0.391  1.00 46.63 ? 84   VAL A CG2 1 
ATOM   548  N N   . SER A 1 87  ? 1.232   6.948   -2.239  1.00 44.42 ? 85   SER A N   1 
ATOM   549  C CA  . SER A 1 87  ? 1.645   7.953   -3.151  1.00 44.63 ? 85   SER A CA  1 
ATOM   550  C C   . SER A 1 87  ? 1.981   7.322   -4.501  1.00 44.65 ? 85   SER A C   1 
ATOM   551  O O   . SER A 1 87  ? 2.603   6.268   -4.557  1.00 44.18 ? 85   SER A O   1 
ATOM   552  C CB  . SER A 1 87  ? 2.827   8.652   -2.532  1.00 44.51 ? 85   SER A CB  1 
ATOM   553  O OG  . SER A 1 87  ? 3.330   9.569   -3.432  1.00 48.13 ? 85   SER A OG  1 
ATOM   554  N N   . LEU A 1 88  ? 1.523   7.943   -5.581  1.00 45.46 ? 86   LEU A N   1 
ATOM   555  C CA  . LEU A 1 88  ? 1.874   7.510   -6.934  1.00 46.89 ? 86   LEU A CA  1 
ATOM   556  C C   . LEU A 1 88  ? 1.739   8.564   -8.001  1.00 46.77 ? 86   LEU A C   1 
ATOM   557  O O   . LEU A 1 88  ? 1.209   9.652   -7.766  1.00 47.10 ? 86   LEU A O   1 
ATOM   558  C CB  . LEU A 1 88  ? 1.099   6.260   -7.351  1.00 48.05 ? 86   LEU A CB  1 
ATOM   559  C CG  . LEU A 1 88  ? -0.256  5.960   -6.747  1.00 50.72 ? 86   LEU A CG  1 
ATOM   560  C CD1 . LEU A 1 88  ? -1.312  6.759   -7.415  1.00 53.57 ? 86   LEU A CD1 1 
ATOM   561  C CD2 . LEU A 1 88  ? -0.525  4.506   -6.931  1.00 52.98 ? 86   LEU A CD2 1 
ATOM   562  N N   A ARG A 1 89  ? 2.266   8.244   -9.176  0.50 46.79 ? 87   ARG A N   1 
ATOM   563  N N   B ARG A 1 89  ? 2.269   8.242   -9.175  0.40 46.88 ? 87   ARG A N   1 
ATOM   564  C CA  A ARG A 1 89  ? 2.235   9.137   -10.314 0.50 46.94 ? 87   ARG A CA  1 
ATOM   565  C CA  B ARG A 1 89  ? 2.249   9.133   -10.315 0.40 47.07 ? 87   ARG A CA  1 
ATOM   566  C C   A ARG A 1 89  ? 1.315   8.543   -11.361 0.50 47.26 ? 87   ARG A C   1 
ATOM   567  C C   B ARG A 1 89  ? 1.326   8.548   -11.375 0.40 47.35 ? 87   ARG A C   1 
ATOM   568  O O   A ARG A 1 89  ? 1.571   7.454   -11.865 0.50 47.35 ? 87   ARG A O   1 
ATOM   569  O O   B ARG A 1 89  ? 1.594   7.476   -11.906 0.40 47.42 ? 87   ARG A O   1 
ATOM   570  C CB  A ARG A 1 89  ? 3.640   9.324   -10.861 0.50 47.04 ? 87   ARG A CB  1 
ATOM   571  C CB  B ARG A 1 89  ? 3.665   9.323   -10.859 0.40 47.19 ? 87   ARG A CB  1 
ATOM   572  C CG  A ARG A 1 89  ? 4.524   10.230  -9.988  0.50 47.75 ? 87   ARG A CG  1 
ATOM   573  C CG  B ARG A 1 89  ? 4.482   10.397  -10.114 0.40 48.02 ? 87   ARG A CG  1 
ATOM   574  C CD  A ARG A 1 89  ? 4.678   11.633  -10.586 0.50 48.53 ? 87   ARG A CD  1 
ATOM   575  C CD  B ARG A 1 89  ? 5.078   9.921   -8.775  0.40 48.91 ? 87   ARG A CD  1 
ATOM   576  N NE  A ARG A 1 89  ? 5.644   12.464  -9.862  0.50 48.45 ? 87   ARG A NE  1 
ATOM   577  N NE  B ARG A 1 89  ? 4.573   10.764  -7.692  0.40 50.07 ? 87   ARG A NE  1 
ATOM   578  C CZ  A ARG A 1 89  ? 6.062   13.661  -10.276 0.50 48.90 ? 87   ARG A CZ  1 
ATOM   579  C CZ  B ARG A 1 89  ? 4.456   10.407  -6.412  0.40 50.38 ? 87   ARG A CZ  1 
ATOM   580  N NH1 A ARG A 1 89  ? 5.627   14.175  -11.423 0.50 49.09 ? 87   ARG A NH1 1 
ATOM   581  N NH1 B ARG A 1 89  ? 4.890   9.222   -5.983  0.40 50.83 ? 87   ARG A NH1 1 
ATOM   582  N NH2 A ARG A 1 89  ? 6.934   14.350  -9.548  0.50 49.43 ? 87   ARG A NH2 1 
ATOM   583  N NH2 B ARG A 1 89  ? 3.927   11.272  -5.550  0.40 50.61 ? 87   ARG A NH2 1 
ATOM   584  N N   . MET A 1 90  ? 0.222   9.244   -11.644 1.00 47.73 ? 88   MET A N   1 
ATOM   585  C CA  . MET A 1 90  ? -0.748  8.834   -12.654 1.00 49.06 ? 88   MET A CA  1 
ATOM   586  C C   . MET A 1 90  ? -0.629  9.735   -13.839 1.00 48.12 ? 88   MET A C   1 
ATOM   587  O O   . MET A 1 90  ? -0.734  10.935  -13.699 1.00 47.70 ? 88   MET A O   1 
ATOM   588  C CB  . MET A 1 90  ? -2.160  8.989   -12.132 1.00 49.61 ? 88   MET A CB  1 
ATOM   589  C CG  . MET A 1 90  ? -2.516  7.939   -11.114 1.00 52.82 ? 88   MET A CG  1 
ATOM   590  S SD  . MET A 1 90  ? -4.255  8.016   -10.713 1.00 54.91 ? 88   MET A SD  1 
ATOM   591  C CE  . MET A 1 90  ? -4.257  7.519   -8.997  1.00 55.82 ? 88   MET A CE  1 
ATOM   592  N N   . ARG A 1 91  ? -0.414  9.140   -15.004 1.00 48.29 ? 89   ARG A N   1 
ATOM   593  C CA  . ARG A 1 91  ? -0.470  9.851   -16.269 1.00 48.53 ? 89   ARG A CA  1 
ATOM   594  C C   . ARG A 1 91  ? -1.941  10.145  -16.523 1.00 48.44 ? 89   ARG A C   1 
ATOM   595  O O   . ARG A 1 91  ? -2.795  9.303   -16.210 1.00 48.65 ? 89   ARG A O   1 
ATOM   596  C CB  . ARG A 1 91  ? 0.114   8.988   -17.386 1.00 48.66 ? 89   ARG A CB  1 
ATOM   597  C CG  . ARG A 1 91  ? 0.526   9.777   -18.599 1.00 50.47 ? 89   ARG A CG  1 
ATOM   598  C CD  . ARG A 1 91  ? 0.871   8.870   -19.784 1.00 52.21 ? 89   ARG A CD  1 
ATOM   599  N NE  . ARG A 1 91  ? 2.282   8.481   -19.905 1.00 52.79 ? 89   ARG A NE  1 
ATOM   600  C CZ  . ARG A 1 91  ? 3.233   9.203   -20.506 1.00 53.75 ? 89   ARG A CZ  1 
ATOM   601  N NH1 . ARG A 1 91  ? 4.469   8.717   -20.582 1.00 54.53 ? 89   ARG A NH1 1 
ATOM   602  N NH2 . ARG A 1 91  ? 2.968   10.403  -21.026 1.00 54.54 ? 89   ARG A NH2 1 
ATOM   603  N N   . MET A 1 92  ? -2.239  11.344  -17.018 1.00 48.17 ? 90   MET A N   1 
ATOM   604  C CA  . MET A 1 92  ? -3.620  11.775  -17.217 1.00 48.66 ? 90   MET A CA  1 
ATOM   605  C C   . MET A 1 92  ? -3.867  12.094  -18.682 1.00 48.28 ? 90   MET A C   1 
ATOM   606  O O   . MET A 1 92  ? -3.197  12.965  -19.254 1.00 48.61 ? 90   MET A O   1 
ATOM   607  C CB  . MET A 1 92  ? -3.928  13.038  -16.418 1.00 49.25 ? 90   MET A CB  1 
ATOM   608  C CG  . MET A 1 92  ? -3.636  12.975  -14.950 1.00 50.58 ? 90   MET A CG  1 
ATOM   609  S SD  . MET A 1 92  ? -4.901  12.261  -13.902 1.00 52.53 ? 90   MET A SD  1 
ATOM   610  C CE  . MET A 1 92  ? -6.255  13.364  -14.234 1.00 55.04 ? 90   MET A CE  1 
ATOM   611  N N   . ALA A 1 93  ? -4.831  11.402  -19.281 1.00 47.96 ? 91   ALA A N   1 
ATOM   612  C CA  . ALA A 1 93  ? -5.184  11.631  -20.688 1.00 47.95 ? 91   ALA A CA  1 
ATOM   613  C C   . ALA A 1 93  ? -6.394  12.557  -20.813 1.00 47.36 ? 91   ALA A C   1 
ATOM   614  O O   . ALA A 1 93  ? -6.530  13.272  -21.802 1.00 47.21 ? 91   ALA A O   1 
ATOM   615  C CB  . ALA A 1 93  ? -5.464  10.298  -21.385 1.00 48.31 ? 91   ALA A CB  1 
ATOM   616  N N   . LYS A 1 94  ? -7.259  12.533  -19.798 1.00 46.86 ? 92   LYS A N   1 
ATOM   617  C CA  . LYS A 1 94  ? -8.494  13.302  -19.798 1.00 46.35 ? 92   LYS A CA  1 
ATOM   618  C C   . LYS A 1 94  ? -8.876  13.637  -18.371 1.00 45.89 ? 92   LYS A C   1 
ATOM   619  O O   . LYS A 1 94  ? -8.313  13.079  -17.434 1.00 45.58 ? 92   LYS A O   1 
ATOM   620  C CB  . LYS A 1 94  ? -9.617  12.486  -20.450 1.00 46.59 ? 92   LYS A CB  1 
ATOM   621  N N   . THR A 1 95  ? -9.841  14.536  -18.211 1.00 45.81 ? 93   THR A N   1 
ATOM   622  C CA  . THR A 1 95  ? -10.367 14.891  -16.902 1.00 46.36 ? 93   THR A CA  1 
ATOM   623  C C   . THR A 1 95  ? -10.822 13.639  -16.179 1.00 47.26 ? 93   THR A C   1 
ATOM   624  O O   . THR A 1 95  ? -11.383 12.739  -16.786 1.00 48.44 ? 93   THR A O   1 
ATOM   625  C CB  . THR A 1 95  ? -11.511 15.922  -17.005 1.00 46.45 ? 93   THR A CB  1 
ATOM   626  O OG1 . THR A 1 95  ? -10.974 17.179  -17.436 1.00 45.72 ? 93   THR A OG1 1 
ATOM   627  C CG2 . THR A 1 95  ? -12.209 16.133  -15.660 1.00 46.58 ? 93   THR A CG2 1 
ATOM   628  N N   . GLU A 1 96  ? -10.536 13.566  -14.883 1.00 48.26 ? 94   GLU A N   1 
ATOM   629  C CA  . GLU A 1 96  ? -10.739 12.347  -14.107 1.00 48.63 ? 94   GLU A CA  1 
ATOM   630  C C   . GLU A 1 96  ? -11.189 12.580  -12.672 1.00 47.99 ? 94   GLU A C   1 
ATOM   631  O O   . GLU A 1 96  ? -10.728 13.498  -12.000 1.00 47.07 ? 94   GLU A O   1 
ATOM   632  C CB  . GLU A 1 96  ? -9.431  11.575  -13.998 1.00 49.21 ? 94   GLU A CB  1 
ATOM   633  C CG  . GLU A 1 96  ? -8.975  10.905  -15.246 1.00 52.43 ? 94   GLU A CG  1 
ATOM   634  C CD  . GLU A 1 96  ? -8.740  9.448   -15.009 1.00 55.80 ? 94   GLU A CD  1 
ATOM   635  O OE1 . GLU A 1 96  ? -7.571  9.063   -14.811 1.00 62.20 ? 94   GLU A OE1 1 
ATOM   636  O OE2 . GLU A 1 96  ? -9.740  8.699   -14.953 1.00 57.00 ? 94   GLU A OE2 1 
ATOM   637  N N   . ASN A 1 97  ? -12.013 11.653  -12.192 1.00 47.84 ? 95   ASN A N   1 
ATOM   638  C CA  . ASN A 1 97  ? -12.366 11.588  -10.791 1.00 47.71 ? 95   ASN A CA  1 
ATOM   639  C C   . ASN A 1 97  ? -11.577 10.485  -10.149 1.00 46.73 ? 95   ASN A C   1 
ATOM   640  O O   . ASN A 1 97  ? -11.539 9.394   -10.685 1.00 46.90 ? 95   ASN A O   1 
ATOM   641  C CB  . ASN A 1 97  ? -13.847 11.305  -10.625 1.00 47.85 ? 95   ASN A CB  1 
ATOM   642  C CG  . ASN A 1 97  ? -14.683 12.542  -10.748 1.00 49.16 ? 95   ASN A CG  1 
ATOM   643  O OD1 . ASN A 1 97  ? -14.535 13.493  -9.982  1.00 53.15 ? 95   ASN A OD1 1 
ATOM   644  N ND2 . ASN A 1 97  ? -15.587 12.535  -11.699 1.00 52.87 ? 95   ASN A ND2 1 
ATOM   645  N N   . LEU A 1 98  ? -10.935 10.789  -9.021  1.00 46.31 ? 96   LEU A N   1 
ATOM   646  C CA  . LEU A 1 98  ? -10.269 9.809   -8.196  1.00 46.13 ? 96   LEU A CA  1 
ATOM   647  C C   . LEU A 1 98  ? -11.244 9.504   -7.086  1.00 46.09 ? 96   LEU A C   1 
ATOM   648  O O   . LEU A 1 98  ? -11.728 10.415  -6.404  1.00 46.76 ? 96   LEU A O   1 
ATOM   649  C CB  . LEU A 1 98  ? -8.973  10.382  -7.606  1.00 46.73 ? 96   LEU A CB  1 
ATOM   650  C CG  . LEU A 1 98  ? -7.839  10.766  -8.573  1.00 47.61 ? 96   LEU A CG  1 
ATOM   651  C CD1 . LEU A 1 98  ? -6.987  11.862  -8.028  1.00 49.55 ? 96   LEU A CD1 1 
ATOM   652  C CD2 . LEU A 1 98  ? -6.964  9.582   -8.833  1.00 50.20 ? 96   LEU A CD2 1 
ATOM   653  N N   . VAL A 1 99  ? -11.556 8.228   -6.911  1.00 46.12 ? 97   VAL A N   1 
ATOM   654  C CA  . VAL A 1 99  ? -12.438 7.787   -5.834  1.00 45.54 ? 97   VAL A CA  1 
ATOM   655  C C   . VAL A 1 99  ? -11.629 6.925   -4.887  1.00 45.08 ? 97   VAL A C   1 
ATOM   656  O O   . VAL A 1 99  ? -10.958 5.968   -5.306  1.00 44.94 ? 97   VAL A O   1 
ATOM   657  C CB  . VAL A 1 99  ? -13.645 7.026   -6.380  1.00 45.39 ? 97   VAL A CB  1 
ATOM   658  C CG1 . VAL A 1 99  ? -14.574 6.627   -5.249  1.00 46.60 ? 97   VAL A CG1 1 
ATOM   659  C CG2 . VAL A 1 99  ? -14.394 7.903   -7.369  1.00 45.66 ? 97   VAL A CG2 1 
ATOM   660  N N   . VAL A 1 100 ? -11.659 7.298   -3.613  1.00 44.51 ? 98   VAL A N   1 
ATOM   661  C CA  . VAL A 1 100 ? -10.945 6.579   -2.600  1.00 44.29 ? 98   VAL A CA  1 
ATOM   662  C C   . VAL A 1 100 ? -11.959 5.943   -1.645  1.00 44.38 ? 98   VAL A C   1 
ATOM   663  O O   . VAL A 1 100 ? -12.866 6.596   -1.176  1.00 44.25 ? 98   VAL A O   1 
ATOM   664  C CB  . VAL A 1 100 ? -9.944  7.489   -1.852  1.00 44.55 ? 98   VAL A CB  1 
ATOM   665  C CG1 . VAL A 1 100 ? -9.221  6.722   -0.739  1.00 45.04 ? 98   VAL A CG1 1 
ATOM   666  C CG2 . VAL A 1 100 ? -8.917  8.026   -2.812  1.00 44.39 ? 98   VAL A CG2 1 
ATOM   667  N N   . VAL A 1 101 ? -11.779 4.650   -1.390  1.00 44.20 ? 99   VAL A N   1 
ATOM   668  C CA  . VAL A 1 101 ? -12.602 3.900   -0.463  1.00 44.23 ? 99   VAL A CA  1 
ATOM   669  C C   . VAL A 1 101 ? -11.729 3.277   0.621   1.00 44.00 ? 99   VAL A C   1 
ATOM   670  O O   . VAL A 1 101 ? -10.716 2.643   0.323   1.00 44.82 ? 99   VAL A O   1 
ATOM   671  C CB  . VAL A 1 101 ? -13.417 2.806   -1.152  1.00 44.08 ? 99   VAL A CB  1 
ATOM   672  C CG1 . VAL A 1 101 ? -14.395 2.155   -0.141  1.00 44.56 ? 99   VAL A CG1 1 
ATOM   673  C CG2 . VAL A 1 101 ? -14.215 3.395   -2.326  1.00 43.90 ? 99   VAL A CG2 1 
ATOM   674  N N   . VAL A 1 102 ? -12.133 3.494   1.867   1.00 43.68 ? 100  VAL A N   1 
ATOM   675  C CA  . VAL A 1 102 ? -11.501 2.929   3.043   1.00 43.97 ? 100  VAL A CA  1 
ATOM   676  C C   . VAL A 1 102 ? -12.497 1.986   3.688   1.00 44.07 ? 100  VAL A C   1 
ATOM   677  O O   . VAL A 1 102 ? -13.677 2.320   3.822   1.00 43.18 ? 100  VAL A O   1 
ATOM   678  C CB  . VAL A 1 102 ? -11.130 4.031   4.055   1.00 44.24 ? 100  VAL A CB  1 
ATOM   679  C CG1 . VAL A 1 102 ? -10.782 3.458   5.434   1.00 43.93 ? 100  VAL A CG1 1 
ATOM   680  C CG2 . VAL A 1 102 ? -9.981  4.885   3.506   1.00 44.52 ? 100  VAL A CG2 1 
ATOM   681  N N   . GLN A 1 103 ? -12.013 0.802   4.064   1.00 44.70 ? 101  GLN A N   1 
ATOM   682  C CA  . GLN A 1 103 ? -12.784 -0.165  4.851   1.00 44.91 ? 101  GLN A CA  1 
ATOM   683  C C   . GLN A 1 103 ? -12.356 -0.096  6.306   1.00 44.82 ? 101  GLN A C   1 
ATOM   684  O O   . GLN A 1 103 ? -11.186 -0.249  6.607   1.00 44.51 ? 101  GLN A O   1 
ATOM   685  C CB  . GLN A 1 103 ? -12.594 -1.582  4.317   1.00 44.59 ? 101  GLN A CB  1 
ATOM   686  C CG  . GLN A 1 103 ? -13.394 -2.629  5.086   1.00 45.90 ? 101  GLN A CG  1 
ATOM   687  C CD  . GLN A 1 103 ? -13.421 -3.984  4.405   1.00 46.05 ? 101  GLN A CD  1 
ATOM   688  O OE1 . GLN A 1 103 ? -12.578 -4.295  3.556   1.00 48.37 ? 101  GLN A OE1 1 
ATOM   689  N NE2 . GLN A 1 103 ? -14.387 -4.795  4.774   1.00 44.62 ? 101  GLN A NE2 1 
ATOM   690  N N   . ALA A 1 104 ? -13.310 0.151   7.200   1.00 45.38 ? 102  ALA A N   1 
ATOM   691  C CA  . ALA A 1 104 ? -13.056 0.130   8.658   1.00 46.02 ? 102  ALA A CA  1 
ATOM   692  C C   . ALA A 1 104 ? -14.182 -0.600  9.373   1.00 46.17 ? 102  ALA A C   1 
ATOM   693  O O   . ALA A 1 104 ? -15.331 -0.182  9.315   1.00 45.80 ? 102  ALA A O   1 
ATOM   694  C CB  . ALA A 1 104 ? -12.916 1.539   9.221   1.00 45.85 ? 102  ALA A CB  1 
ATOM   695  N N   . GLY A 1 105 ? -13.839 -1.687  10.055  1.00 46.81 ? 103  GLY A N   1 
ATOM   696  C CA  . GLY A 1 105 ? -14.843 -2.606  10.567  1.00 47.17 ? 103  GLY A CA  1 
ATOM   697  C C   . GLY A 1 105 ? -15.600 -3.207  9.393   1.00 47.27 ? 103  GLY A C   1 
ATOM   698  O O   . GLY A 1 105 ? -14.992 -3.681  8.420   1.00 47.29 ? 103  GLY A O   1 
ATOM   699  N N   . GLY A 1 106 ? -16.929 -3.173  9.486   1.00 47.40 ? 104  GLY A N   1 
ATOM   700  C CA  . GLY A 1 106 ? -17.795 -3.564  8.371   1.00 46.94 ? 104  GLY A CA  1 
ATOM   701  C C   . GLY A 1 106 ? -18.470 -2.357  7.732   1.00 46.44 ? 104  GLY A C   1 
ATOM   702  O O   . GLY A 1 106 ? -19.629 -2.449  7.329   1.00 46.30 ? 104  GLY A O   1 
ATOM   703  N N   . LYS A 1 107 ? -17.747 -1.232  7.650   1.00 45.64 ? 105  LYS A N   1 
ATOM   704  C CA  . LYS A 1 107 ? -18.247 -0.014  6.980   1.00 44.92 ? 105  LYS A CA  1 
ATOM   705  C C   . LYS A 1 107 ? -17.272 0.446   5.901   1.00 44.01 ? 105  LYS A C   1 
ATOM   706  O O   . LYS A 1 107 ? -16.060 0.206   6.003   1.00 43.60 ? 105  LYS A O   1 
ATOM   707  C CB  . LYS A 1 107 ? -18.499 1.126   7.982   1.00 44.94 ? 105  LYS A CB  1 
ATOM   708  C CG  . LYS A 1 107 ? -19.854 1.068   8.718   1.00 45.26 ? 105  LYS A CG  1 
ATOM   709  N N   . LEU A 1 108 ? -17.813 1.082   4.862   1.00 43.36 ? 106  LEU A N   1 
ATOM   710  C CA  . LEU A 1 108 ? -17.004 1.737   3.838   1.00 43.45 ? 106  LEU A CA  1 
ATOM   711  C C   . LEU A 1 108 ? -17.127 3.244   3.952   1.00 43.32 ? 106  LEU A C   1 
ATOM   712  O O   . LEU A 1 108 ? -18.177 3.767   4.288   1.00 43.05 ? 106  LEU A O   1 
ATOM   713  C CB  . LEU A 1 108 ? -17.388 1.285   2.428   1.00 43.07 ? 106  LEU A CB  1 
ATOM   714  C CG  . LEU A 1 108 ? -17.318 -0.218  2.180   1.00 43.92 ? 106  LEU A CG  1 
ATOM   715  C CD1 . LEU A 1 108 ? -17.701 -0.543  0.752   1.00 44.29 ? 106  LEU A CD1 1 
ATOM   716  C CD2 . LEU A 1 108 ? -15.946 -0.766  2.491   1.00 44.24 ? 106  LEU A CD2 1 
ATOM   717  N N   . TYR A 1 109 ? -16.028 3.927   3.654   1.00 43.19 ? 107  TYR A N   1 
ATOM   718  C CA  . TYR A 1 109 ? -15.949 5.366   3.723   1.00 43.13 ? 107  TYR A CA  1 
ATOM   719  C C   . TYR A 1 109 ? -15.320 5.868   2.425   1.00 43.19 ? 107  TYR A C   1 
ATOM   720  O O   . TYR A 1 109 ? -14.347 5.289   1.929   1.00 42.64 ? 107  TYR A O   1 
ATOM   721  C CB  . TYR A 1 109 ? -15.096 5.801   4.918   1.00 43.16 ? 107  TYR A CB  1 
ATOM   722  C CG  . TYR A 1 109 ? -15.610 5.362   6.266   1.00 43.05 ? 107  TYR A CG  1 
ATOM   723  C CD1 . TYR A 1 109 ? -15.232 4.133   6.822   1.00 44.05 ? 107  TYR A CD1 1 
ATOM   724  C CD2 . TYR A 1 109 ? -16.455 6.172   6.993   1.00 42.58 ? 107  TYR A CD2 1 
ATOM   725  C CE1 . TYR A 1 109 ? -15.700 3.738   8.073   1.00 42.95 ? 107  TYR A CE1 1 
ATOM   726  C CE2 . TYR A 1 109 ? -16.920 5.787   8.233   1.00 42.86 ? 107  TYR A CE2 1 
ATOM   727  C CZ  . TYR A 1 109 ? -16.540 4.573   8.768   1.00 43.42 ? 107  TYR A CZ  1 
ATOM   728  O OH  . TYR A 1 109 ? -17.022 4.207   9.998   1.00 42.18 ? 107  TYR A OH  1 
ATOM   729  N N   . ARG A 1 110 ? -15.867 6.948   1.876   1.00 42.93 ? 108  ARG A N   1 
ATOM   730  C CA  . ARG A 1 110 ? -15.466 7.380   0.546   1.00 42.97 ? 108  ARG A CA  1 
ATOM   731  C C   . ARG A 1 110 ? -15.209 8.866   0.423   1.00 42.24 ? 108  ARG A C   1 
ATOM   732  O O   . ARG A 1 110 ? -15.867 9.678   1.058   1.00 41.20 ? 108  ARG A O   1 
ATOM   733  C CB  . ARG A 1 110 ? -16.535 6.985   -0.452  1.00 43.37 ? 108  ARG A CB  1 
ATOM   734  C CG  . ARG A 1 110 ? -16.291 7.513   -1.840  1.00 45.65 ? 108  ARG A CG  1 
ATOM   735  C CD  . ARG A 1 110 ? -17.323 6.996   -2.809  1.00 49.09 ? 108  ARG A CD  1 
ATOM   736  N NE  . ARG A 1 110 ? -18.671 7.412   -2.467  1.00 49.07 ? 108  ARG A NE  1 
ATOM   737  C CZ  . ARG A 1 110 ? -19.760 6.900   -3.044  1.00 53.94 ? 108  ARG A CZ  1 
ATOM   738  N NH1 . ARG A 1 110 ? -19.654 5.944   -3.997  1.00 53.90 ? 108  ARG A NH1 1 
ATOM   739  N NH2 . ARG A 1 110 ? -20.970 7.325   -2.654  1.00 53.38 ? 108  ARG A NH2 1 
ATOM   740  N N   . ALA A 1 111 ? -14.238 9.195   -0.421  1.00 42.13 ? 109  ALA A N   1 
ATOM   741  C CA  . ALA A 1 111 ? -13.977 10.572  -0.818  1.00 42.36 ? 109  ALA A CA  1 
ATOM   742  C C   . ALA A 1 111 ? -13.732 10.617  -2.310  1.00 42.50 ? 109  ALA A C   1 
ATOM   743  O O   . ALA A 1 111 ? -13.284 9.655   -2.911  1.00 42.58 ? 109  ALA A O   1 
ATOM   744  C CB  . ALA A 1 111 ? -12.787 11.130  -0.054  1.00 42.12 ? 109  ALA A CB  1 
ATOM   745  N N   . VAL A 1 112 ? -14.050 11.746  -2.911  1.00 43.49 ? 110  VAL A N   1 
ATOM   746  C CA  . VAL A 1 112 ? -13.909 11.931  -4.352  1.00 44.24 ? 110  VAL A CA  1 
ATOM   747  C C   . VAL A 1 112 ? -13.153 13.224  -4.607  1.00 44.28 ? 110  VAL A C   1 
ATOM   748  O O   . VAL A 1 112 ? -13.367 14.207  -3.922  1.00 44.27 ? 110  VAL A O   1 
ATOM   749  C CB  . VAL A 1 112 ? -15.286 11.981  -5.047  1.00 44.42 ? 110  VAL A CB  1 
ATOM   750  C CG1 . VAL A 1 112 ? -15.136 12.155  -6.569  1.00 45.94 ? 110  VAL A CG1 1 
ATOM   751  C CG2 . VAL A 1 112 ? -16.064 10.709  -4.764  1.00 45.22 ? 110  VAL A CG2 1 
ATOM   752  N N   . ARG A 1 113 ? -12.264 13.205  -5.592  1.00 44.64 ? 111  ARG A N   1 
ATOM   753  C CA  . ARG A 1 113 ? -11.608 14.413  -6.073  1.00 44.35 ? 111  ARG A CA  1 
ATOM   754  C C   . ARG A 1 113 ? -11.438 14.399  -7.603  1.00 44.03 ? 111  ARG A C   1 
ATOM   755  O O   . ARG A 1 113 ? -10.997 13.395  -8.202  1.00 43.15 ? 111  ARG A O   1 
ATOM   756  C CB  . ARG A 1 113 ? -10.248 14.565  -5.423  1.00 44.70 ? 111  ARG A CB  1 
ATOM   757  C CG  . ARG A 1 113 ? -9.716  15.959  -5.585  1.00 47.73 ? 111  ARG A CG  1 
ATOM   758  C CD  . ARG A 1 113 ? -8.330  16.143  -4.986  1.00 50.77 ? 111  ARG A CD  1 
ATOM   759  N NE  . ARG A 1 113 ? -7.877  17.497  -5.291  1.00 51.15 ? 111  ARG A NE  1 
ATOM   760  C CZ  . ARG A 1 113 ? -7.444  18.379  -4.401  1.00 53.97 ? 111  ARG A CZ  1 
ATOM   761  N NH1 . ARG A 1 113 ? -7.359  18.062  -3.112  1.00 55.35 ? 111  ARG A NH1 1 
ATOM   762  N NH2 . ARG A 1 113 ? -7.074  19.602  -4.815  1.00 54.25 ? 111  ARG A NH2 1 
ATOM   763  N N   . GLU A 1 114 ? -11.783 15.517  -8.236  1.00 43.35 ? 112  GLU A N   1 
ATOM   764  C CA  . GLU A 1 114 ? -11.600 15.637  -9.675  1.00 43.28 ? 112  GLU A CA  1 
ATOM   765  C C   . GLU A 1 114 ? -10.265 16.302  -10.016 1.00 42.86 ? 112  GLU A C   1 
ATOM   766  O O   . GLU A 1 114 ? -9.820  17.206  -9.315  1.00 42.61 ? 112  GLU A O   1 
ATOM   767  C CB  . GLU A 1 114 ? -12.742 16.406  -10.294 1.00 43.39 ? 112  GLU A CB  1 
ATOM   768  C CG  . GLU A 1 114 ? -12.468 16.859  -11.724 1.00 45.11 ? 112  GLU A CG  1 
ATOM   769  C CD  . GLU A 1 114 ? -13.720 17.342  -12.435 1.00 45.43 ? 112  GLU A CD  1 
ATOM   770  O OE1 . GLU A 1 114 ? -14.521 16.495  -12.883 1.00 48.12 ? 112  GLU A OE1 1 
ATOM   771  O OE2 . GLU A 1 114 ? -13.888 18.557  -12.552 1.00 44.72 ? 112  GLU A OE2 1 
ATOM   772  N N   . VAL A 1 115 ? -9.639  15.836  -11.093 1.00 42.47 ? 113  VAL A N   1 
ATOM   773  C CA  . VAL A 1 115 ? -8.435  16.444  -11.623 1.00 42.93 ? 113  VAL A CA  1 
ATOM   774  C C   . VAL A 1 115 ? -8.740  16.842  -13.061 1.00 43.14 ? 113  VAL A C   1 
ATOM   775  O O   . VAL A 1 115 ? -8.925  15.984  -13.919 1.00 43.34 ? 113  VAL A O   1 
ATOM   776  C CB  . VAL A 1 115 ? -7.210  15.476  -11.596 1.00 43.08 ? 113  VAL A CB  1 
ATOM   777  C CG1 . VAL A 1 115 ? -5.952  16.174  -12.094 1.00 42.72 ? 113  VAL A CG1 1 
ATOM   778  C CG2 . VAL A 1 115 ? -6.971  14.908  -10.196 1.00 42.73 ? 113  VAL A CG2 1 
ATOM   779  N N   . LYS A 1 116 ? -8.811  18.140  -13.314 1.00 43.32 ? 114  LYS A N   1 
ATOM   780  C CA  . LYS A 1 116 ? -9.055  18.639  -14.658 1.00 44.19 ? 114  LYS A CA  1 
ATOM   781  C C   . LYS A 1 116 ? -7.795  18.491  -15.486 1.00 44.44 ? 114  LYS A C   1 
ATOM   782  O O   . LYS A 1 116 ? -6.694  18.592  -14.974 1.00 44.56 ? 114  LYS A O   1 
ATOM   783  C CB  . LYS A 1 116 ? -9.502  20.103  -14.636 1.00 43.95 ? 114  LYS A CB  1 
ATOM   784  C CG  . LYS A 1 116 ? -10.828 20.332  -13.927 1.00 44.62 ? 114  LYS A CG  1 
ATOM   785  C CD  . LYS A 1 116 ? -11.300 21.788  -14.060 1.00 44.72 ? 114  LYS A CD  1 
ATOM   786  N N   . VAL A 1 117 ? -7.976  18.222  -16.768 1.00 45.09 ? 115  VAL A N   1 
ATOM   787  C CA  . VAL A 1 117 ? -6.870  18.099  -17.692 1.00 45.43 ? 115  VAL A CA  1 
ATOM   788  C C   . VAL A 1 117 ? -7.085  19.128  -18.781 1.00 46.04 ? 115  VAL A C   1 
ATOM   789  O O   . VAL A 1 117 ? -8.218  19.422  -19.141 1.00 45.76 ? 115  VAL A O   1 
ATOM   790  C CB  . VAL A 1 117 ? -6.784  16.667  -18.254 1.00 45.44 ? 115  VAL A CB  1 
ATOM   791  C CG1 . VAL A 1 117 ? -5.797  16.574  -19.394 1.00 45.39 ? 115  VAL A CG1 1 
ATOM   792  C CG2 . VAL A 1 117 ? -6.376  15.713  -17.149 1.00 45.16 ? 115  VAL A CG2 1 
ATOM   793  N N   . THR A 1 118 ? -5.982  19.691  -19.265 1.00 47.11 ? 116  THR A N   1 
ATOM   794  C CA  . THR A 1 118 ? -5.994  20.721  -20.294 1.00 48.41 ? 116  THR A CA  1 
ATOM   795  C C   . THR A 1 118 ? -5.244  20.286  -21.542 1.00 48.57 ? 116  THR A C   1 
ATOM   796  O O   . THR A 1 118 ? -4.386  19.417  -21.504 1.00 49.10 ? 116  THR A O   1 
ATOM   797  C CB  . THR A 1 118 ? -5.319  22.017  -19.798 1.00 48.86 ? 116  THR A CB  1 
ATOM   798  O OG1 . THR A 1 118 ? -3.943  21.751  -19.494 1.00 50.48 ? 116  THR A OG1 1 
ATOM   799  C CG2 . THR A 1 118 ? -6.005  22.530  -18.543 1.00 49.51 ? 116  THR A CG2 1 
ATOM   800  N N   . ILE A 1 119 ? -5.566  20.946  -22.639 1.00 49.04 ? 117  ILE A N   1 
ATOM   801  C CA  . ILE A 1 119 ? -4.954  20.693  -23.938 1.00 49.29 ? 117  ILE A CA  1 
ATOM   802  C C   . ILE A 1 119 ? -3.471  21.095  -23.924 1.00 49.31 ? 117  ILE A C   1 
ATOM   803  O O   . ILE A 1 119 ? -3.122  22.271  -24.107 1.00 49.45 ? 117  ILE A O   1 
ATOM   804  C CB  . ILE A 1 119 ? -5.728  21.474  -25.029 1.00 49.35 ? 117  ILE A CB  1 
ATOM   805  C CG1 . ILE A 1 119 ? -7.167  20.954  -25.122 1.00 49.49 ? 117  ILE A CG1 1 
ATOM   806  C CG2 . ILE A 1 119 ? -5.053  21.374  -26.402 1.00 50.00 ? 117  ILE A CG2 1 
ATOM   807  N N   . SER B 1 3   ? 18.384  -16.908 21.482  1.00 44.52 ? 1    SER B N   1 
ATOM   808  C CA  . SER B 1 3   ? 18.416  -15.841 20.438  1.00 44.68 ? 1    SER B CA  1 
ATOM   809  C C   . SER B 1 3   ? 18.736  -16.403 19.051  1.00 44.64 ? 1    SER B C   1 
ATOM   810  O O   . SER B 1 3   ? 17.967  -16.198 18.103  1.00 44.75 ? 1    SER B O   1 
ATOM   811  C CB  . SER B 1 3   ? 19.428  -14.751 20.796  1.00 44.67 ? 1    SER B CB  1 
ATOM   812  O OG  . SER B 1 3   ? 19.346  -13.684 19.870  1.00 44.93 ? 1    SER B OG  1 
ATOM   813  N N   . TRP B 1 4   ? 19.872  -17.086 18.925  1.00 44.37 ? 2    TRP B N   1 
ATOM   814  C CA  . TRP B 1 4   ? 20.176  -17.804 17.686  1.00 44.31 ? 2    TRP B CA  1 
ATOM   815  C C   . TRP B 1 4   ? 19.003  -18.726 17.327  1.00 44.48 ? 2    TRP B C   1 
ATOM   816  O O   . TRP B 1 4   ? 18.554  -18.754 16.179  1.00 43.95 ? 2    TRP B O   1 
ATOM   817  C CB  . TRP B 1 4   ? 21.485  -18.609 17.786  1.00 43.63 ? 2    TRP B CB  1 
ATOM   818  C CG  . TRP B 1 4   ? 21.758  -19.420 16.543  1.00 43.50 ? 2    TRP B CG  1 
ATOM   819  C CD1 . TRP B 1 4   ? 21.479  -20.743 16.350  1.00 42.94 ? 2    TRP B CD1 1 
ATOM   820  C CD2 . TRP B 1 4   ? 22.325  -18.948 15.305  1.00 43.37 ? 2    TRP B CD2 1 
ATOM   821  N NE1 . TRP B 1 4   ? 21.849  -21.125 15.084  1.00 42.58 ? 2    TRP B NE1 1 
ATOM   822  C CE2 . TRP B 1 4   ? 22.367  -20.043 14.421  1.00 42.88 ? 2    TRP B CE2 1 
ATOM   823  C CE3 . TRP B 1 4   ? 22.821  -17.711 14.869  1.00 42.89 ? 2    TRP B CE3 1 
ATOM   824  C CZ2 . TRP B 1 4   ? 22.880  -19.941 13.123  1.00 43.20 ? 2    TRP B CZ2 1 
ATOM   825  C CZ3 . TRP B 1 4   ? 23.324  -17.614 13.581  1.00 42.98 ? 2    TRP B CZ3 1 
ATOM   826  C CH2 . TRP B 1 4   ? 23.353  -18.721 12.725  1.00 43.11 ? 2    TRP B CH2 1 
ATOM   827  N N   . SER B 1 5   ? 18.505  -19.457 18.323  1.00 44.79 ? 3    SER B N   1 
ATOM   828  C CA  . SER B 1 5   ? 17.351  -20.326 18.132  1.00 45.48 ? 3    SER B CA  1 
ATOM   829  C C   . SER B 1 5   ? 16.147  -19.520 17.657  1.00 45.56 ? 3    SER B C   1 
ATOM   830  O O   . SER B 1 5   ? 15.463  -19.919 16.703  1.00 45.93 ? 3    SER B O   1 
ATOM   831  C CB  . SER B 1 5   ? 17.014  -21.082 19.428  1.00 45.81 ? 3    SER B CB  1 
ATOM   832  O OG  . SER B 1 5   ? 16.528  -20.207 20.436  1.00 46.53 ? 3    SER B OG  1 
ATOM   833  N N   . GLU B 1 6   ? 15.898  -18.389 18.321  1.00 45.57 ? 4    GLU B N   1 
ATOM   834  C CA  . GLU B 1 6   ? 14.800  -17.492 17.954  1.00 45.57 ? 4    GLU B CA  1 
ATOM   835  C C   . GLU B 1 6   ? 14.933  -17.012 16.506  1.00 45.54 ? 4    GLU B C   1 
ATOM   836  O O   . GLU B 1 6   ? 13.977  -17.082 15.733  1.00 45.35 ? 4    GLU B O   1 
ATOM   837  C CB  . GLU B 1 6   ? 14.741  -16.296 18.911  1.00 45.65 ? 4    GLU B CB  1 
ATOM   838  N N   . LYS B 1 7   ? 16.124  -16.537 16.146  1.00 45.55 ? 5    LYS B N   1 
ATOM   839  C CA  . LYS B 1 7   ? 16.396  -16.074 14.781  1.00 45.41 ? 5    LYS B CA  1 
ATOM   840  C C   . LYS B 1 7   ? 16.088  -17.164 13.760  1.00 45.16 ? 5    LYS B C   1 
ATOM   841  O O   . LYS B 1 7   ? 15.552  -16.868 12.705  1.00 45.41 ? 5    LYS B O   1 
ATOM   842  C CB  . LYS B 1 7   ? 17.852  -15.604 14.631  1.00 45.32 ? 5    LYS B CB  1 
ATOM   843  C CG  . LYS B 1 7   ? 18.151  -14.253 15.297  1.00 45.77 ? 5    LYS B CG  1 
ATOM   844  C CD  . LYS B 1 7   ? 19.656  -13.965 15.380  1.00 45.75 ? 5    LYS B CD  1 
ATOM   845  N N   . ALA B 1 8   ? 16.420  -18.415 14.081  1.00 45.07 ? 6    ALA B N   1 
ATOM   846  C CA  . ALA B 1 8   ? 16.169  -19.547 13.180  1.00 45.00 ? 6    ALA B CA  1 
ATOM   847  C C   . ALA B 1 8   ? 14.671  -19.811 13.010  1.00 45.03 ? 6    ALA B C   1 
ATOM   848  O O   . ALA B 1 8   ? 14.211  -20.121 11.913  1.00 44.79 ? 6    ALA B O   1 
ATOM   849  C CB  . ALA B 1 8   ? 16.867  -20.803 13.686  1.00 44.98 ? 6    ALA B CB  1 
ATOM   850  N N   . PHE B 1 9   ? 13.923  -19.695 14.106  1.00 44.95 ? 7    PHE B N   1 
ATOM   851  C CA  . PHE B 1 9   ? 12.474  -19.917 14.086  1.00 44.97 ? 7    PHE B CA  1 
ATOM   852  C C   . PHE B 1 9   ? 11.736  -18.764 13.377  1.00 44.72 ? 7    PHE B C   1 
ATOM   853  O O   . PHE B 1 9   ? 10.849  -19.014 12.573  1.00 44.25 ? 7    PHE B O   1 
ATOM   854  C CB  . PHE B 1 9   ? 11.934  -20.162 15.510  1.00 45.04 ? 7    PHE B CB  1 
ATOM   855  C CG  . PHE B 1 9   ? 10.434  -20.015 15.636  1.00 45.81 ? 7    PHE B CG  1 
ATOM   856  C CD1 . PHE B 1 9   ? 9.570   -20.685 14.768  1.00 46.05 ? 7    PHE B CD1 1 
ATOM   857  C CD2 . PHE B 1 9   ? 9.885   -19.212 16.631  1.00 45.97 ? 7    PHE B CD2 1 
ATOM   858  C CE1 . PHE B 1 9   ? 8.196   -20.542 14.880  1.00 46.34 ? 7    PHE B CE1 1 
ATOM   859  C CE2 . PHE B 1 9   ? 8.507   -19.071 16.752  1.00 46.29 ? 7    PHE B CE2 1 
ATOM   860  C CZ  . PHE B 1 9   ? 7.662   -19.735 15.873  1.00 46.13 ? 7    PHE B CZ  1 
ATOM   861  N N   . SER B 1 10  ? 12.115  -17.521 13.659  1.00 44.73 ? 8    SER B N   1 
ATOM   862  C CA  . SER B 1 10  ? 11.500  -16.375 12.989  1.00 45.23 ? 8    SER B CA  1 
ATOM   863  C C   . SER B 1 10  ? 11.848  -16.331 11.495  1.00 45.28 ? 8    SER B C   1 
ATOM   864  O O   . SER B 1 10  ? 11.049  -15.863 10.685  1.00 44.93 ? 8    SER B O   1 
ATOM   865  C CB  . SER B 1 10  ? 11.867  -15.050 13.683  1.00 45.21 ? 8    SER B CB  1 
ATOM   866  O OG  . SER B 1 10  ? 13.184  -14.659 13.366  1.00 45.75 ? 8    SER B OG  1 
ATOM   867  N N   . ALA B 1 11  ? 13.034  -16.822 11.136  1.00 45.74 ? 9    ALA B N   1 
ATOM   868  C CA  . ALA B 1 11  ? 13.414  -17.015 9.723   1.00 45.78 ? 9    ALA B CA  1 
ATOM   869  C C   . ALA B 1 11  ? 12.515  -18.055 9.081   1.00 45.73 ? 9    ALA B C   1 
ATOM   870  O O   . ALA B 1 11  ? 12.077  -17.922 7.927   1.00 45.52 ? 9    ALA B O   1 
ATOM   871  C CB  . ALA B 1 11  ? 14.850  -17.454 9.622   1.00 45.86 ? 9    ALA B CB  1 
ATOM   872  N N   . SER B 1 12  ? 12.232  -19.099 9.846   1.00 45.79 ? 10   SER B N   1 
ATOM   873  C CA  . SER B 1 12  ? 11.337  -20.147 9.370   1.00 46.05 ? 10   SER B CA  1 
ATOM   874  C C   . SER B 1 12  ? 9.924   -19.605 9.101   1.00 45.94 ? 10   SER B C   1 
ATOM   875  O O   . SER B 1 12  ? 9.367   -19.831 8.025   1.00 46.09 ? 10   SER B O   1 
ATOM   876  C CB  . SER B 1 12  ? 11.293  -21.299 10.366  1.00 45.82 ? 10   SER B CB  1 
ATOM   877  O OG  . SER B 1 12  ? 10.717  -22.421 9.742   1.00 46.74 ? 10   SER B OG  1 
ATOM   878  N N   . LYS B 1 13  ? 9.361   -18.893 10.079  1.00 45.90 ? 11   LYS B N   1 
ATOM   879  C CA  . LYS B 1 13  ? 8.058   -18.241 9.934   1.00 46.31 ? 11   LYS B CA  1 
ATOM   880  C C   . LYS B 1 13  ? 7.983   -17.420 8.649   1.00 46.33 ? 11   LYS B C   1 
ATOM   881  O O   . LYS B 1 13  ? 7.050   -17.559 7.874   1.00 46.42 ? 11   LYS B O   1 
ATOM   882  C CB  . LYS B 1 13  ? 7.771   -17.309 11.124  1.00 46.34 ? 11   LYS B CB  1 
ATOM   883  C CG  . LYS B 1 13  ? 7.261   -18.003 12.379  1.00 46.62 ? 11   LYS B CG  1 
ATOM   884  C CD  . LYS B 1 13  ? 6.518   -17.027 13.295  1.00 46.64 ? 11   LYS B CD  1 
ATOM   885  N N   . LEU B 1 14  ? 8.988   -16.574 8.440   1.00 46.66 ? 12   LEU B N   1 
ATOM   886  C CA  . LEU B 1 14  ? 9.038   -15.646 7.297   1.00 46.78 ? 12   LEU B CA  1 
ATOM   887  C C   . LEU B 1 14  ? 8.926   -16.357 5.951   1.00 46.43 ? 12   LEU B C   1 
ATOM   888  O O   . LEU B 1 14  ? 8.147   -15.956 5.097   1.00 46.66 ? 12   LEU B O   1 
ATOM   889  C CB  . LEU B 1 14  ? 10.347  -14.843 7.340   1.00 46.63 ? 12   LEU B CB  1 
ATOM   890  C CG  . LEU B 1 14  ? 10.638  -13.904 6.167   1.00 46.85 ? 12   LEU B CG  1 
ATOM   891  C CD1 . LEU B 1 14  ? 9.667   -12.747 6.171   1.00 46.54 ? 12   LEU B CD1 1 
ATOM   892  C CD2 . LEU B 1 14  ? 12.072  -13.407 6.229   1.00 47.25 ? 12   LEU B CD2 1 
ATOM   893  N N   . ASP B 1 15  ? 9.735   -17.388 5.758   1.00 46.44 ? 13   ASP B N   1 
ATOM   894  C CA  . ASP B 1 15  ? 9.717   -18.168 4.516   1.00 46.51 ? 13   ASP B CA  1 
ATOM   895  C C   . ASP B 1 15  ? 8.360   -18.786 4.228   1.00 46.12 ? 13   ASP B C   1 
ATOM   896  O O   . ASP B 1 15  ? 7.941   -18.819 3.076   1.00 46.26 ? 13   ASP B O   1 
ATOM   897  C CB  . ASP B 1 15  ? 10.765  -19.277 4.564   1.00 46.75 ? 13   ASP B CB  1 
ATOM   898  C CG  . ASP B 1 15  ? 12.178  -18.747 4.457   1.00 48.32 ? 13   ASP B CG  1 
ATOM   899  O OD1 . ASP B 1 15  ? 12.360  -17.529 4.246   1.00 51.30 ? 13   ASP B OD1 1 
ATOM   900  O OD2 . ASP B 1 15  ? 13.117  -19.556 4.571   1.00 50.78 ? 13   ASP B OD2 1 
ATOM   901  N N   . ASP B 1 16  ? 7.696   -19.291 5.270   1.00 45.69 ? 14   ASP B N   1 
ATOM   902  C CA  . ASP B 1 16  ? 6.357   -19.869 5.140   1.00 45.35 ? 14   ASP B CA  1 
ATOM   903  C C   . ASP B 1 16  ? 5.323   -18.814 4.756   1.00 44.81 ? 14   ASP B C   1 
ATOM   904  O O   . ASP B 1 16  ? 4.468   -19.057 3.916   1.00 44.61 ? 14   ASP B O   1 
ATOM   905  C CB  . ASP B 1 16  ? 5.929   -20.529 6.451   1.00 45.69 ? 14   ASP B CB  1 
ATOM   906  C CG  . ASP B 1 16  ? 6.753   -21.763 6.788   1.00 46.75 ? 14   ASP B CG  1 
ATOM   907  O OD1 . ASP B 1 16  ? 6.983   -22.596 5.882   1.00 47.53 ? 14   ASP B OD1 1 
ATOM   908  O OD2 . ASP B 1 16  ? 7.160   -21.908 7.962   1.00 48.28 ? 14   ASP B OD2 1 
ATOM   909  N N   . ALA B 1 17  ? 5.411   -17.648 5.384   1.00 44.14 ? 15   ALA B N   1 
ATOM   910  C CA  . ALA B 1 17  ? 4.486   -16.545 5.120   1.00 44.17 ? 15   ALA B CA  1 
ATOM   911  C C   . ALA B 1 17  ? 4.605   -16.002 3.686   1.00 44.10 ? 15   ALA B C   1 
ATOM   912  O O   . ALA B 1 17  ? 3.614   -15.608 3.067   1.00 43.47 ? 15   ALA B O   1 
ATOM   913  C CB  . ALA B 1 17  ? 4.713   -15.431 6.128   1.00 43.95 ? 15   ALA B CB  1 
ATOM   914  N N   . ILE B 1 18  ? 5.831   -15.979 3.176   1.00 44.35 ? 16   ILE B N   1 
ATOM   915  C CA  . ILE B 1 18  ? 6.103   -15.591 1.792   1.00 44.48 ? 16   ILE B CA  1 
ATOM   916  C C   . ILE B 1 18  ? 5.545   -16.643 0.838   1.00 44.33 ? 16   ILE B C   1 
ATOM   917  O O   . ILE B 1 18  ? 4.874   -16.314 -0.146  1.00 43.91 ? 16   ILE B O   1 
ATOM   918  C CB  . ILE B 1 18  ? 7.616   -15.395 1.562   1.00 44.43 ? 16   ILE B CB  1 
ATOM   919  C CG1 . ILE B 1 18  ? 8.095   -14.179 2.359   1.00 44.76 ? 16   ILE B CG1 1 
ATOM   920  C CG2 . ILE B 1 18  ? 7.926   -15.191 0.096   1.00 44.38 ? 16   ILE B CG2 1 
ATOM   921  C CD1 . ILE B 1 18  ? 9.591   -14.127 2.580   1.00 44.60 ? 16   ILE B CD1 1 
ATOM   922  N N   . ALA B 1 19  ? 5.812   -17.907 1.142   1.00 44.27 ? 17   ALA B N   1 
ATOM   923  C CA  . ALA B 1 19  ? 5.207   -19.008 0.407   1.00 44.48 ? 17   ALA B CA  1 
ATOM   924  C C   . ALA B 1 19  ? 3.683   -18.901 0.422   1.00 44.55 ? 17   ALA B C   1 
ATOM   925  O O   . ALA B 1 19  ? 3.031   -19.091 -0.608  1.00 44.77 ? 17   ALA B O   1 
ATOM   926  C CB  . ALA B 1 19  ? 5.657   -20.344 0.983   1.00 44.63 ? 17   ALA B CB  1 
ATOM   927  N N   . ALA B 1 20  ? 3.115   -18.566 1.578   1.00 44.65 ? 18   ALA B N   1 
ATOM   928  C CA  . ALA B 1 20  ? 1.659   -18.462 1.721   1.00 44.86 ? 18   ALA B CA  1 
ATOM   929  C C   . ALA B 1 20  ? 1.066   -17.391 0.818   1.00 45.09 ? 18   ALA B C   1 
ATOM   930  O O   . ALA B 1 20  ? -0.079  -17.486 0.394   1.00 45.40 ? 18   ALA B O   1 
ATOM   931  C CB  . ALA B 1 20  ? 1.282   -18.179 3.171   1.00 44.74 ? 18   ALA B CB  1 
ATOM   932  N N   . LYS B 1 21  ? 1.854   -16.373 0.521   1.00 45.31 ? 19   LYS B N   1 
ATOM   933  C CA  . LYS B 1 21  ? 1.339   -15.195 -0.124  1.00 45.51 ? 19   LYS B CA  1 
ATOM   934  C C   . LYS B 1 21  ? 1.555   -15.267 -1.621  1.00 45.69 ? 19   LYS B C   1 
ATOM   935  O O   . LYS B 1 21  ? 0.655   -14.958 -2.384  1.00 46.22 ? 19   LYS B O   1 
ATOM   936  C CB  . LYS B 1 21  ? 2.026   -13.944 0.447   1.00 45.64 ? 19   LYS B CB  1 
ATOM   937  C CG  . LYS B 1 21  ? 1.853   -12.700 -0.398  1.00 45.23 ? 19   LYS B CG  1 
ATOM   938  C CD  . LYS B 1 21  ? 0.395   -12.284 -0.452  1.00 44.97 ? 19   LYS B CD  1 
ATOM   939  C CE  . LYS B 1 21  ? 0.200   -11.014 -1.265  1.00 43.20 ? 19   LYS B CE  1 
ATOM   940  N NZ  . LYS B 1 21  ? -1.236  -10.705 -1.334  1.00 42.66 ? 19   LYS B NZ  1 
ATOM   941  N N   . PHE B 1 22  ? 2.771   -15.616 -2.028  1.00 45.37 ? 20   PHE B N   1 
ATOM   942  C CA  . PHE B 1 22  ? 3.170   -15.570 -3.432  1.00 45.18 ? 20   PHE B CA  1 
ATOM   943  C C   . PHE B 1 22  ? 3.275   -16.955 -4.053  1.00 45.54 ? 20   PHE B C   1 
ATOM   944  O O   . PHE B 1 22  ? 3.114   -17.118 -5.259  1.00 45.59 ? 20   PHE B O   1 
ATOM   945  C CB  . PHE B 1 22  ? 4.521   -14.861 -3.556  1.00 44.56 ? 20   PHE B CB  1 
ATOM   946  C CG  . PHE B 1 22  ? 4.496   -13.416 -3.141  1.00 43.63 ? 20   PHE B CG  1 
ATOM   947  C CD1 . PHE B 1 22  ? 3.781   -12.478 -3.876  1.00 42.94 ? 20   PHE B CD1 1 
ATOM   948  C CD2 . PHE B 1 22  ? 5.197   -12.989 -2.025  1.00 43.02 ? 20   PHE B CD2 1 
ATOM   949  C CE1 . PHE B 1 22  ? 3.770   -11.140 -3.495  1.00 42.47 ? 20   PHE B CE1 1 
ATOM   950  C CE2 . PHE B 1 22  ? 5.200   -11.655 -1.648  1.00 42.48 ? 20   PHE B CE2 1 
ATOM   951  C CZ  . PHE B 1 22  ? 4.490   -10.733 -2.373  1.00 42.50 ? 20   PHE B CZ  1 
ATOM   952  N N   . GLY B 1 23  ? 3.561   -17.945 -3.214  1.00 46.01 ? 21   GLY B N   1 
ATOM   953  C CA  . GLY B 1 23  ? 3.758   -19.301 -3.660  1.00 46.38 ? 21   GLY B CA  1 
ATOM   954  C C   . GLY B 1 23  ? 5.235   -19.579 -3.611  1.00 47.04 ? 21   GLY B C   1 
ATOM   955  O O   . GLY B 1 23  ? 5.989   -18.888 -2.928  1.00 47.52 ? 21   GLY B O   1 
ATOM   956  N N   . SER B 1 24  ? 5.657   -20.600 -4.335  1.00 47.68 ? 22   SER B N   1 
ATOM   957  C CA  . SER B 1 24  ? 7.066   -20.989 -4.350  1.00 48.32 ? 22   SER B CA  1 
ATOM   958  C C   . SER B 1 24  ? 7.739   -20.325 -5.526  1.00 48.80 ? 22   SER B C   1 
ATOM   959  O O   . SER B 1 24  ? 8.066   -20.979 -6.530  1.00 49.57 ? 22   SER B O   1 
ATOM   960  C CB  . SER B 1 24  ? 7.235   -22.508 -4.421  1.00 47.99 ? 22   SER B CB  1 
ATOM   961  O OG  . SER B 1 24  ? 7.305   -23.053 -3.114  1.00 48.30 ? 22   SER B OG  1 
ATOM   962  N N   . LEU B 1 25  ? 7.966   -19.023 -5.385  1.00 48.96 ? 23   LEU B N   1 
ATOM   963  C CA  . LEU B 1 25  ? 8.618   -18.278 -6.430  1.00 48.93 ? 23   LEU B CA  1 
ATOM   964  C C   . LEU B 1 25  ? 10.054  -18.003 -6.054  1.00 49.04 ? 23   LEU B C   1 
ATOM   965  O O   . LEU B 1 25  ? 10.366  -17.768 -4.876  1.00 49.32 ? 23   LEU B O   1 
ATOM   966  C CB  . LEU B 1 25  ? 7.878   -16.978 -6.684  1.00 49.44 ? 23   LEU B CB  1 
ATOM   967  C CG  . LEU B 1 25  ? 6.631   -17.137 -7.542  1.00 49.83 ? 23   LEU B CG  1 
ATOM   968  C CD1 . LEU B 1 25  ? 5.945   -15.791 -7.729  1.00 50.22 ? 23   LEU B CD1 1 
ATOM   969  C CD2 . LEU B 1 25  ? 7.026   -17.723 -8.868  1.00 50.86 ? 23   LEU B CD2 1 
ATOM   970  N N   . PRO B 1 26  ? 10.939  -18.038 -7.059  1.00 48.89 ? 24   PRO B N   1 
ATOM   971  C CA  . PRO B 1 26  ? 12.342  -17.759 -6.813  1.00 48.61 ? 24   PRO B CA  1 
ATOM   972  C C   . PRO B 1 26  ? 12.482  -16.325 -6.334  1.00 48.00 ? 24   PRO B C   1 
ATOM   973  O O   . PRO B 1 26  ? 11.809  -15.415 -6.846  1.00 48.02 ? 24   PRO B O   1 
ATOM   974  C CB  . PRO B 1 26  ? 13.024  -17.973 -8.179  1.00 48.75 ? 24   PRO B CB  1 
ATOM   975  C CG  . PRO B 1 26  ? 11.971  -18.369 -9.145  1.00 49.03 ? 24   PRO B CG  1 
ATOM   976  C CD  . PRO B 1 26  ? 10.641  -18.350 -8.469  1.00 49.14 ? 24   PRO B CD  1 
ATOM   977  N N   . ILE B 1 27  ? 13.345  -16.146 -5.346  1.00 47.40 ? 25   ILE B N   1 
ATOM   978  C CA  . ILE B 1 27  ? 13.534  -14.870 -4.702  1.00 47.24 ? 25   ILE B CA  1 
ATOM   979  C C   . ILE B 1 27  ? 14.995  -14.448 -4.782  1.00 46.82 ? 25   ILE B C   1 
ATOM   980  O O   . ILE B 1 27  ? 15.902  -15.267 -4.625  1.00 46.92 ? 25   ILE B O   1 
ATOM   981  C CB  . ILE B 1 27  ? 13.058  -14.931 -3.234  1.00 47.20 ? 25   ILE B CB  1 
ATOM   982  C CG1 . ILE B 1 27  ? 13.148  -13.559 -2.583  1.00 48.34 ? 25   ILE B CG1 1 
ATOM   983  C CG2 . ILE B 1 27  ? 13.867  -15.919 -2.420  1.00 47.95 ? 25   ILE B CG2 1 
ATOM   984  C CD1 . ILE B 1 27  ? 12.254  -13.454 -1.379  1.00 50.09 ? 25   ILE B CD1 1 
ATOM   985  N N   . GLN B 1 28  ? 15.213  -13.165 -5.026  1.00 46.55 ? 26   GLN B N   1 
ATOM   986  C CA  . GLN B 1 28  ? 16.547  -12.604 -4.956  1.00 47.14 ? 26   GLN B CA  1 
ATOM   987  C C   . GLN B 1 28  ? 16.548  -11.323 -4.147  1.00 46.32 ? 26   GLN B C   1 
ATOM   988  O O   . GLN B 1 28  ? 15.505  -10.781 -3.835  1.00 45.93 ? 26   GLN B O   1 
ATOM   989  C CB  . GLN B 1 28  ? 17.132  -12.391 -6.348  1.00 47.15 ? 26   GLN B CB  1 
ATOM   990  C CG  . GLN B 1 28  ? 16.280  -11.577 -7.288  1.00 48.37 ? 26   GLN B CG  1 
ATOM   991  C CD  . GLN B 1 28  ? 16.768  -11.681 -8.724  1.00 49.57 ? 26   GLN B CD  1 
ATOM   992  O OE1 . GLN B 1 28  ? 17.815  -11.126 -9.086  1.00 53.01 ? 26   GLN B OE1 1 
ATOM   993  N NE2 . GLN B 1 28  ? 16.008  -12.409 -9.552  1.00 52.75 ? 26   GLN B NE2 1 
ATOM   994  N N   . GLU B 1 29  ? 17.741  -10.897 -3.758  1.00 46.32 ? 27   GLU B N   1 
ATOM   995  C CA  . GLU B 1 29  ? 17.937  -9.668  -3.015  1.00 46.37 ? 27   GLU B CA  1 
ATOM   996  C C   . GLU B 1 29  ? 18.100  -8.566  -4.037  1.00 45.89 ? 27   GLU B C   1 
ATOM   997  O O   . GLU B 1 29  ? 18.716  -8.766  -5.080  1.00 46.25 ? 27   GLU B O   1 
ATOM   998  C CB  . GLU B 1 29  ? 19.186  -9.753  -2.124  1.00 46.70 ? 27   GLU B CB  1 
ATOM   999  C CG  . GLU B 1 29  ? 19.321  -11.054 -1.302  1.00 48.63 ? 27   GLU B CG  1 
ATOM   1000 C CD  . GLU B 1 29  ? 18.082  -11.359 -0.452  1.00 50.96 ? 27   GLU B CD  1 
ATOM   1001 O OE1 . GLU B 1 29  ? 17.428  -10.392 0.050   1.00 52.62 ? 27   GLU B OE1 1 
ATOM   1002 O OE2 . GLU B 1 29  ? 17.777  -12.569 -0.296  1.00 50.62 ? 27   GLU B OE2 1 
ATOM   1003 N N   . SER B 1 30  ? 17.537  -7.406  -3.742  1.00 45.59 ? 28   SER B N   1 
ATOM   1004 C CA  . SER B 1 30  ? 17.582  -6.268  -4.649  1.00 45.33 ? 28   SER B CA  1 
ATOM   1005 C C   . SER B 1 30  ? 17.899  -4.993  -3.882  1.00 45.31 ? 28   SER B C   1 
ATOM   1006 O O   . SER B 1 30  ? 17.387  -4.774  -2.792  1.00 45.77 ? 28   SER B O   1 
ATOM   1007 C CB  . SER B 1 30  ? 16.230  -6.128  -5.372  1.00 45.17 ? 28   SER B CB  1 
ATOM   1008 O OG  . SER B 1 30  ? 16.073  -4.846  -5.950  1.00 44.26 ? 28   SER B OG  1 
ATOM   1009 N N   . THR B 1 31  ? 18.735  -4.154  -4.485  1.00 45.34 ? 29   THR B N   1 
ATOM   1010 C CA  . THR B 1 31  ? 19.012  -2.796  -4.013  1.00 45.26 ? 29   THR B CA  1 
ATOM   1011 C C   . THR B 1 31  ? 18.013  -1.762  -4.610  1.00 45.00 ? 29   THR B C   1 
ATOM   1012 O O   . THR B 1 31  ? 18.090  -0.565  -4.307  1.00 45.16 ? 29   THR B O   1 
ATOM   1013 C CB  . THR B 1 31  ? 20.431  -2.392  -4.420  1.00 45.36 ? 29   THR B CB  1 
ATOM   1014 O OG1 . THR B 1 31  ? 20.575  -2.548  -5.838  1.00 45.68 ? 29   THR B OG1 1 
ATOM   1015 C CG2 . THR B 1 31  ? 21.473  -3.275  -3.730  1.00 45.96 ? 29   THR B CG2 1 
ATOM   1016 N N   . ALA B 1 32  ? 17.079  -2.231  -5.442  1.00 44.44 ? 30   ALA B N   1 
ATOM   1017 C CA  . ALA B 1 32  ? 16.073  -1.378  -6.084  1.00 44.35 ? 30   ALA B CA  1 
ATOM   1018 C C   . ALA B 1 32  ? 14.798  -1.279  -5.251  1.00 44.46 ? 30   ALA B C   1 
ATOM   1019 O O   . ALA B 1 32  ? 13.701  -1.056  -5.786  1.00 44.43 ? 30   ALA B O   1 
ATOM   1020 C CB  . ALA B 1 32  ? 15.746  -1.920  -7.469  1.00 44.14 ? 30   ALA B CB  1 
ATOM   1021 N N   . ILE B 1 33  ? 14.945  -1.469  -3.946  1.00 44.72 ? 31   ILE B N   1 
ATOM   1022 C CA  . ILE B 1 33  ? 13.850  -1.330  -2.983  1.00 44.94 ? 31   ILE B CA  1 
ATOM   1023 C C   . ILE B 1 33  ? 14.376  -0.406  -1.904  1.00 45.07 ? 31   ILE B C   1 
ATOM   1024 O O   . ILE B 1 33  ? 15.409  -0.677  -1.321  1.00 44.97 ? 31   ILE B O   1 
ATOM   1025 C CB  . ILE B 1 33  ? 13.457  -2.670  -2.348  1.00 44.82 ? 31   ILE B CB  1 
ATOM   1026 C CG1 . ILE B 1 33  ? 12.841  -3.608  -3.394  1.00 44.79 ? 31   ILE B CG1 1 
ATOM   1027 C CG2 . ILE B 1 33  ? 12.459  -2.447  -1.210  1.00 44.78 ? 31   ILE B CG2 1 
ATOM   1028 C CD1 . ILE B 1 33  ? 12.731  -5.068  -2.946  1.00 44.72 ? 31   ILE B CD1 1 
ATOM   1029 N N   . GLN B 1 34  ? 13.676  0.694   -1.669  1.00 45.78 ? 32   GLN B N   1 
ATOM   1030 C CA  . GLN B 1 34  ? 14.127  1.712   -0.727  1.00 46.09 ? 32   GLN B CA  1 
ATOM   1031 C C   . GLN B 1 34  ? 13.231  1.642   0.495   1.00 45.50 ? 32   GLN B C   1 
ATOM   1032 O O   . GLN B 1 34  ? 12.023  1.700   0.378   1.00 46.03 ? 32   GLN B O   1 
ATOM   1033 C CB  . GLN B 1 34  ? 14.061  3.107   -1.372  1.00 46.90 ? 32   GLN B CB  1 
ATOM   1034 C CG  . GLN B 1 34  ? 14.985  3.312   -2.621  1.00 49.23 ? 32   GLN B CG  1 
ATOM   1035 C CD  . GLN B 1 34  ? 14.308  2.930   -3.981  1.00 53.37 ? 32   GLN B CD  1 
ATOM   1036 O OE1 . GLN B 1 34  ? 13.149  3.291   -4.244  1.00 56.24 ? 32   GLN B OE1 1 
ATOM   1037 N NE2 . GLN B 1 34  ? 15.044  2.206   -4.845  1.00 54.48 ? 32   GLN B NE2 1 
ATOM   1038 N N   . ILE B 1 35  ? 13.829  1.469   1.661   1.00 44.98 ? 33   ILE B N   1 
ATOM   1039 C CA  . ILE B 1 35  ? 13.112  1.437   2.909   1.00 44.86 ? 33   ILE B CA  1 
ATOM   1040 C C   . ILE B 1 35  ? 13.686  2.533   3.751   1.00 44.93 ? 33   ILE B C   1 
ATOM   1041 O O   . ILE B 1 35  ? 14.884  2.528   4.015   1.00 45.53 ? 33   ILE B O   1 
ATOM   1042 C CB  . ILE B 1 35  ? 13.331  0.124   3.670   1.00 44.76 ? 33   ILE B CB  1 
ATOM   1043 C CG1 . ILE B 1 35  ? 12.739  -1.051  2.904   1.00 45.11 ? 33   ILE B CG1 1 
ATOM   1044 C CG2 . ILE B 1 35  ? 12.690  0.199   5.057   1.00 44.99 ? 33   ILE B CG2 1 
ATOM   1045 C CD1 . ILE B 1 35  ? 13.362  -2.376  3.236   1.00 44.78 ? 33   ILE B CD1 1 
ATOM   1046 N N   . LYS B 1 36  ? 12.849  3.474   4.172   1.00 45.20 ? 34   LYS B N   1 
ATOM   1047 C CA  . LYS B 1 36  ? 13.292  4.532   5.079   1.00 45.56 ? 34   LYS B CA  1 
ATOM   1048 C C   . LYS B 1 36  ? 12.559  4.347   6.399   1.00 45.34 ? 34   LYS B C   1 
ATOM   1049 O O   . LYS B 1 36  ? 11.337  4.351   6.459   1.00 45.32 ? 34   LYS B O   1 
ATOM   1050 C CB  . LYS B 1 36  ? 13.048  5.937   4.503   1.00 45.58 ? 34   LYS B CB  1 
ATOM   1051 C CG  . LYS B 1 36  ? 12.928  5.986   2.965   1.00 46.63 ? 34   LYS B CG  1 
ATOM   1052 C CD  . LYS B 1 36  ? 12.843  7.426   2.425   1.00 46.41 ? 34   LYS B CD  1 
ATOM   1053 N N   . ALA B 1 37  ? 13.327  4.128   7.451   1.00 45.56 ? 35   ALA B N   1 
ATOM   1054 C CA  . ALA B 1 37  ? 12.795  4.132   8.801   1.00 45.71 ? 35   ALA B CA  1 
ATOM   1055 C C   . ALA B 1 37  ? 13.908  4.632   9.694   1.00 45.79 ? 35   ALA B C   1 
ATOM   1056 O O   . ALA B 1 37  ? 15.073  4.560   9.309   1.00 45.93 ? 35   ALA B O   1 
ATOM   1057 C CB  . ALA B 1 37  ? 12.361  2.734   9.213   1.00 45.61 ? 35   ALA B CB  1 
ATOM   1058 N N   . PRO B 1 38  ? 13.562  5.184   10.866  1.00 45.99 ? 36   PRO B N   1 
ATOM   1059 C CA  . PRO B 1 38  ? 14.556  5.470   11.906  1.00 45.91 ? 36   PRO B CA  1 
ATOM   1060 C C   . PRO B 1 38  ? 15.505  4.295   12.195  1.00 46.16 ? 36   PRO B C   1 
ATOM   1061 O O   . PRO B 1 38  ? 15.071  3.140   12.230  1.00 46.53 ? 36   PRO B O   1 
ATOM   1062 C CB  . PRO B 1 38  ? 13.689  5.755   13.132  1.00 45.90 ? 36   PRO B CB  1 
ATOM   1063 C CG  . PRO B 1 38  ? 12.433  6.325   12.577  1.00 45.82 ? 36   PRO B CG  1 
ATOM   1064 C CD  . PRO B 1 38  ? 12.209  5.624   11.258  1.00 46.00 ? 36   PRO B CD  1 
ATOM   1065 N N   . GLU B 1 39  ? 16.788  4.594   12.387  1.00 46.37 ? 37   GLU B N   1 
ATOM   1066 C CA  . GLU B 1 39  ? 17.780  3.580   12.754  1.00 46.47 ? 37   GLU B CA  1 
ATOM   1067 C C   . GLU B 1 39  ? 17.488  3.064   14.162  1.00 46.60 ? 37   GLU B C   1 
ATOM   1068 O O   . GLU B 1 39  ? 17.448  1.850   14.387  1.00 46.45 ? 37   GLU B O   1 
ATOM   1069 C CB  . GLU B 1 39  ? 19.189  4.155   12.680  1.00 46.56 ? 37   GLU B CB  1 
ATOM   1070 N N   . ILE B 1 40  ? 17.289  3.997   15.096  1.00 46.72 ? 38   ILE B N   1 
ATOM   1071 C CA  . ILE B 1 40  ? 16.785  3.682   16.440  1.00 47.06 ? 38   ILE B CA  1 
ATOM   1072 C C   . ILE B 1 40  ? 15.474  4.441   16.736  1.00 47.28 ? 38   ILE B C   1 
ATOM   1073 O O   . ILE B 1 40  ? 15.269  5.552   16.234  1.00 47.72 ? 38   ILE B O   1 
ATOM   1074 C CB  . ILE B 1 40  ? 17.836  3.998   17.548  1.00 46.84 ? 38   ILE B CB  1 
ATOM   1075 N N   . ALA B 1 41  ? 14.597  3.823   17.537  1.00 47.32 ? 39   ALA B N   1 
ATOM   1076 C CA  . ALA B 1 41  ? 13.338  4.443   17.995  1.00 47.16 ? 39   ALA B CA  1 
ATOM   1077 C C   . ALA B 1 41  ? 13.047  4.075   19.452  1.00 47.15 ? 39   ALA B C   1 
ATOM   1078 O O   . ALA B 1 41  ? 13.626  3.120   19.984  1.00 47.29 ? 39   ALA B O   1 
ATOM   1079 C CB  . ALA B 1 41  ? 12.183  4.019   17.105  1.00 47.21 ? 39   ALA B CB  1 
ATOM   1080 N N   . GLU B 1 42  ? 12.152  4.829   20.094  1.00 47.08 ? 40   GLU B N   1 
ATOM   1081 C CA  . GLU B 1 42  ? 11.881  4.659   21.535  1.00 46.92 ? 40   GLU B CA  1 
ATOM   1082 C C   . GLU B 1 42  ? 10.995  3.439   21.798  1.00 46.81 ? 40   GLU B C   1 
ATOM   1083 O O   . GLU B 1 42  ? 10.228  3.021   20.933  1.00 46.82 ? 40   GLU B O   1 
ATOM   1084 C CB  . GLU B 1 42  ? 11.239  5.922   22.129  1.00 46.89 ? 40   GLU B CB  1 
ATOM   1085 N N   . ASN B 1 43  ? 11.100  2.882   23.003  1.00 46.73 ? 41   ASN B N   1 
ATOM   1086 C CA  . ASN B 1 43  ? 10.415  1.632   23.359  1.00 46.63 ? 41   ASN B CA  1 
ATOM   1087 C C   . ASN B 1 43  ? 8.885   1.713   23.274  1.00 46.56 ? 41   ASN B C   1 
ATOM   1088 O O   . ASN B 1 43  ? 8.256   2.505   23.968  1.00 46.67 ? 41   ASN B O   1 
ATOM   1089 C CB  . ASN B 1 43  ? 10.827  1.194   24.767  1.00 46.54 ? 41   ASN B CB  1 
ATOM   1090 N N   . GLY B 1 44  ? 8.299   0.890   22.410  1.00 46.65 ? 42   GLY B N   1 
ATOM   1091 C CA  . GLY B 1 44  ? 6.841   0.816   22.254  1.00 46.68 ? 42   GLY B CA  1 
ATOM   1092 C C   . GLY B 1 44  ? 6.204   1.962   21.474  1.00 46.68 ? 42   GLY B C   1 
ATOM   1093 O O   . GLY B 1 44  ? 4.988   2.166   21.547  1.00 46.73 ? 42   GLY B O   1 
ATOM   1094 N N   . ALA B 1 45  ? 7.016   2.697   20.716  1.00 46.56 ? 43   ALA B N   1 
ATOM   1095 C CA  . ALA B 1 45  ? 6.566   3.910   20.029  1.00 46.46 ? 43   ALA B CA  1 
ATOM   1096 C C   . ALA B 1 45  ? 6.114   3.616   18.611  1.00 46.36 ? 43   ALA B C   1 
ATOM   1097 O O   . ALA B 1 45  ? 6.405   2.550   18.067  1.00 46.35 ? 43   ALA B O   1 
ATOM   1098 C CB  . ALA B 1 45  ? 7.681   4.945   20.010  1.00 46.48 ? 43   ALA B CB  1 
ATOM   1099 N N   . PHE B 1 46  ? 5.418   4.579   18.013  1.00 46.41 ? 44   PHE B N   1 
ATOM   1100 C CA  . PHE B 1 46  ? 4.972   4.474   16.615  1.00 46.42 ? 44   PHE B CA  1 
ATOM   1101 C C   . PHE B 1 46  ? 6.078   4.899   15.645  1.00 46.27 ? 44   PHE B C   1 
ATOM   1102 O O   . PHE B 1 46  ? 6.444   6.071   15.590  1.00 46.45 ? 44   PHE B O   1 
ATOM   1103 C CB  . PHE B 1 46  ? 3.712   5.318   16.373  1.00 46.58 ? 44   PHE B CB  1 
ATOM   1104 C CG  . PHE B 1 46  ? 2.434   4.635   16.778  1.00 46.76 ? 44   PHE B CG  1 
ATOM   1105 C CD1 . PHE B 1 46  ? 1.630   5.165   17.781  1.00 47.43 ? 44   PHE B CD1 1 
ATOM   1106 C CD2 . PHE B 1 46  ? 2.035   3.454   16.153  1.00 47.24 ? 44   PHE B CD2 1 
ATOM   1107 C CE1 . PHE B 1 46  ? 0.452   4.531   18.155  1.00 47.70 ? 44   PHE B CE1 1 
ATOM   1108 C CE2 . PHE B 1 46  ? 0.860   2.816   16.519  1.00 47.25 ? 44   PHE B CE2 1 
ATOM   1109 C CZ  . PHE B 1 46  ? 0.066   3.354   17.522  1.00 47.28 ? 44   PHE B CZ  1 
ATOM   1110 N N   . VAL B 1 47  ? 6.592   3.944   14.877  1.00 46.04 ? 45   VAL B N   1 
ATOM   1111 C CA  . VAL B 1 47  ? 7.698   4.203   13.953  1.00 45.82 ? 45   VAL B CA  1 
ATOM   1112 C C   . VAL B 1 47  ? 7.196   4.430   12.515  1.00 45.48 ? 45   VAL B C   1 
ATOM   1113 O O   . VAL B 1 47  ? 6.627   3.519   11.908  1.00 45.33 ? 45   VAL B O   1 
ATOM   1114 C CB  . VAL B 1 47  ? 8.720   3.044   13.988  1.00 45.86 ? 45   VAL B CB  1 
ATOM   1115 C CG1 . VAL B 1 47  ? 9.748   3.173   12.864  1.00 46.08 ? 45   VAL B CG1 1 
ATOM   1116 C CG2 . VAL B 1 47  ? 9.422   3.007   15.353  1.00 45.71 ? 45   VAL B CG2 1 
ATOM   1117 N N   . PRO B 1 48  ? 7.408   5.644   11.969  1.00 45.13 ? 46   PRO B N   1 
ATOM   1118 C CA  . PRO B 1 48  ? 7.065   5.879   10.579  1.00 44.98 ? 46   PRO B CA  1 
ATOM   1119 C C   . PRO B 1 48  ? 8.001   5.109   9.649   1.00 44.82 ? 46   PRO B C   1 
ATOM   1120 O O   . PRO B 1 48  ? 9.221   5.181   9.803   1.00 45.26 ? 46   PRO B O   1 
ATOM   1121 C CB  . PRO B 1 48  ? 7.257   7.393   10.417  1.00 44.93 ? 46   PRO B CB  1 
ATOM   1122 C CG  . PRO B 1 48  ? 8.245   7.753   11.423  1.00 45.16 ? 46   PRO B CG  1 
ATOM   1123 C CD  . PRO B 1 48  ? 7.970   6.856   12.596  1.00 45.39 ? 46   PRO B CD  1 
ATOM   1124 N N   . VAL B 1 49  ? 7.416   4.370   8.715   1.00 44.26 ? 47   VAL B N   1 
ATOM   1125 C CA  . VAL B 1 49  ? 8.156   3.583   7.741   1.00 44.21 ? 47   VAL B CA  1 
ATOM   1126 C C   . VAL B 1 49  ? 7.661   3.949   6.342   1.00 43.93 ? 47   VAL B C   1 
ATOM   1127 O O   . VAL B 1 49  ? 6.460   4.014   6.114   1.00 43.08 ? 47   VAL B O   1 
ATOM   1128 C CB  . VAL B 1 49  ? 7.912   2.068   7.944   1.00 44.06 ? 47   VAL B CB  1 
ATOM   1129 C CG1 . VAL B 1 49  ? 8.596   1.258   6.845   1.00 44.71 ? 47   VAL B CG1 1 
ATOM   1130 C CG2 . VAL B 1 49  ? 8.374   1.613   9.317   1.00 44.36 ? 47   VAL B CG2 1 
ATOM   1131 N N   . THR B 1 50  ? 8.595   4.168   5.418   1.00 44.06 ? 48   THR B N   1 
ATOM   1132 C CA  . THR B 1 50  ? 8.266   4.399   4.009   1.00 43.96 ? 48   THR B CA  1 
ATOM   1133 C C   . THR B 1 50  ? 9.002   3.425   3.119   1.00 43.80 ? 48   THR B C   1 
ATOM   1134 O O   . THR B 1 50  ? 10.204  3.239   3.244   1.00 43.55 ? 48   THR B O   1 
ATOM   1135 C CB  . THR B 1 50  ? 8.614   5.828   3.560   1.00 44.14 ? 48   THR B CB  1 
ATOM   1136 O OG1 . THR B 1 50  ? 7.982   6.768   4.433   1.00 43.16 ? 48   THR B OG1 1 
ATOM   1137 C CG2 . THR B 1 50  ? 8.158   6.067   2.114   1.00 44.06 ? 48   THR B CG2 1 
ATOM   1138 N N   . VAL B 1 51  ? 8.252   2.818   2.214   1.00 44.37 ? 49   VAL B N   1 
ATOM   1139 C CA  . VAL B 1 51  ? 8.766   1.835   1.275   1.00 44.72 ? 49   VAL B CA  1 
ATOM   1140 C C   . VAL B 1 51  ? 8.473   2.280   -0.162  1.00 45.16 ? 49   VAL B C   1 
ATOM   1141 O O   . VAL B 1 51  ? 7.348   2.666   -0.482  1.00 44.90 ? 49   VAL B O   1 
ATOM   1142 C CB  . VAL B 1 51  ? 8.088   0.474   1.502   1.00 45.16 ? 49   VAL B CB  1 
ATOM   1143 C CG1 . VAL B 1 51  ? 8.518   -0.537  0.422   1.00 45.30 ? 49   VAL B CG1 1 
ATOM   1144 C CG2 . VAL B 1 51  ? 8.390   -0.046  2.906   1.00 44.19 ? 49   VAL B CG2 1 
ATOM   1145 N N   . ALA B 1 52  ? 9.498   2.232   -1.013  1.00 45.41 ? 50   ALA B N   1 
ATOM   1146 C CA  . ALA B 1 52  ? 9.351   2.478   -2.452  1.00 45.48 ? 50   ALA B CA  1 
ATOM   1147 C C   . ALA B 1 52  ? 10.131  1.424   -3.214  1.00 45.85 ? 50   ALA B C   1 
ATOM   1148 O O   . ALA B 1 52  ? 10.956  0.706   -2.623  1.00 46.59 ? 50   ALA B O   1 
ATOM   1149 C CB  . ALA B 1 52  ? 9.863   3.839   -2.803  1.00 45.42 ? 50   ALA B CB  1 
ATOM   1150 N N   . THR B 1 53  ? 9.864   1.322   -4.513  1.00 45.80 ? 51   THR B N   1 
ATOM   1151 C CA  . THR B 1 53  ? 10.664  0.486   -5.415  1.00 46.07 ? 51   THR B CA  1 
ATOM   1152 C C   . THR B 1 53  ? 10.650  1.096   -6.800  1.00 45.86 ? 51   THR B C   1 
ATOM   1153 O O   . THR B 1 53  ? 9.689   1.716   -7.210  1.00 46.74 ? 51   THR B O   1 
ATOM   1154 C CB  . THR B 1 53  ? 10.191  -1.009  -5.482  1.00 46.34 ? 51   THR B CB  1 
ATOM   1155 O OG1 . THR B 1 53  ? 11.140  -1.796  -6.212  1.00 46.26 ? 51   THR B OG1 1 
ATOM   1156 C CG2 . THR B 1 53  ? 8.846   -1.146  -6.150  1.00 47.18 ? 51   THR B CG2 1 
ATOM   1157 N N   . SER B 1 54  ? 11.753  0.941   -7.497  1.00 45.95 ? 52   SER B N   1 
ATOM   1158 C CA  . SER B 1 54  ? 11.916  1.478   -8.817  1.00 45.84 ? 52   SER B CA  1 
ATOM   1159 C C   . SER B 1 54  ? 11.887  0.335   -9.827  1.00 46.32 ? 52   SER B C   1 
ATOM   1160 O O   . SER B 1 54  ? 12.115  0.547   -11.018 1.00 46.27 ? 52   SER B O   1 
ATOM   1161 C CB  . SER B 1 54  ? 13.258  2.162   -8.884  1.00 45.37 ? 52   SER B CB  1 
ATOM   1162 O OG  . SER B 1 54  ? 14.254  1.181   -8.738  1.00 44.43 ? 52   SER B OG  1 
ATOM   1163 N N   . ILE B 1 55  ? 11.633  -0.876  -9.338  1.00 46.83 ? 53   ILE B N   1 
ATOM   1164 C CA  . ILE B 1 55  ? 11.490  -2.039  -10.199 1.00 47.51 ? 53   ILE B CA  1 
ATOM   1165 C C   . ILE B 1 55  ? 10.265  -1.814  -11.120 1.00 47.72 ? 53   ILE B C   1 
ATOM   1166 O O   . ILE B 1 55  ? 9.156   -1.539  -10.630 1.00 47.80 ? 53   ILE B O   1 
ATOM   1167 C CB  . ILE B 1 55  ? 11.349  -3.335  -9.378  1.00 47.81 ? 53   ILE B CB  1 
ATOM   1168 C CG1 . ILE B 1 55  ? 12.658  -3.638  -8.645  1.00 47.37 ? 53   ILE B CG1 1 
ATOM   1169 C CG2 . ILE B 1 55  ? 11.016  -4.516  -10.278 1.00 48.27 ? 53   ILE B CG2 1 
ATOM   1170 C CD1 . ILE B 1 55  ? 12.495  -4.651  -7.519  1.00 48.72 ? 53   ILE B CD1 1 
ATOM   1171 N N   . PRO B 1 56  ? 10.483  -1.887  -12.452 1.00 47.86 ? 54   PRO B N   1 
ATOM   1172 C CA  . PRO B 1 56  ? 9.489   -1.505  -13.471 1.00 47.78 ? 54   PRO B CA  1 
ATOM   1173 C C   . PRO B 1 56  ? 8.116   -2.197  -13.356 1.00 47.42 ? 54   PRO B C   1 
ATOM   1174 O O   . PRO B 1 56  ? 7.093   -1.509  -13.160 1.00 47.63 ? 54   PRO B O   1 
ATOM   1175 C CB  . PRO B 1 56  ? 10.176  -1.833  -14.814 1.00 47.63 ? 54   PRO B CB  1 
ATOM   1176 C CG  . PRO B 1 56  ? 11.554  -2.257  -14.506 1.00 48.23 ? 54   PRO B CG  1 
ATOM   1177 C CD  . PRO B 1 56  ? 11.766  -2.315  -13.039 1.00 48.12 ? 54   PRO B CD  1 
ATOM   1178 N N   . GLY B 1 57  ? 8.079   -3.526  -13.457 1.00 47.02 ? 55   GLY B N   1 
ATOM   1179 C CA  . GLY B 1 57  ? 6.792   -4.244  -13.456 1.00 46.25 ? 55   GLY B CA  1 
ATOM   1180 C C   . GLY B 1 57  ? 6.215   -4.552  -12.089 1.00 45.57 ? 55   GLY B C   1 
ATOM   1181 O O   . GLY B 1 57  ? 5.443   -5.495  -11.951 1.00 45.67 ? 55   GLY B O   1 
ATOM   1182 N N   . ALA B 1 58  ? 6.568   -3.768  -11.075 1.00 45.13 ? 56   ALA B N   1 
ATOM   1183 C CA  . ALA B 1 58  ? 6.151   -4.076  -9.694  1.00 45.21 ? 56   ALA B CA  1 
ATOM   1184 C C   . ALA B 1 58  ? 4.643   -3.925  -9.526  1.00 44.75 ? 56   ALA B C   1 
ATOM   1185 O O   . ALA B 1 58  ? 4.106   -2.841  -9.724  1.00 45.51 ? 56   ALA B O   1 
ATOM   1186 C CB  . ALA B 1 58  ? 6.883   -3.176  -8.696  1.00 45.37 ? 56   ALA B CB  1 
ATOM   1187 N N   . THR B 1 59  ? 3.976   -5.021  -9.192  1.00 44.22 ? 57   THR B N   1 
ATOM   1188 C CA  . THR B 1 59  ? 2.533   -5.056  -9.017  1.00 44.06 ? 57   THR B CA  1 
ATOM   1189 C C   . THR B 1 59  ? 2.114   -5.368  -7.595  1.00 44.05 ? 57   THR B C   1 
ATOM   1190 O O   . THR B 1 59  ? 0.930   -5.317  -7.270  1.00 43.88 ? 57   THR B O   1 
ATOM   1191 C CB  . THR B 1 59  ? 1.892   -6.109  -9.918  1.00 43.40 ? 57   THR B CB  1 
ATOM   1192 O OG1 . THR B 1 59  ? 2.586   -7.339  -9.766  1.00 44.74 ? 57   THR B OG1 1 
ATOM   1193 C CG2 . THR B 1 59  ? 1.964   -5.687  -11.350 1.00 43.32 ? 57   THR B CG2 1 
ATOM   1194 N N   . ASN B 1 60  ? 3.074   -5.740  -6.759  1.00 44.63 ? 58   ASN B N   1 
ATOM   1195 C CA  . ASN B 1 60  ? 2.805   -5.975  -5.360  1.00 44.90 ? 58   ASN B CA  1 
ATOM   1196 C C   . ASN B 1 60  ? 4.017   -5.680  -4.487  1.00 45.31 ? 58   ASN B C   1 
ATOM   1197 O O   . ASN B 1 60  ? 5.140   -6.090  -4.783  1.00 45.10 ? 58   ASN B O   1 
ATOM   1198 C CB  . ASN B 1 60  ? 2.312   -7.404  -5.117  1.00 45.14 ? 58   ASN B CB  1 
ATOM   1199 C CG  . ASN B 1 60  ? 2.036   -7.680  -3.636  1.00 45.73 ? 58   ASN B CG  1 
ATOM   1200 O OD1 . ASN B 1 60  ? 2.959   -7.984  -2.874  1.00 45.20 ? 58   ASN B OD1 1 
ATOM   1201 N ND2 . ASN B 1 60  ? 0.782   -7.548  -3.223  1.00 43.40 ? 58   ASN B ND2 1 
ATOM   1202 N N   . ILE B 1 61  ? 3.751   -4.945  -3.414  1.00 45.25 ? 59   ILE B N   1 
ATOM   1203 C CA  . ILE B 1 61  ? 4.700   -4.718  -2.351  1.00 45.48 ? 59   ILE B CA  1 
ATOM   1204 C C   . ILE B 1 61  ? 4.068   -5.255  -1.072  1.00 45.01 ? 59   ILE B C   1 
ATOM   1205 O O   . ILE B 1 61  ? 3.014   -4.801  -0.674  1.00 44.41 ? 59   ILE B O   1 
ATOM   1206 C CB  . ILE B 1 61  ? 4.981   -3.226  -2.166  1.00 45.32 ? 59   ILE B CB  1 
ATOM   1207 C CG1 . ILE B 1 61  ? 5.476   -2.615  -3.481  1.00 46.25 ? 59   ILE B CG1 1 
ATOM   1208 C CG2 . ILE B 1 61  ? 5.992   -3.022  -1.030  1.00 45.73 ? 59   ILE B CG2 1 
ATOM   1209 C CD1 . ILE B 1 61  ? 5.770   -1.114  -3.401  1.00 46.54 ? 59   ILE B CD1 1 
ATOM   1210 N N   . SER B 1 62  ? 4.722   -6.218  -0.440  1.00 45.14 ? 60   SER B N   1 
ATOM   1211 C CA  . SER B 1 62  ? 4.252   -6.787  0.821   1.00 45.24 ? 60   SER B CA  1 
ATOM   1212 C C   . SER B 1 62  ? 5.304   -6.601  1.905   1.00 44.92 ? 60   SER B C   1 
ATOM   1213 O O   . SER B 1 62  ? 6.484   -6.726  1.639   1.00 45.27 ? 60   SER B O   1 
ATOM   1214 C CB  . SER B 1 62  ? 3.953   -8.271  0.635   1.00 45.14 ? 60   SER B CB  1 
ATOM   1215 O OG  . SER B 1 62  ? 2.712   -8.446  -0.039  1.00 46.29 ? 60   SER B OG  1 
ATOM   1216 N N   . ILE B 1 63  ? 4.865   -6.331  3.124   1.00 44.71 ? 61   ILE B N   1 
ATOM   1217 C CA  . ILE B 1 63  ? 5.767   -5.982  4.221   1.00 44.56 ? 61   ILE B CA  1 
ATOM   1218 C C   . ILE B 1 63  ? 5.621   -6.998  5.351   1.00 43.83 ? 61   ILE B C   1 
ATOM   1219 O O   . ILE B 1 63  ? 4.526   -7.245  5.837   1.00 44.12 ? 61   ILE B O   1 
ATOM   1220 C CB  . ILE B 1 63  ? 5.501   -4.557  4.727   1.00 44.73 ? 61   ILE B CB  1 
ATOM   1221 C CG1 . ILE B 1 63  ? 5.764   -3.571  3.601   1.00 45.71 ? 61   ILE B CG1 1 
ATOM   1222 C CG2 . ILE B 1 63  ? 6.392   -4.217  5.932   1.00 45.22 ? 61   ILE B CG2 1 
ATOM   1223 C CD1 . ILE B 1 63  ? 5.414   -2.167  3.928   1.00 47.46 ? 61   ILE B CD1 1 
ATOM   1224 N N   . PHE B 1 64  ? 6.732   -7.610  5.740   1.00 43.29 ? 62   PHE B N   1 
ATOM   1225 C CA  . PHE B 1 64  ? 6.700   -8.679  6.730   1.00 42.90 ? 62   PHE B CA  1 
ATOM   1226 C C   . PHE B 1 64  ? 7.502   -8.270  7.959   1.00 43.26 ? 62   PHE B C   1 
ATOM   1227 O O   . PHE B 1 64  ? 8.541   -7.633  7.841   1.00 42.44 ? 62   PHE B O   1 
ATOM   1228 C CB  . PHE B 1 64  ? 7.251   -9.972  6.157   1.00 42.16 ? 62   PHE B CB  1 
ATOM   1229 C CG  . PHE B 1 64  ? 6.499   -10.490 4.966   1.00 41.53 ? 62   PHE B CG  1 
ATOM   1230 C CD1 . PHE B 1 64  ? 6.762   -10.000 3.694   1.00 39.94 ? 62   PHE B CD1 1 
ATOM   1231 C CD2 . PHE B 1 64  ? 5.553   -11.483 5.109   1.00 41.88 ? 62   PHE B CD2 1 
ATOM   1232 C CE1 . PHE B 1 64  ? 6.103   -10.478 2.603   1.00 40.26 ? 62   PHE B CE1 1 
ATOM   1233 C CE2 . PHE B 1 64  ? 4.884   -11.974 4.010   1.00 41.33 ? 62   PHE B CE2 1 
ATOM   1234 C CZ  . PHE B 1 64  ? 5.161   -11.465 2.752   1.00 41.47 ? 62   PHE B CZ  1 
ATOM   1235 N N   . THR B 1 65  ? 6.974   -8.598  9.134   1.00 43.84 ? 63   THR B N   1 
ATOM   1236 C CA  . THR B 1 65  ? 7.729   -8.489  10.378  1.00 44.79 ? 63   THR B CA  1 
ATOM   1237 C C   . THR B 1 65  ? 7.710   -9.855  11.028  1.00 45.26 ? 63   THR B C   1 
ATOM   1238 O O   . THR B 1 65  ? 6.714   -10.265 11.632  1.00 44.92 ? 63   THR B O   1 
ATOM   1239 C CB  . THR B 1 65  ? 7.226   -7.380  11.323  1.00 44.93 ? 63   THR B CB  1 
ATOM   1240 O OG1 . THR B 1 65  ? 5.905   -7.670  11.797  1.00 44.51 ? 63   THR B OG1 1 
ATOM   1241 C CG2 . THR B 1 65  ? 7.240   -6.062  10.581  1.00 46.10 ? 63   THR B CG2 1 
ATOM   1242 N N   . PRO B 1 66  ? 8.837   -10.561 10.914  1.00 46.15 ? 64   PRO B N   1 
ATOM   1243 C CA  . PRO B 1 66  ? 8.908   -11.983 11.167  1.00 46.59 ? 64   PRO B CA  1 
ATOM   1244 C C   . PRO B 1 66  ? 8.789   -12.327 12.642  1.00 46.61 ? 64   PRO B C   1 
ATOM   1245 O O   . PRO B 1 66  ? 8.429   -13.452 12.971  1.00 46.80 ? 64   PRO B O   1 
ATOM   1246 C CB  . PRO B 1 66  ? 10.291  -12.348 10.637  1.00 46.91 ? 64   PRO B CB  1 
ATOM   1247 C CG  . PRO B 1 66  ? 11.098  -11.114 10.854  1.00 46.71 ? 64   PRO B CG  1 
ATOM   1248 C CD  . PRO B 1 66  ? 10.164  -9.996  10.599  1.00 46.29 ? 64   PRO B CD  1 
ATOM   1249 N N   . ALA B 1 67  ? 9.081   -11.366 13.516  1.00 46.79 ? 65   ALA B N   1 
ATOM   1250 C CA  . ALA B 1 67  ? 8.933   -11.577 14.959  1.00 47.15 ? 65   ALA B CA  1 
ATOM   1251 C C   . ALA B 1 67  ? 7.465   -11.711 15.332  1.00 47.22 ? 65   ALA B C   1 
ATOM   1252 O O   . ALA B 1 67  ? 7.058   -12.683 15.961  1.00 47.50 ? 65   ALA B O   1 
ATOM   1253 C CB  . ALA B 1 67  ? 9.565   -10.425 15.739  1.00 47.25 ? 65   ALA B CB  1 
ATOM   1254 N N   . ASN B 1 68  ? 6.676   -10.739 14.900  1.00 47.44 ? 66   ASN B N   1 
ATOM   1255 C CA  . ASN B 1 68  ? 5.287   -10.609 15.319  1.00 47.57 ? 66   ASN B CA  1 
ATOM   1256 C C   . ASN B 1 68  ? 4.419   -11.806 14.934  1.00 47.40 ? 66   ASN B C   1 
ATOM   1257 O O   . ASN B 1 68  ? 4.691   -12.495 13.947  1.00 47.60 ? 66   ASN B O   1 
ATOM   1258 C CB  . ASN B 1 68  ? 4.700   -9.297  14.774  1.00 47.82 ? 66   ASN B CB  1 
ATOM   1259 C CG  . ASN B 1 68  ? 5.546   -8.074  15.162  1.00 48.47 ? 66   ASN B CG  1 
ATOM   1260 O OD1 . ASN B 1 68  ? 6.460   -8.177  15.993  1.00 50.25 ? 66   ASN B OD1 1 
ATOM   1261 N ND2 . ASN B 1 68  ? 5.257   -6.926  14.552  1.00 49.29 ? 66   ASN B ND2 1 
ATOM   1262 N N   . PHE B 1 69  ? 3.382   -12.024 15.745  1.00 47.31 ? 67   PHE B N   1 
ATOM   1263 C CA  . PHE B 1 69  ? 2.515   -13.215 15.714  1.00 47.02 ? 67   PHE B CA  1 
ATOM   1264 C C   . PHE B 1 69  ? 1.949   -13.482 14.307  1.00 46.74 ? 67   PHE B C   1 
ATOM   1265 O O   . PHE B 1 69  ? 2.011   -14.609 13.820  1.00 46.99 ? 67   PHE B O   1 
ATOM   1266 C CB  . PHE B 1 69  ? 1.405   -13.040 16.769  1.00 46.87 ? 67   PHE B CB  1 
ATOM   1267 C CG  . PHE B 1 69  ? 0.367   -14.126 16.778  1.00 46.61 ? 67   PHE B CG  1 
ATOM   1268 C CD1 . PHE B 1 69  ? 0.611   -15.333 17.410  1.00 47.46 ? 67   PHE B CD1 1 
ATOM   1269 C CD2 . PHE B 1 69  ? -0.873  -13.920 16.191  1.00 46.88 ? 67   PHE B CD2 1 
ATOM   1270 C CE1 . PHE B 1 69  ? -0.355  -16.335 17.443  1.00 47.80 ? 67   PHE B CE1 1 
ATOM   1271 C CE2 . PHE B 1 69  ? -1.842  -14.907 16.206  1.00 47.02 ? 67   PHE B CE2 1 
ATOM   1272 C CZ  . PHE B 1 69  ? -1.586  -16.119 16.835  1.00 47.55 ? 67   PHE B CZ  1 
ATOM   1273 N N   . SER B 1 70  ? 1.415   -12.447 13.667  1.00 46.34 ? 68   SER B N   1 
ATOM   1274 C CA  . SER B 1 70  ? 1.086   -12.487 12.232  1.00 46.36 ? 68   SER B CA  1 
ATOM   1275 C C   . SER B 1 70  ? 2.200   -11.740 11.480  1.00 45.96 ? 68   SER B C   1 
ATOM   1276 O O   . SER B 1 70  ? 2.363   -10.537 11.664  1.00 45.53 ? 68   SER B O   1 
ATOM   1277 C CB  . SER B 1 70  ? -0.286  -11.855 11.966  1.00 46.27 ? 68   SER B CB  1 
ATOM   1278 O OG  . SER B 1 70  ? -0.320  -11.143 10.728  1.00 48.84 ? 68   SER B OG  1 
ATOM   1279 N N   . PRO B 1 71  ? 2.987   -12.456 10.656  1.00 45.77 ? 69   PRO B N   1 
ATOM   1280 C CA  . PRO B 1 71  ? 4.197   -11.853 10.118  1.00 45.81 ? 69   PRO B CA  1 
ATOM   1281 C C   . PRO B 1 71  ? 3.956   -10.865 8.984   1.00 45.73 ? 69   PRO B C   1 
ATOM   1282 O O   . PRO B 1 71  ? 4.690   -9.896  8.871   1.00 45.35 ? 69   PRO B O   1 
ATOM   1283 C CB  . PRO B 1 71  ? 5.015   -13.061 9.643   1.00 45.82 ? 69   PRO B CB  1 
ATOM   1284 C CG  . PRO B 1 71  ? 4.034   -14.083 9.337   1.00 46.01 ? 69   PRO B CG  1 
ATOM   1285 C CD  . PRO B 1 71  ? 2.829   -13.849 10.206  1.00 46.01 ? 69   PRO B CD  1 
ATOM   1286 N N   . MET B 1 72  ? 2.942   -11.103 8.157   1.00 45.90 ? 70   MET B N   1 
ATOM   1287 C CA  . MET B 1 72  ? 2.605   -10.149 7.129   1.00 46.35 ? 70   MET B CA  1 
ATOM   1288 C C   . MET B 1 72  ? 1.788   -8.997  7.708   1.00 45.66 ? 70   MET B C   1 
ATOM   1289 O O   . MET B 1 72  ? 0.695   -9.185  8.207   1.00 45.77 ? 70   MET B O   1 
ATOM   1290 C CB  . MET B 1 72  ? 1.839   -10.788 5.985   1.00 46.31 ? 70   MET B CB  1 
ATOM   1291 C CG  . MET B 1 72  ? 1.606   -9.770  4.876   1.00 47.95 ? 70   MET B CG  1 
ATOM   1292 S SD  . MET B 1 72  ? 0.669   -10.384 3.497   1.00 49.10 ? 70   MET B SD  1 
ATOM   1293 C CE  . MET B 1 72  ? 1.987   -10.700 2.404   1.00 48.71 ? 70   MET B CE  1 
ATOM   1294 N N   . VAL B 1 73  ? 2.322   -7.795  7.576   1.00 45.38 ? 71   VAL B N   1 
ATOM   1295 C CA  . VAL B 1 73  ? 1.774   -6.603  8.212   1.00 45.28 ? 71   VAL B CA  1 
ATOM   1296 C C   . VAL B 1 73  ? 1.010   -5.682  7.243   1.00 44.76 ? 71   VAL B C   1 
ATOM   1297 O O   . VAL B 1 73  ? 0.144   -4.920  7.673   1.00 44.30 ? 71   VAL B O   1 
ATOM   1298 C CB  . VAL B 1 73  ? 2.941   -5.869  8.935   1.00 45.38 ? 71   VAL B CB  1 
ATOM   1299 C CG1 . VAL B 1 73  ? 2.858   -4.368  8.837   1.00 46.87 ? 71   VAL B CG1 1 
ATOM   1300 C CG2 . VAL B 1 73  ? 2.989   -6.309  10.375  1.00 46.31 ? 71   VAL B CG2 1 
ATOM   1301 N N   . ALA B 1 74  ? 1.342   -5.757  5.951   1.00 44.39 ? 72   ALA B N   1 
ATOM   1302 C CA  . ALA B 1 74  ? 0.723   -4.940  4.912   1.00 44.04 ? 72   ALA B CA  1 
ATOM   1303 C C   . ALA B 1 74  ? 1.025   -5.502  3.523   1.00 44.04 ? 72   ALA B C   1 
ATOM   1304 O O   . ALA B 1 74  ? 2.124   -6.029  3.275   1.00 43.89 ? 72   ALA B O   1 
ATOM   1305 C CB  . ALA B 1 74  ? 1.234   -3.518  4.993   1.00 44.15 ? 72   ALA B CB  1 
ATOM   1306 N N   . SER B 1 75  ? 0.049   -5.390  2.625   1.00 43.61 ? 73   SER B N   1 
ATOM   1307 C CA  . SER B 1 75  ? 0.232   -5.761  1.220   1.00 43.41 ? 73   SER B CA  1 
ATOM   1308 C C   . SER B 1 75  ? -0.393  -4.734  0.270   1.00 42.76 ? 73   SER B C   1 
ATOM   1309 O O   . SER B 1 75  ? -1.530  -4.324  0.428   1.00 41.77 ? 73   SER B O   1 
ATOM   1310 C CB  . SER B 1 75  ? -0.371  -7.145  0.947   1.00 43.61 ? 73   SER B CB  1 
ATOM   1311 O OG  . SER B 1 75  ? 0.043   -7.624  -0.316  1.00 44.18 ? 73   SER B OG  1 
ATOM   1312 N N   . PHE B 1 76  ? 0.368   -4.361  -0.743  1.00 43.23 ? 74   PHE B N   1 
ATOM   1313 C CA  . PHE B 1 76  ? -0.011  -3.299  -1.645  1.00 43.51 ? 74   PHE B CA  1 
ATOM   1314 C C   . PHE B 1 76  ? -0.026  -3.833  -3.064  1.00 43.70 ? 74   PHE B C   1 
ATOM   1315 O O   . PHE B 1 76  ? 1.016   -4.184  -3.589  1.00 43.81 ? 74   PHE B O   1 
ATOM   1316 C CB  . PHE B 1 76  ? 0.966   -2.143  -1.510  1.00 43.39 ? 74   PHE B CB  1 
ATOM   1317 C CG  . PHE B 1 76  ? 0.656   -0.992  -2.380  1.00 43.34 ? 74   PHE B CG  1 
ATOM   1318 C CD1 . PHE B 1 76  ? -0.504  -0.257  -2.187  1.00 43.93 ? 74   PHE B CD1 1 
ATOM   1319 C CD2 . PHE B 1 76  ? 1.526   -0.618  -3.402  1.00 44.60 ? 74   PHE B CD2 1 
ATOM   1320 C CE1 . PHE B 1 76  ? -0.806  0.838   -2.988  1.00 43.81 ? 74   PHE B CE1 1 
ATOM   1321 C CE2 . PHE B 1 76  ? 1.231   0.491   -4.215  1.00 43.88 ? 74   PHE B CE2 1 
ATOM   1322 C CZ  . PHE B 1 76  ? 0.061   1.219   -3.995  1.00 44.01 ? 74   PHE B CZ  1 
ATOM   1323 N N   . ASP B 1 77  ? -1.231  -3.899  -3.647  1.00 43.49 ? 75   ASP B N   1 
ATOM   1324 C CA  . ASP B 1 77  ? -1.444  -4.231  -5.043  1.00 43.25 ? 75   ASP B CA  1 
ATOM   1325 C C   . ASP B 1 77  ? -1.632  -2.959  -5.835  1.00 43.13 ? 75   ASP B C   1 
ATOM   1326 O O   . ASP B 1 77  ? -2.353  -2.064  -5.417  1.00 42.82 ? 75   ASP B O   1 
ATOM   1327 C CB  . ASP B 1 77  ? -2.695  -5.077  -5.217  1.00 43.19 ? 75   ASP B CB  1 
ATOM   1328 C CG  . ASP B 1 77  ? -2.568  -6.397  -4.554  1.00 43.63 ? 75   ASP B CG  1 
ATOM   1329 O OD1 . ASP B 1 77  ? -1.472  -6.943  -4.617  1.00 47.06 ? 75   ASP B OD1 1 
ATOM   1330 O OD2 . ASP B 1 77  ? -3.534  -6.881  -3.946  1.00 45.59 ? 75   ASP B OD2 1 
ATOM   1331 N N   . VAL B 1 78  ? -0.984  -2.903  -6.988  1.00 42.47 ? 76   VAL B N   1 
ATOM   1332 C CA  . VAL B 1 78  ? -1.011  -1.721  -7.810  1.00 42.14 ? 76   VAL B CA  1 
ATOM   1333 C C   . VAL B 1 78  ? -0.814  -2.104  -9.292  1.00 41.63 ? 76   VAL B C   1 
ATOM   1334 O O   . VAL B 1 78  ? -0.163  -3.100  -9.606  1.00 41.86 ? 76   VAL B O   1 
ATOM   1335 C CB  . VAL B 1 78  ? 0.078   -0.734  -7.317  1.00 41.81 ? 76   VAL B CB  1 
ATOM   1336 C CG1 . VAL B 1 78  ? 1.506   -1.299  -7.590  1.00 42.75 ? 76   VAL B CG1 1 
ATOM   1337 C CG2 . VAL B 1 78  ? -0.092  0.627   -7.952  1.00 41.68 ? 76   VAL B CG2 1 
ATOM   1338 N N   . LEU B 1 79  ? -1.366  -1.312  -10.194 1.00 40.91 ? 77   LEU B N   1 
ATOM   1339 C CA  . LEU B 1 79  ? -1.022  -1.434  -11.597 1.00 41.11 ? 77   LEU B CA  1 
ATOM   1340 C C   . LEU B 1 79  ? 0.464   -1.105  -11.715 1.00 41.09 ? 77   LEU B C   1 
ATOM   1341 O O   . LEU B 1 79  ? 0.998   -0.364  -10.901 1.00 40.78 ? 77   LEU B O   1 
ATOM   1342 C CB  . LEU B 1 79  ? -1.876  -0.501  -12.461 1.00 40.65 ? 77   LEU B CB  1 
ATOM   1343 C CG  . LEU B 1 79  ? -3.388  -0.735  -12.380 1.00 41.75 ? 77   LEU B CG  1 
ATOM   1344 C CD1 . LEU B 1 79  ? -4.155  0.375   -13.083 1.00 41.66 ? 77   LEU B CD1 1 
ATOM   1345 C CD2 . LEU B 1 79  ? -3.796  -2.100  -12.963 1.00 42.58 ? 77   LEU B CD2 1 
ATOM   1346 N N   . PRO B 1 80  ? 1.156   -1.695  -12.690 1.00 41.66 ? 78   PRO B N   1 
ATOM   1347 C CA  . PRO B 1 80  ? 2.584   -1.387  -12.851 1.00 42.02 ? 78   PRO B CA  1 
ATOM   1348 C C   . PRO B 1 80  ? 2.852   0.021   -13.406 1.00 42.28 ? 78   PRO B C   1 
ATOM   1349 O O   . PRO B 1 80  ? 1.981   0.628   -14.019 1.00 41.78 ? 78   PRO B O   1 
ATOM   1350 C CB  . PRO B 1 80  ? 3.055   -2.447  -13.857 1.00 41.72 ? 78   PRO B CB  1 
ATOM   1351 C CG  . PRO B 1 80  ? 1.854   -2.722  -14.670 1.00 41.56 ? 78   PRO B CG  1 
ATOM   1352 C CD  . PRO B 1 80  ? 0.695   -2.665  -13.697 1.00 41.85 ? 78   PRO B CD  1 
ATOM   1353 N N   . ARG B 1 81  ? 4.062   0.507   -13.165 1.00 43.29 ? 79   ARG B N   1 
ATOM   1354 C CA  . ARG B 1 81  ? 4.600   1.743   -13.760 1.00 44.65 ? 79   ARG B CA  1 
ATOM   1355 C C   . ARG B 1 81  ? 3.915   3.003   -13.224 1.00 44.88 ? 79   ARG B C   1 
ATOM   1356 O O   . ARG B 1 81  ? 3.591   3.931   -13.967 1.00 44.73 ? 79   ARG B O   1 
ATOM   1357 C CB  . ARG B 1 81  ? 4.614   1.658   -15.296 1.00 44.67 ? 79   ARG B CB  1 
ATOM   1358 C CG  . ARG B 1 81  ? 5.700   0.685   -15.802 1.00 45.74 ? 79   ARG B CG  1 
ATOM   1359 C CD  . ARG B 1 81  ? 5.600   0.426   -17.299 1.00 46.63 ? 79   ARG B CD  1 
ATOM   1360 N NE  . ARG B 1 81  ? 6.767   -0.289  -17.849 1.00 48.79 ? 79   ARG B NE  1 
ATOM   1361 C CZ  . ARG B 1 81  ? 7.056   -1.584  -17.654 1.00 49.65 ? 79   ARG B CZ  1 
ATOM   1362 N NH1 . ARG B 1 81  ? 8.140   -2.101  -18.227 1.00 50.06 ? 79   ARG B NH1 1 
ATOM   1363 N NH2 . ARG B 1 81  ? 6.290   -2.369  -16.888 1.00 51.13 ? 79   ARG B NH2 1 
ATOM   1364 N N   . MET B 1 82  ? 3.727   3.012   -11.910 1.00 45.43 ? 80   MET B N   1 
ATOM   1365 C CA  . MET B 1 82  ? 3.097   4.118   -11.193 1.00 46.75 ? 80   MET B CA  1 
ATOM   1366 C C   . MET B 1 82  ? 3.915   4.690   -10.031 1.00 46.28 ? 80   MET B C   1 
ATOM   1367 O O   . MET B 1 82  ? 3.378   5.436   -9.212  1.00 45.26 ? 80   MET B O   1 
ATOM   1368 C CB  . MET B 1 82  ? 1.747   3.648   -10.699 1.00 46.27 ? 80   MET B CB  1 
ATOM   1369 C CG  . MET B 1 82  ? 0.818   3.642   -11.845 1.00 48.51 ? 80   MET B CG  1 
ATOM   1370 S SD  . MET B 1 82  ? -0.862  3.522   -11.374 1.00 51.27 ? 80   MET B SD  1 
ATOM   1371 C CE  . MET B 1 82  ? -1.568  4.280   -12.817 1.00 50.49 ? 80   MET B CE  1 
ATOM   1372 N N   . LYS B 1 83  ? 5.206   4.347   -9.988  1.00 46.53 ? 81   LYS B N   1 
ATOM   1373 C CA  . LYS B 1 83  ? 6.150   4.861   -8.992  1.00 46.93 ? 81   LYS B CA  1 
ATOM   1374 C C   . LYS B 1 83  ? 5.539   4.848   -7.593  1.00 46.89 ? 81   LYS B C   1 
ATOM   1375 O O   . LYS B 1 83  ? 5.481   5.869   -6.918  1.00 46.59 ? 81   LYS B O   1 
ATOM   1376 C CB  . LYS B 1 83  ? 6.591   6.264   -9.372  1.00 47.36 ? 81   LYS B CB  1 
ATOM   1377 C CG  . LYS B 1 83  ? 7.361   6.344   -10.697 1.00 48.98 ? 81   LYS B CG  1 
ATOM   1378 N N   . PRO B 1 84  ? 5.071   3.677   -7.156  1.00 46.89 ? 82   PRO B N   1 
ATOM   1379 C CA  . PRO B 1 84  ? 4.363   3.619   -5.889  1.00 47.02 ? 82   PRO B CA  1 
ATOM   1380 C C   . PRO B 1 84  ? 5.296   3.833   -4.713  1.00 47.14 ? 82   PRO B C   1 
ATOM   1381 O O   . PRO B 1 84  ? 6.454   3.394   -4.703  1.00 47.00 ? 82   PRO B O   1 
ATOM   1382 C CB  . PRO B 1 84  ? 3.807   2.196   -5.846  1.00 46.63 ? 82   PRO B CB  1 
ATOM   1383 C CG  . PRO B 1 84  ? 4.784   1.390   -6.677  1.00 47.20 ? 82   PRO B CG  1 
ATOM   1384 C CD  . PRO B 1 84  ? 5.219   2.350   -7.780  1.00 47.00 ? 82   PRO B CD  1 
ATOM   1385 N N   . GLU B 1 85  ? 4.767   4.525   -3.730  1.00 47.16 ? 83   GLU B N   1 
ATOM   1386 C CA  . GLU B 1 85  ? 5.449   4.727   -2.483  1.00 47.43 ? 83   GLU B CA  1 
ATOM   1387 C C   . GLU B 1 85  ? 4.377   4.674   -1.416  1.00 46.81 ? 83   GLU B C   1 
ATOM   1388 O O   . GLU B 1 85  ? 3.339   5.318   -1.533  1.00 47.29 ? 83   GLU B O   1 
ATOM   1389 C CB  . GLU B 1 85  ? 6.148   6.074   -2.495  1.00 47.34 ? 83   GLU B CB  1 
ATOM   1390 C CG  . GLU B 1 85  ? 6.825   6.360   -1.216  1.00 49.84 ? 83   GLU B CG  1 
ATOM   1391 C CD  . GLU B 1 85  ? 7.536   7.681   -1.227  1.00 51.97 ? 83   GLU B CD  1 
ATOM   1392 O OE1 . GLU B 1 85  ? 8.074   8.067   -2.294  1.00 55.10 ? 83   GLU B OE1 1 
ATOM   1393 O OE2 . GLU B 1 85  ? 7.545   8.328   -0.162  1.00 52.90 ? 83   GLU B OE2 1 
ATOM   1394 N N   . VAL B 1 86  ? 4.658   3.926   -0.371  1.00 46.36 ? 84   VAL B N   1 
ATOM   1395 C CA  . VAL B 1 86  ? 3.672   3.510   0.585   1.00 46.03 ? 84   VAL B CA  1 
ATOM   1396 C C   . VAL B 1 86  ? 4.224   3.852   1.976   1.00 45.45 ? 84   VAL B C   1 
ATOM   1397 O O   . VAL B 1 86  ? 5.383   3.582   2.258   1.00 45.41 ? 84   VAL B O   1 
ATOM   1398 C CB  . VAL B 1 86  ? 3.425   1.993   0.333   1.00 46.65 ? 84   VAL B CB  1 
ATOM   1399 C CG1 . VAL B 1 86  ? 3.403   1.185   1.597   1.00 48.61 ? 84   VAL B CG1 1 
ATOM   1400 C CG2 . VAL B 1 86  ? 2.154   1.787   -0.481  1.00 46.75 ? 84   VAL B CG2 1 
ATOM   1401 N N   . SER B 1 87  ? 3.414   4.492   2.817   1.00 44.72 ? 85   SER B N   1 
ATOM   1402 C CA  . SER B 1 87  ? 3.815   4.842   4.189   1.00 44.28 ? 85   SER B CA  1 
ATOM   1403 C C   . SER B 1 87  ? 2.866   4.269   5.229   1.00 44.07 ? 85   SER B C   1 
ATOM   1404 O O   . SER B 1 87  ? 1.659   4.169   5.012   1.00 44.01 ? 85   SER B O   1 
ATOM   1405 C CB  . SER B 1 87  ? 3.856   6.361   4.408   1.00 43.87 ? 85   SER B CB  1 
ATOM   1406 O OG  . SER B 1 87  ? 4.881   6.953   3.661   1.00 43.47 ? 85   SER B OG  1 
ATOM   1407 N N   . LEU B 1 88  ? 3.428   3.933   6.378   1.00 43.98 ? 86   LEU B N   1 
ATOM   1408 C CA  . LEU B 1 88  ? 2.646   3.467   7.509   1.00 44.30 ? 86   LEU B CA  1 
ATOM   1409 C C   . LEU B 1 88  ? 3.403   3.737   8.799   1.00 44.21 ? 86   LEU B C   1 
ATOM   1410 O O   . LEU B 1 88  ? 4.577   4.086   8.786   1.00 43.61 ? 86   LEU B O   1 
ATOM   1411 C CB  . LEU B 1 88  ? 2.323   1.975   7.359   1.00 44.45 ? 86   LEU B CB  1 
ATOM   1412 C CG  . LEU B 1 88  ? 3.508   1.043   7.123   1.00 45.08 ? 86   LEU B CG  1 
ATOM   1413 C CD1 . LEU B 1 88  ? 4.197   0.659   8.425   1.00 47.04 ? 86   LEU B CD1 1 
ATOM   1414 C CD2 . LEU B 1 88  ? 3.053   -0.210  6.415   1.00 46.40 ? 86   LEU B CD2 1 
ATOM   1415 N N   . ARG B 1 89  ? 2.715   3.576   9.914   1.00 44.76 ? 87   ARG B N   1 
ATOM   1416 C CA  . ARG B 1 89  ? 3.340   3.755   11.219  1.00 45.51 ? 87   ARG B CA  1 
ATOM   1417 C C   . ARG B 1 89  ? 3.057   2.513   12.040  1.00 46.24 ? 87   ARG B C   1 
ATOM   1418 O O   . ARG B 1 89  ? 1.905   2.097   12.156  1.00 46.63 ? 87   ARG B O   1 
ATOM   1419 C CB  . ARG B 1 89  ? 2.828   5.019   11.907  1.00 45.19 ? 87   ARG B CB  1 
ATOM   1420 C CG  . ARG B 1 89  ? 1.350   5.272   11.735  1.00 45.17 ? 87   ARG B CG  1 
ATOM   1421 N N   . MET B 1 90  ? 4.108   1.901   12.578  1.00 46.94 ? 88   MET B N   1 
ATOM   1422 C CA  . MET B 1 90  ? 3.952   0.664   13.348  1.00 47.73 ? 88   MET B CA  1 
ATOM   1423 C C   . MET B 1 90  ? 4.564   0.774   14.722  1.00 47.26 ? 88   MET B C   1 
ATOM   1424 O O   . MET B 1 90  ? 5.695   1.237   14.868  1.00 47.14 ? 88   MET B O   1 
ATOM   1425 C CB  . MET B 1 90  ? 4.529   -0.558  12.614  1.00 47.83 ? 88   MET B CB  1 
ATOM   1426 C CG  . MET B 1 90  ? 5.592   -0.288  11.545  1.00 49.14 ? 88   MET B CG  1 
ATOM   1427 S SD  . MET B 1 90  ? 5.800   -1.712  10.432  1.00 49.87 ? 88   MET B SD  1 
ATOM   1428 C CE  . MET B 1 90  ? 5.998   -2.994  11.665  1.00 50.74 ? 88   MET B CE  1 
ATOM   1429 N N   . ARG B 1 91  ? 3.793   0.354   15.724  1.00 47.35 ? 89   ARG B N   1 
ATOM   1430 C CA  . ARG B 1 91  ? 4.290   0.221   17.093  1.00 47.25 ? 89   ARG B CA  1 
ATOM   1431 C C   . ARG B 1 91  ? 5.350   -0.870  17.112  1.00 47.43 ? 89   ARG B C   1 
ATOM   1432 O O   . ARG B 1 91  ? 5.228   -1.873  16.406  1.00 47.44 ? 89   ARG B O   1 
ATOM   1433 C CB  . ARG B 1 91  ? 3.159   -0.115  18.049  1.00 47.25 ? 89   ARG B CB  1 
ATOM   1434 N N   . MET B 1 92  ? 6.403   -0.669  17.891  1.00 47.68 ? 90   MET B N   1 
ATOM   1435 C CA  . MET B 1 92  ? 7.490   -1.635  17.915  1.00 48.28 ? 90   MET B CA  1 
ATOM   1436 C C   . MET B 1 92  ? 8.002   -1.859  19.324  1.00 47.66 ? 90   MET B C   1 
ATOM   1437 O O   . MET B 1 92  ? 8.572   -0.964  19.948  1.00 47.86 ? 90   MET B O   1 
ATOM   1438 C CB  . MET B 1 92  ? 8.603   -1.208  16.961  1.00 48.19 ? 90   MET B CB  1 
ATOM   1439 C CG  . MET B 1 92  ? 8.283   -1.568  15.512  1.00 49.19 ? 90   MET B CG  1 
ATOM   1440 S SD  . MET B 1 92  ? 9.617   -1.328  14.302  1.00 50.96 ? 90   MET B SD  1 
ATOM   1441 C CE  . MET B 1 92  ? 11.028  -1.800  15.318  1.00 51.21 ? 90   MET B CE  1 
ATOM   1442 N N   . ALA B 1 93  ? 7.780   -3.078  19.812  1.00 47.29 ? 91   ALA B N   1 
ATOM   1443 C CA  . ALA B 1 93  ? 8.035   -3.442  21.201  1.00 46.86 ? 91   ALA B CA  1 
ATOM   1444 C C   . ALA B 1 93  ? 9.440   -4.018  21.411  1.00 46.72 ? 91   ALA B C   1 
ATOM   1445 O O   . ALA B 1 93  ? 9.997   -3.934  22.521  1.00 46.52 ? 91   ALA B O   1 
ATOM   1446 C CB  . ALA B 1 93  ? 6.979   -4.441  21.668  1.00 46.82 ? 91   ALA B CB  1 
ATOM   1447 N N   . LYS B 1 94  ? 9.994   -4.624  20.360  1.00 46.35 ? 92   LYS B N   1 
ATOM   1448 C CA  . LYS B 1 94  ? 11.345  -5.184  20.403  1.00 46.21 ? 92   LYS B CA  1 
ATOM   1449 C C   . LYS B 1 94  ? 12.085  -4.922  19.099  1.00 46.18 ? 92   LYS B C   1 
ATOM   1450 O O   . LYS B 1 94  ? 11.467  -4.679  18.051  1.00 45.96 ? 92   LYS B O   1 
ATOM   1451 C CB  . LYS B 1 94  ? 11.293  -6.682  20.690  1.00 46.25 ? 92   LYS B CB  1 
ATOM   1452 N N   . THR B 1 95  ? 13.414  -4.959  19.176  1.00 46.06 ? 93   THR B N   1 
ATOM   1453 C CA  . THR B 1 95  ? 14.259  -4.779  17.989  1.00 46.12 ? 93   THR B CA  1 
ATOM   1454 C C   . THR B 1 95  ? 13.938  -5.835  16.919  1.00 46.19 ? 93   THR B C   1 
ATOM   1455 O O   . THR B 1 95  ? 14.039  -7.035  17.174  1.00 46.13 ? 93   THR B O   1 
ATOM   1456 C CB  . THR B 1 95  ? 15.777  -4.777  18.335  1.00 46.06 ? 93   THR B CB  1 
ATOM   1457 O OG1 . THR B 1 95  ? 16.541  -4.793  17.122  1.00 45.50 ? 93   THR B OG1 1 
ATOM   1458 C CG2 . THR B 1 95  ? 16.179  -5.975  19.221  1.00 46.33 ? 93   THR B CG2 1 
ATOM   1459 N N   . GLU B 1 96  ? 13.536  -5.383  15.731  1.00 46.25 ? 94   GLU B N   1 
ATOM   1460 C CA  . GLU B 1 96  ? 13.033  -6.297  14.705  1.00 46.50 ? 94   GLU B CA  1 
ATOM   1461 C C   . GLU B 1 96  ? 13.387  -5.885  13.273  1.00 46.57 ? 94   GLU B C   1 
ATOM   1462 O O   . GLU B 1 96  ? 13.549  -4.699  12.975  1.00 46.87 ? 94   GLU B O   1 
ATOM   1463 C CB  . GLU B 1 96  ? 11.508  -6.442  14.840  1.00 46.59 ? 94   GLU B CB  1 
ATOM   1464 C CG  . GLU B 1 96  ? 10.709  -5.247  14.325  1.00 46.59 ? 94   GLU B CG  1 
ATOM   1465 C CD  . GLU B 1 96  ? 9.315   -5.135  14.934  1.00 46.57 ? 94   GLU B CD  1 
ATOM   1466 O OE1 . GLU B 1 96  ? 9.183   -5.306  16.164  1.00 46.26 ? 94   GLU B OE1 1 
ATOM   1467 O OE2 . GLU B 1 96  ? 8.352   -4.853  14.178  1.00 46.47 ? 94   GLU B OE2 1 
ATOM   1468 N N   . ASN B 1 97  ? 13.483  -6.884  12.393  1.00 46.55 ? 95   ASN B N   1 
ATOM   1469 C CA  . ASN B 1 97  ? 13.756  -6.678  10.972  1.00 46.27 ? 95   ASN B CA  1 
ATOM   1470 C C   . ASN B 1 97  ? 12.478  -6.484  10.198  1.00 46.09 ? 95   ASN B C   1 
ATOM   1471 O O   . ASN B 1 97  ? 11.544  -7.271  10.329  1.00 46.20 ? 95   ASN B O   1 
ATOM   1472 C CB  . ASN B 1 97  ? 14.467  -7.894  10.368  1.00 46.47 ? 95   ASN B CB  1 
ATOM   1473 C CG  . ASN B 1 97  ? 15.908  -8.009  10.795  1.00 47.03 ? 95   ASN B CG  1 
ATOM   1474 O OD1 . ASN B 1 97  ? 16.676  -7.051  10.720  1.00 48.27 ? 95   ASN B OD1 1 
ATOM   1475 N ND2 . ASN B 1 97  ? 16.293  -9.197  11.229  1.00 48.48 ? 95   ASN B ND2 1 
ATOM   1476 N N   . LEU B 1 98  ? 12.442  -5.450  9.369   1.00 45.80 ? 96   LEU B N   1 
ATOM   1477 C CA  . LEU B 1 98  ? 11.374  -5.299  8.403   1.00 45.51 ? 96   LEU B CA  1 
ATOM   1478 C C   . LEU B 1 98  ? 11.840  -5.949  7.130   1.00 44.60 ? 96   LEU B C   1 
ATOM   1479 O O   . LEU B 1 98  ? 12.963  -5.717  6.710   1.00 44.18 ? 96   LEU B O   1 
ATOM   1480 C CB  . LEU B 1 98  ? 11.084  -3.826  8.151   1.00 46.12 ? 96   LEU B CB  1 
ATOM   1481 C CG  . LEU B 1 98  ? 10.556  -3.078  9.374   1.00 47.58 ? 96   LEU B CG  1 
ATOM   1482 C CD1 . LEU B 1 98  ? 10.785  -1.589  9.236   1.00 48.73 ? 96   LEU B CD1 1 
ATOM   1483 C CD2 . LEU B 1 98  ? 9.076   -3.376  9.545   1.00 48.73 ? 96   LEU B CD2 1 
ATOM   1484 N N   . VAL B 1 99  ? 10.970  -6.751  6.522   1.00 44.14 ? 97   VAL B N   1 
ATOM   1485 C CA  . VAL B 1 99  ? 11.268  -7.468  5.296   1.00 43.91 ? 97   VAL B CA  1 
ATOM   1486 C C   . VAL B 1 99  ? 10.252  -7.063  4.214   1.00 44.32 ? 97   VAL B C   1 
ATOM   1487 O O   . VAL B 1 99  ? 9.027   -7.217  4.371   1.00 43.68 ? 97   VAL B O   1 
ATOM   1488 C CB  . VAL B 1 99  ? 11.276  -9.004  5.546   1.00 44.21 ? 97   VAL B CB  1 
ATOM   1489 C CG1 . VAL B 1 99  ? 11.555  -9.775  4.257   1.00 44.78 ? 97   VAL B CG1 1 
ATOM   1490 C CG2 . VAL B 1 99  ? 12.306  -9.376  6.613   1.00 43.38 ? 97   VAL B CG2 1 
ATOM   1491 N N   . VAL B 1 100 ? 10.769  -6.503  3.121   1.00 44.51 ? 98   VAL B N   1 
ATOM   1492 C CA  . VAL B 1 100 ? 9.934   -6.070  2.022   1.00 44.34 ? 98   VAL B CA  1 
ATOM   1493 C C   . VAL B 1 100 ? 10.130  -7.019  0.852   1.00 44.23 ? 98   VAL B C   1 
ATOM   1494 O O   . VAL B 1 100 ? 11.246  -7.260  0.433   1.00 43.44 ? 98   VAL B O   1 
ATOM   1495 C CB  . VAL B 1 100 ? 10.269  -4.610  1.612   1.00 44.76 ? 98   VAL B CB  1 
ATOM   1496 C CG1 . VAL B 1 100 ? 9.386   -4.137  0.471   1.00 44.38 ? 98   VAL B CG1 1 
ATOM   1497 C CG2 . VAL B 1 100 ? 10.121  -3.663  2.813   1.00 45.07 ? 98   VAL B CG2 1 
ATOM   1498 N N   . VAL B 1 101 ? 9.032   -7.570  0.339   1.00 44.58 ? 99   VAL B N   1 
ATOM   1499 C CA  . VAL B 1 101 ? 9.065   -8.388  -0.878  1.00 44.26 ? 99   VAL B CA  1 
ATOM   1500 C C   . VAL B 1 101 ? 8.243   -7.727  -1.997  1.00 44.53 ? 99   VAL B C   1 
ATOM   1501 O O   . VAL B 1 101 ? 7.114   -7.329  -1.790  1.00 44.78 ? 99   VAL B O   1 
ATOM   1502 C CB  . VAL B 1 101 ? 8.547   -9.786  -0.614  1.00 44.06 ? 99   VAL B CB  1 
ATOM   1503 C CG1 . VAL B 1 101 ? 8.609   -10.642 -1.886  1.00 43.12 ? 99   VAL B CG1 1 
ATOM   1504 C CG2 . VAL B 1 101 ? 9.343   -10.429 0.540   1.00 43.26 ? 99   VAL B CG2 1 
ATOM   1505 N N   . VAL B 1 102 ? 8.852   -7.613  -3.174  1.00 44.77 ? 100  VAL B N   1 
ATOM   1506 C CA  . VAL B 1 102 ? 8.229   -7.022  -4.342  1.00 44.78 ? 100  VAL B CA  1 
ATOM   1507 C C   . VAL B 1 102 ? 8.036   -8.078  -5.417  1.00 44.86 ? 100  VAL B C   1 
ATOM   1508 O O   . VAL B 1 102 ? 8.954   -8.824  -5.740  1.00 45.07 ? 100  VAL B O   1 
ATOM   1509 C CB  . VAL B 1 102 ? 9.073   -5.841  -4.862  1.00 45.00 ? 100  VAL B CB  1 
ATOM   1510 C CG1 . VAL B 1 102 ? 8.588   -5.350  -6.217  1.00 45.01 ? 100  VAL B CG1 1 
ATOM   1511 C CG2 . VAL B 1 102 ? 9.029   -4.686  -3.837  1.00 44.50 ? 100  VAL B CG2 1 
ATOM   1512 N N   . GLN B 1 103 ? 6.822   -8.167  -5.947  1.00 44.94 ? 101  GLN B N   1 
ATOM   1513 C CA  . GLN B 1 103 ? 6.550   -9.057  -7.065  1.00 45.23 ? 101  GLN B CA  1 
ATOM   1514 C C   . GLN B 1 103 ? 6.508   -8.253  -8.374  1.00 45.32 ? 101  GLN B C   1 
ATOM   1515 O O   . GLN B 1 103 ? 5.750   -7.290  -8.483  1.00 45.23 ? 101  GLN B O   1 
ATOM   1516 C CB  . GLN B 1 103 ? 5.231   -9.798  -6.865  1.00 44.86 ? 101  GLN B CB  1 
ATOM   1517 C CG  . GLN B 1 103 ? 4.936   -10.781 -8.005  1.00 45.97 ? 101  GLN B CG  1 
ATOM   1518 C CD  . GLN B 1 103 ? 3.645   -11.543 -7.818  1.00 46.23 ? 101  GLN B CD  1 
ATOM   1519 O OE1 . GLN B 1 103 ? 2.729   -11.095 -7.130  1.00 49.92 ? 101  GLN B OE1 1 
ATOM   1520 N NE2 . GLN B 1 103 ? 3.558   -12.689 -8.446  1.00 48.07 ? 101  GLN B NE2 1 
ATOM   1521 N N   . ALA B 1 104 ? 7.332   -8.656  -9.343  1.00 45.25 ? 102  ALA B N   1 
ATOM   1522 C CA  . ALA B 1 104 ? 7.309   -8.102  -10.702 1.00 45.30 ? 102  ALA B CA  1 
ATOM   1523 C C   . ALA B 1 104 ? 7.596   -9.234  -11.631 1.00 45.46 ? 102  ALA B C   1 
ATOM   1524 O O   . ALA B 1 104 ? 8.529   -9.991  -11.394 1.00 46.24 ? 102  ALA B O   1 
ATOM   1525 C CB  . ALA B 1 104 ? 8.361   -7.035  -10.882 1.00 45.28 ? 102  ALA B CB  1 
ATOM   1526 N N   . GLY B 1 105 ? 6.821   -9.359  -12.699 1.00 45.81 ? 103  GLY B N   1 
ATOM   1527 C CA  . GLY B 1 105 ? 6.956   -10.505 -13.599 1.00 45.84 ? 103  GLY B CA  1 
ATOM   1528 C C   . GLY B 1 105 ? 6.585   -11.759 -12.827 1.00 45.95 ? 103  GLY B C   1 
ATOM   1529 O O   . GLY B 1 105 ? 5.635   -11.761 -12.039 1.00 46.22 ? 103  GLY B O   1 
ATOM   1530 N N   . GLY B 1 106 ? 7.338   -12.826 -13.027 1.00 46.04 ? 104  GLY B N   1 
ATOM   1531 C CA  . GLY B 1 106 ? 7.180   -14.012 -12.182 1.00 46.09 ? 104  GLY B CA  1 
ATOM   1532 C C   . GLY B 1 106 ? 8.258   -14.133 -11.118 1.00 45.62 ? 104  GLY B C   1 
ATOM   1533 O O   . GLY B 1 106 ? 8.649   -15.240 -10.765 1.00 45.64 ? 104  GLY B O   1 
ATOM   1534 N N   . LYS B 1 107 ? 8.730   -13.003 -10.594 1.00 44.95 ? 105  LYS B N   1 
ATOM   1535 C CA  . LYS B 1 107 ? 9.911   -13.003 -9.730  1.00 44.69 ? 105  LYS B CA  1 
ATOM   1536 C C   . LYS B 1 107 ? 9.684   -12.163 -8.491  1.00 44.16 ? 105  LYS B C   1 
ATOM   1537 O O   . LYS B 1 107 ? 8.993   -11.145 -8.543  1.00 44.43 ? 105  LYS B O   1 
ATOM   1538 C CB  . LYS B 1 107 ? 11.132  -12.474 -10.485 1.00 44.55 ? 105  LYS B CB  1 
ATOM   1539 C CG  . LYS B 1 107 ? 11.433  -13.234 -11.754 1.00 44.86 ? 105  LYS B CG  1 
ATOM   1540 C CD  . LYS B 1 107 ? 12.751  -12.820 -12.374 1.00 45.11 ? 105  LYS B CD  1 
ATOM   1541 C CE  . LYS B 1 107 ? 12.906  -13.426 -13.756 1.00 45.52 ? 105  LYS B CE  1 
ATOM   1542 N NZ  . LYS B 1 107 ? 14.337  -13.703 -14.081 1.00 46.26 ? 105  LYS B NZ  1 
ATOM   1543 N N   . LEU B 1 108 ? 10.268  -12.608 -7.384  1.00 43.81 ? 106  LEU B N   1 
ATOM   1544 C CA  . LEU B 1 108 ? 10.237  -11.881 -6.123  1.00 43.59 ? 106  LEU B CA  1 
ATOM   1545 C C   . LEU B 1 108 ? 11.603  -11.239 -5.841  1.00 43.34 ? 106  LEU B C   1 
ATOM   1546 O O   . LEU B 1 108 ? 12.655  -11.823 -6.089  1.00 42.97 ? 106  LEU B O   1 
ATOM   1547 C CB  . LEU B 1 108 ? 9.830   -12.809 -4.974  1.00 43.55 ? 106  LEU B CB  1 
ATOM   1548 C CG  . LEU B 1 108 ? 8.512   -13.558 -5.179  1.00 44.24 ? 106  LEU B CG  1 
ATOM   1549 C CD1 . LEU B 1 108 ? 8.342   -14.640 -4.123  1.00 45.04 ? 106  LEU B CD1 1 
ATOM   1550 C CD2 . LEU B 1 108 ? 7.332   -12.614 -5.155  1.00 45.29 ? 106  LEU B CD2 1 
ATOM   1551 N N   . TYR B 1 109 ? 11.558  -10.021 -5.327  1.00 43.11 ? 107  TYR B N   1 
ATOM   1552 C CA  . TYR B 1 109 ? 12.737  -9.260  -4.978  1.00 42.80 ? 107  TYR B CA  1 
ATOM   1553 C C   . TYR B 1 109 ? 12.589  -8.862  -3.527  1.00 42.80 ? 107  TYR B C   1 
ATOM   1554 O O   . TYR B 1 109 ? 11.506  -8.472  -3.095  1.00 41.82 ? 107  TYR B O   1 
ATOM   1555 C CB  . TYR B 1 109 ? 12.842  -8.020  -5.863  1.00 43.18 ? 107  TYR B CB  1 
ATOM   1556 C CG  . TYR B 1 109 ? 12.933  -8.354  -7.339  1.00 42.99 ? 107  TYR B CG  1 
ATOM   1557 C CD1 . TYR B 1 109 ? 11.785  -8.474  -8.125  1.00 42.90 ? 107  TYR B CD1 1 
ATOM   1558 C CD2 . TYR B 1 109 ? 14.159  -8.581  -7.935  1.00 43.16 ? 107  TYR B CD2 1 
ATOM   1559 C CE1 . TYR B 1 109 ? 11.863  -8.788  -9.477  1.00 42.80 ? 107  TYR B CE1 1 
ATOM   1560 C CE2 . TYR B 1 109 ? 14.252  -8.902  -9.286  1.00 44.31 ? 107  TYR B CE2 1 
ATOM   1561 C CZ  . TYR B 1 109 ? 13.098  -8.999  -10.052 1.00 43.60 ? 107  TYR B CZ  1 
ATOM   1562 O OH  . TYR B 1 109 ? 13.207  -9.320  -11.384 1.00 43.26 ? 107  TYR B OH  1 
ATOM   1563 N N   . ARG B 1 110 ? 13.686  -8.975  -2.781  1.00 42.91 ? 108  ARG B N   1 
ATOM   1564 C CA  . ARG B 1 110 ? 13.663  -8.855  -1.329  1.00 43.04 ? 108  ARG B CA  1 
ATOM   1565 C C   . ARG B 1 110 ? 14.651  -7.833  -0.811  1.00 42.68 ? 108  ARG B C   1 
ATOM   1566 O O   . ARG B 1 110 ? 15.760  -7.691  -1.338  1.00 41.72 ? 108  ARG B O   1 
ATOM   1567 C CB  . ARG B 1 110 ? 13.980  -10.211 -0.689  1.00 43.47 ? 108  ARG B CB  1 
ATOM   1568 C CG  . ARG B 1 110 ? 13.824  -10.212 0.821   1.00 44.75 ? 108  ARG B CG  1 
ATOM   1569 C CD  . ARG B 1 110 ? 13.661  -11.597 1.390   1.00 44.41 ? 108  ARG B CD  1 
ATOM   1570 N NE  . ARG B 1 110 ? 14.756  -12.467 1.011   1.00 44.21 ? 108  ARG B NE  1 
ATOM   1571 C CZ  . ARG B 1 110 ? 14.771  -13.782 1.208   1.00 44.66 ? 108  ARG B CZ  1 
ATOM   1572 N NH1 . ARG B 1 110 ? 13.735  -14.388 1.790   1.00 44.75 ? 108  ARG B NH1 1 
ATOM   1573 N NH2 . ARG B 1 110 ? 15.824  -14.497 0.820   1.00 43.81 ? 108  ARG B NH2 1 
ATOM   1574 N N   . ALA B 1 111 ? 14.239  -7.139  0.240   1.00 42.45 ? 109  ALA B N   1 
ATOM   1575 C CA  . ALA B 1 111 ? 15.091  -6.185  0.926   1.00 42.74 ? 109  ALA B CA  1 
ATOM   1576 C C   . ALA B 1 111 ? 14.741  -6.198  2.394   1.00 43.05 ? 109  ALA B C   1 
ATOM   1577 O O   . ALA B 1 111 ? 13.616  -6.479  2.781   1.00 42.61 ? 109  ALA B O   1 
ATOM   1578 C CB  . ALA B 1 111 ? 14.922  -4.786  0.354   1.00 42.87 ? 109  ALA B CB  1 
ATOM   1579 N N   . VAL B 1 112 ? 15.727  -5.912  3.223   1.00 43.90 ? 110  VAL B N   1 
ATOM   1580 C CA  . VAL B 1 112 ? 15.518  -5.978  4.656   1.00 44.45 ? 110  VAL B CA  1 
ATOM   1581 C C   . VAL B 1 112 ? 16.180  -4.790  5.325   1.00 44.74 ? 110  VAL B C   1 
ATOM   1582 O O   . VAL B 1 112 ? 17.179  -4.262  4.828   1.00 44.86 ? 110  VAL B O   1 
ATOM   1583 C CB  . VAL B 1 112 ? 16.016  -7.326  5.237   1.00 44.21 ? 110  VAL B CB  1 
ATOM   1584 C CG1 . VAL B 1 112 ? 17.491  -7.516  4.978   1.00 44.95 ? 110  VAL B CG1 1 
ATOM   1585 C CG2 . VAL B 1 112 ? 15.703  -7.427  6.731   1.00 44.31 ? 110  VAL B CG2 1 
ATOM   1586 N N   . ARG B 1 113 ? 15.585  -4.353  6.428   1.00 45.22 ? 111  ARG B N   1 
ATOM   1587 C CA  . ARG B 1 113 ? 16.143  -3.290  7.232   1.00 45.81 ? 111  ARG B CA  1 
ATOM   1588 C C   . ARG B 1 113 ? 15.818  -3.533  8.690   1.00 46.03 ? 111  ARG B C   1 
ATOM   1589 O O   . ARG B 1 113 ? 14.679  -3.842  9.034   1.00 46.25 ? 111  ARG B O   1 
ATOM   1590 C CB  . ARG B 1 113 ? 15.574  -1.950  6.798   1.00 46.30 ? 111  ARG B CB  1 
ATOM   1591 C CG  . ARG B 1 113 ? 16.360  -0.766  7.325   1.00 46.82 ? 111  ARG B CG  1 
ATOM   1592 C CD  . ARG B 1 113 ? 15.595  0.496   7.093   1.00 49.48 ? 111  ARG B CD  1 
ATOM   1593 N NE  . ARG B 1 113 ? 16.150  1.597   7.867   1.00 50.80 ? 111  ARG B NE  1 
ATOM   1594 C CZ  . ARG B 1 113 ? 17.007  2.504   7.401   1.00 52.43 ? 111  ARG B CZ  1 
ATOM   1595 N NH1 . ARG B 1 113 ? 17.429  2.463   6.130   1.00 53.38 ? 111  ARG B NH1 1 
ATOM   1596 N NH2 . ARG B 1 113 ? 17.446  3.463   8.219   1.00 52.19 ? 111  ARG B NH2 1 
ATOM   1597 N N   . GLU B 1 114 ? 16.829  -3.404  9.543   1.00 46.30 ? 112  GLU B N   1 
ATOM   1598 C CA  . GLU B 1 114 ? 16.630  -3.555  10.968  1.00 46.38 ? 112  GLU B CA  1 
ATOM   1599 C C   . GLU B 1 114 ? 16.297  -2.213  11.596  1.00 46.67 ? 112  GLU B C   1 
ATOM   1600 O O   . GLU B 1 114 ? 16.821  -1.173  11.187  1.00 46.98 ? 112  GLU B O   1 
ATOM   1601 C CB  . GLU B 1 114 ? 17.871  -4.124  11.637  1.00 46.27 ? 112  GLU B CB  1 
ATOM   1602 C CG  . GLU B 1 114 ? 17.581  -4.658  13.025  1.00 46.12 ? 112  GLU B CG  1 
ATOM   1603 C CD  . GLU B 1 114 ? 18.821  -4.816  13.865  1.00 45.92 ? 112  GLU B CD  1 
ATOM   1604 O OE1 . GLU B 1 114 ? 19.468  -3.799  14.199  1.00 45.83 ? 112  GLU B OE1 1 
ATOM   1605 O OE2 . GLU B 1 114 ? 19.138  -5.968  14.208  1.00 45.99 ? 112  GLU B OE2 1 
ATOM   1606 N N   . VAL B 1 115 ? 15.418  -2.254  12.592  1.00 46.80 ? 113  VAL B N   1 
ATOM   1607 C CA  . VAL B 1 115 ? 15.077  -1.088  13.387  1.00 46.81 ? 113  VAL B CA  1 
ATOM   1608 C C   . VAL B 1 115 ? 15.322  -1.480  14.831  1.00 46.84 ? 113  VAL B C   1 
ATOM   1609 O O   . VAL B 1 115 ? 14.559  -2.267  15.397  1.00 47.11 ? 113  VAL B O   1 
ATOM   1610 C CB  . VAL B 1 115 ? 13.600  -0.678  13.175  1.00 46.74 ? 113  VAL B CB  1 
ATOM   1611 C CG1 . VAL B 1 115 ? 13.203  0.472   14.108  1.00 46.87 ? 113  VAL B CG1 1 
ATOM   1612 C CG2 . VAL B 1 115 ? 13.353  -0.296  11.727  1.00 46.86 ? 113  VAL B CG2 1 
ATOM   1613 N N   . LYS B 1 116 ? 16.407  -0.958  15.409  1.00 46.88 ? 114  LYS B N   1 
ATOM   1614 C CA  . LYS B 1 116 ? 16.724  -1.183  16.817  1.00 46.70 ? 114  LYS B CA  1 
ATOM   1615 C C   . LYS B 1 116 ? 15.790  -0.335  17.670  1.00 46.68 ? 114  LYS B C   1 
ATOM   1616 O O   . LYS B 1 116 ? 15.460  0.789   17.301  1.00 46.61 ? 114  LYS B O   1 
ATOM   1617 C CB  . LYS B 1 116 ? 18.186  -0.839  17.108  1.00 46.78 ? 114  LYS B CB  1 
ATOM   1618 N N   . VAL B 1 117 ? 15.365  -0.882  18.803  1.00 46.79 ? 115  VAL B N   1 
ATOM   1619 C CA  . VAL B 1 117 ? 14.368  -0.239  19.653  1.00 46.68 ? 115  VAL B CA  1 
ATOM   1620 C C   . VAL B 1 117 ? 15.006  0.124   20.977  1.00 46.41 ? 115  VAL B C   1 
ATOM   1621 O O   . VAL B 1 117 ? 15.216  -0.745  21.806  1.00 46.49 ? 115  VAL B O   1 
ATOM   1622 C CB  . VAL B 1 117 ? 13.158  -1.180  19.892  1.00 46.68 ? 115  VAL B CB  1 
ATOM   1623 C CG1 . VAL B 1 117 ? 12.168  -0.573  20.889  1.00 46.69 ? 115  VAL B CG1 1 
ATOM   1624 C CG2 . VAL B 1 117 ? 12.463  -1.485  18.570  1.00 46.66 ? 115  VAL B CG2 1 
HETATM 1625 P P   . PO4 C 2 .   ? -7.755  -9.125  -0.147  0.50 49.94 ? 1001 PO4 A P   1 
HETATM 1626 O O1  . PO4 C 2 .   ? -7.201  -8.356  -1.317  0.50 49.63 ? 1001 PO4 A O1  1 
HETATM 1627 O O2  . PO4 C 2 .   ? -8.838  -8.351  0.572   0.50 49.83 ? 1001 PO4 A O2  1 
HETATM 1628 O O3  . PO4 C 2 .   ? -8.356  -10.423 -0.638  0.50 50.96 ? 1001 PO4 A O3  1 
HETATM 1629 O O4  . PO4 C 2 .   ? -6.600  -9.418  0.765   0.50 49.60 ? 1001 PO4 A O4  1 
HETATM 1630 O O   . HOH D 3 .   ? -11.882 8.069   -13.273 1.00 42.25 ? 1002 HOH A O   1 
HETATM 1631 O O   . HOH D 3 .   ? -7.502  17.824  -7.849  1.00 36.98 ? 1003 HOH A O   1 
HETATM 1632 O O   . HOH D 3 .   ? -9.975  -4.959  4.840   1.00 42.67 ? 1004 HOH A O   1 
HETATM 1633 O O   . HOH D 3 .   ? -6.886  3.110   -14.682 1.00 38.61 ? 1005 HOH A O   1 
HETATM 1634 O O   . HOH D 3 .   ? -7.439  -3.324  -11.352 1.00 36.80 ? 1006 HOH A O   1 
HETATM 1635 O O   . HOH D 3 .   ? -13.720 10.462  -14.442 1.00 50.26 ? 1007 HOH A O   1 
HETATM 1636 O O   . HOH D 3 .   ? -12.750 -3.835  -7.747  1.00 37.53 ? 1008 HOH A O   1 
HETATM 1637 O O   . HOH D 3 .   ? -0.072  20.472  -12.654 1.00 38.68 ? 1009 HOH A O   1 
HETATM 1638 O O   . HOH D 3 .   ? -4.757  1.153   9.510   1.00 42.65 ? 1010 HOH A O   1 
HETATM 1639 O O   . HOH D 3 .   ? -2.905  22.537  -7.467  1.00 34.66 ? 1011 HOH A O   1 
HETATM 1640 O O   . HOH D 3 .   ? -10.073 -2.946  -12.038 1.00 41.94 ? 1012 HOH A O   1 
HETATM 1641 O O   . HOH D 3 .   ? -9.690  27.575  -8.557  1.00 54.43 ? 1013 HOH A O   1 
HETATM 1642 O O   . HOH D 3 .   ? -3.869  -5.598  -1.167  1.00 46.52 ? 1014 HOH A O   1 
HETATM 1643 O O   . HOH D 3 .   ? -4.780  -0.373  -17.400 1.00 41.51 ? 1015 HOH A O   1 
HETATM 1644 O O   . HOH D 3 .   ? -15.909 13.659  -1.245  1.00 36.58 ? 1016 HOH A O   1 
HETATM 1645 O O   . HOH D 3 .   ? 0.799   19.014  -15.313 1.00 44.17 ? 1017 HOH A O   1 
HETATM 1646 O O   . HOH D 3 .   ? -8.006  3.883   -19.963 1.00 36.89 ? 1018 HOH A O   1 
HETATM 1647 O O   . HOH D 3 .   ? -14.852 1.420   -15.758 1.00 51.71 ? 1019 HOH A O   1 
HETATM 1648 O O   . HOH D 3 .   ? -0.975  20.879  -6.147  1.00 45.27 ? 1020 HOH A O   1 
HETATM 1649 O O   . HOH D 3 .   ? -0.587  6.229   -15.245 1.00 48.34 ? 1021 HOH A O   1 
HETATM 1650 O O   . HOH D 3 .   ? 5.048   14.218  -16.530 1.00 51.10 ? 1022 HOH A O   1 
HETATM 1651 O O   . HOH D 3 .   ? -18.484 9.588   7.623   1.00 50.09 ? 1023 HOH A O   1 
HETATM 1652 O O   . HOH D 3 .   ? -12.854 17.476  -6.653  1.00 46.82 ? 1024 HOH A O   1 
HETATM 1653 O O   . HOH D 3 .   ? -15.541 9.180   9.019   1.00 45.61 ? 1025 HOH A O   1 
HETATM 1654 O O   . HOH D 3 .   ? -13.576 -0.656  -17.902 1.00 43.34 ? 1026 HOH A O   1 
HETATM 1655 O O   . HOH D 3 .   ? -9.894  20.019  -9.831  1.00 47.78 ? 1027 HOH A O   1 
HETATM 1656 O O   . HOH D 3 .   ? 5.148   8.299   -6.287  0.60 30.70 ? 1028 HOH A O   1 
HETATM 1657 O O   . HOH D 3 .   ? 2.853   11.280  -5.328  0.60 51.40 ? 1029 HOH A O   1 
HETATM 1658 O O   . HOH D 3 .   ? -13.699 14.154  9.457   1.00 51.75 ? 1030 HOH A O   1 
HETATM 1659 O O   . HOH E 3 .   ? 3.272   0.619   -10.015 1.00 27.40 ? 123  HOH B O   1 
HETATM 1660 O O   . HOH E 3 .   ? -1.251  -5.245  -10.706 1.00 40.45 ? 124  HOH B O   1 
HETATM 1661 O O   . HOH E 3 .   ? 6.824   1.998   -11.248 1.00 34.49 ? 125  HOH B O   1 
HETATM 1662 O O   . HOH E 3 .   ? 2.817   -1.905  -17.971 0.50 46.44 ? 126  HOH B O   1 
HETATM 1663 O O   . HOH E 3 .   ? 17.602  -22.191 22.963  1.00 50.01 ? 127  HOH B O   1 
HETATM 1664 O O   . HOH E 3 .   ? 4.635   -6.739  -14.135 1.00 45.01 ? 128  HOH B O   1 
HETATM 1665 O O   . HOH E 3 .   ? -2.925  -8.069  -1.119  1.00 54.36 ? 129  HOH B O   1 
HETATM 1666 O O   . HOH E 3 .   ? -1.242  -7.107  -7.993  1.00 49.93 ? 130  HOH B O   1 
HETATM 1667 O O   . HOH E 3 .   ? 0.111   -12.847 8.694   1.00 50.94 ? 131  HOH B O   1 
HETATM 1668 O O   . HOH E 3 .   ? 3.663   7.280   0.894   1.00 46.36 ? 132  HOH B O   1 
# 
